data_2CYM
# 
_entry.id   2CYM 
# 
_audit_conform.dict_name       mmcif_pdbx.dic 
_audit_conform.dict_version    5.387 
_audit_conform.dict_location   http://mmcif.pdb.org/dictionaries/ascii/mmcif_pdbx.dic 
# 
loop_
_database_2.database_id 
_database_2.database_code 
_database_2.pdbx_database_accession 
_database_2.pdbx_DOI 
PDB   2CYM         pdb_00002cym 10.2210/pdb2cym/pdb 
WWPDB D_1000177970 ?            ?                   
# 
loop_
_pdbx_audit_revision_history.ordinal 
_pdbx_audit_revision_history.data_content_type 
_pdbx_audit_revision_history.major_revision 
_pdbx_audit_revision_history.minor_revision 
_pdbx_audit_revision_history.revision_date 
1 'Structure model' 1 0 1994-04-30 
2 'Structure model' 1 1 2008-03-24 
3 'Structure model' 1 2 2011-07-13 
4 'Structure model' 1 3 2024-02-14 
# 
_pdbx_audit_revision_details.ordinal             1 
_pdbx_audit_revision_details.revision_ordinal    1 
_pdbx_audit_revision_details.data_content_type   'Structure model' 
_pdbx_audit_revision_details.provider            repository 
_pdbx_audit_revision_details.type                'Initial release' 
_pdbx_audit_revision_details.description         ? 
_pdbx_audit_revision_details.details             ? 
# 
loop_
_pdbx_audit_revision_group.ordinal 
_pdbx_audit_revision_group.revision_ordinal 
_pdbx_audit_revision_group.data_content_type 
_pdbx_audit_revision_group.group 
1 2 'Structure model' 'Version format compliance' 
2 3 'Structure model' 'Version format compliance' 
3 4 'Structure model' 'Data collection'           
4 4 'Structure model' 'Database references'       
5 4 'Structure model' 'Derived calculations'      
6 4 'Structure model' Other                       
# 
loop_
_pdbx_audit_revision_category.ordinal 
_pdbx_audit_revision_category.revision_ordinal 
_pdbx_audit_revision_category.data_content_type 
_pdbx_audit_revision_category.category 
1 4 'Structure model' chem_comp_atom         
2 4 'Structure model' chem_comp_bond         
3 4 'Structure model' database_2             
4 4 'Structure model' pdbx_database_status   
5 4 'Structure model' pdbx_struct_conn_angle 
6 4 'Structure model' struct_conn            
7 4 'Structure model' struct_site            
# 
loop_
_pdbx_audit_revision_item.ordinal 
_pdbx_audit_revision_item.revision_ordinal 
_pdbx_audit_revision_item.data_content_type 
_pdbx_audit_revision_item.item 
1  4 'Structure model' '_database_2.pdbx_DOI'                        
2  4 'Structure model' '_database_2.pdbx_database_accession'         
3  4 'Structure model' '_pdbx_database_status.process_site'          
4  4 'Structure model' '_pdbx_struct_conn_angle.ptnr1_auth_seq_id'   
5  4 'Structure model' '_pdbx_struct_conn_angle.ptnr1_label_asym_id' 
6  4 'Structure model' '_pdbx_struct_conn_angle.ptnr1_label_seq_id'  
7  4 'Structure model' '_pdbx_struct_conn_angle.ptnr2_auth_seq_id'   
8  4 'Structure model' '_pdbx_struct_conn_angle.ptnr2_label_asym_id' 
9  4 'Structure model' '_pdbx_struct_conn_angle.ptnr3_auth_seq_id'   
10 4 'Structure model' '_pdbx_struct_conn_angle.ptnr3_label_asym_id' 
11 4 'Structure model' '_pdbx_struct_conn_angle.ptnr3_label_seq_id'  
12 4 'Structure model' '_pdbx_struct_conn_angle.value'               
13 4 'Structure model' '_struct_conn.pdbx_dist_value'                
14 4 'Structure model' '_struct_conn.ptnr1_auth_comp_id'             
15 4 'Structure model' '_struct_conn.ptnr1_auth_seq_id'              
16 4 'Structure model' '_struct_conn.ptnr1_label_asym_id'            
17 4 'Structure model' '_struct_conn.ptnr1_label_atom_id'            
18 4 'Structure model' '_struct_conn.ptnr1_label_comp_id'            
19 4 'Structure model' '_struct_conn.ptnr1_label_seq_id'             
20 4 'Structure model' '_struct_conn.ptnr2_auth_comp_id'             
21 4 'Structure model' '_struct_conn.ptnr2_auth_seq_id'              
22 4 'Structure model' '_struct_conn.ptnr2_label_asym_id'            
23 4 'Structure model' '_struct_conn.ptnr2_label_atom_id'            
24 4 'Structure model' '_struct_conn.ptnr2_label_comp_id'            
25 4 'Structure model' '_struct_conn.ptnr2_label_seq_id'             
26 4 'Structure model' '_struct_site.pdbx_auth_asym_id'              
27 4 'Structure model' '_struct_site.pdbx_auth_comp_id'              
28 4 'Structure model' '_struct_site.pdbx_auth_seq_id'               
# 
_pdbx_database_status.status_code                     REL 
_pdbx_database_status.entry_id                        2CYM 
_pdbx_database_status.recvd_initial_deposition_date   1993-09-29 
_pdbx_database_status.deposit_site                    ? 
_pdbx_database_status.process_site                    BNL 
_pdbx_database_status.SG_entry                        . 
_pdbx_database_status.pdb_format_compatible           Y 
_pdbx_database_status.status_code_mr                  ? 
_pdbx_database_status.status_code_sf                  ? 
_pdbx_database_status.status_code_cs                  ? 
_pdbx_database_status.status_code_nmr_data            ? 
_pdbx_database_status.methods_development_category    ? 
# 
loop_
_audit_author.name 
_audit_author.pdbx_ordinal 
'Morimoto, Y.' 1 
'Tani, T.'     2 
'Okumura, H.'  3 
'Higuchi, Y.'  4 
'Yasuoka, N.'  5 
# 
_citation.id                        primary 
_citation.title                     
;Effects of amino acid substitution on three-dimensional structure: an X-ray analysis of cytochrome c3 from Desulfovibrio vulgaris Hildenborough at 2 A resolution.
;
_citation.journal_abbrev            'J.Biochem.(Tokyo)' 
_citation.journal_volume            110 
_citation.page_first                532 
_citation.page_last                 540 
_citation.year                      1991 
_citation.journal_id_ASTM           JOBIAO 
_citation.country                   JA 
_citation.journal_id_ISSN           0021-924X 
_citation.journal_id_CSD            0418 
_citation.book_publisher            ? 
_citation.pdbx_database_id_PubMed   1663945 
_citation.pdbx_database_id_DOI      ? 
# 
loop_
_citation_author.citation_id 
_citation_author.name 
_citation_author.ordinal 
_citation_author.identifier_ORCID 
primary 'Morimoto, Y.' 1 ? 
primary 'Tani, T.'     2 ? 
primary 'Okumura, H.'  3 ? 
primary 'Higuchi, Y.'  4 ? 
primary 'Yasuoka, N.'  5 ? 
# 
loop_
_entity.id 
_entity.type 
_entity.src_method 
_entity.pdbx_description 
_entity.formula_weight 
_entity.pdbx_number_of_molecules 
_entity.pdbx_ec 
_entity.pdbx_mutation 
_entity.pdbx_fragment 
_entity.details 
1 polymer     man 'CYTOCHROME C3'                   11687.463 1  ? ? ? ? 
2 non-polymer syn 'PROTOPORPHYRIN IX CONTAINING FE' 616.487   4  ? ? ? ? 
3 water       nat water                             18.015    49 ? ? ? ? 
# 
_entity_poly.entity_id                      1 
_entity_poly.type                           'polypeptide(L)' 
_entity_poly.nstd_linkage                   no 
_entity_poly.nstd_monomer                   no 
_entity_poly.pdbx_seq_one_letter_code       
;APKAPADGLKMEATKQPVVFNHSTHKSVKCGDCHHPVNGKEDYRKCGTAGCHDSMDKKDKSAKGYYHVMHDKNTKFKSCV
GCHVEVAGADAAKKKDLTGCKKSKCHE
;
_entity_poly.pdbx_seq_one_letter_code_can   
;APKAPADGLKMEATKQPVVFNHSTHKSVKCGDCHHPVNGKEDYRKCGTAGCHDSMDKKDKSAKGYYHVMHDKNTKFKSCV
GCHVEVAGADAAKKKDLTGCKKSKCHE
;
_entity_poly.pdbx_strand_id                 A 
_entity_poly.pdbx_target_identifier         ? 
# 
loop_
_pdbx_entity_nonpoly.entity_id 
_pdbx_entity_nonpoly.name 
_pdbx_entity_nonpoly.comp_id 
2 'PROTOPORPHYRIN IX CONTAINING FE' HEM 
3 water                             HOH 
# 
loop_
_entity_poly_seq.entity_id 
_entity_poly_seq.num 
_entity_poly_seq.mon_id 
_entity_poly_seq.hetero 
1 1   ALA n 
1 2   PRO n 
1 3   LYS n 
1 4   ALA n 
1 5   PRO n 
1 6   ALA n 
1 7   ASP n 
1 8   GLY n 
1 9   LEU n 
1 10  LYS n 
1 11  MET n 
1 12  GLU n 
1 13  ALA n 
1 14  THR n 
1 15  LYS n 
1 16  GLN n 
1 17  PRO n 
1 18  VAL n 
1 19  VAL n 
1 20  PHE n 
1 21  ASN n 
1 22  HIS n 
1 23  SER n 
1 24  THR n 
1 25  HIS n 
1 26  LYS n 
1 27  SER n 
1 28  VAL n 
1 29  LYS n 
1 30  CYS n 
1 31  GLY n 
1 32  ASP n 
1 33  CYS n 
1 34  HIS n 
1 35  HIS n 
1 36  PRO n 
1 37  VAL n 
1 38  ASN n 
1 39  GLY n 
1 40  LYS n 
1 41  GLU n 
1 42  ASP n 
1 43  TYR n 
1 44  ARG n 
1 45  LYS n 
1 46  CYS n 
1 47  GLY n 
1 48  THR n 
1 49  ALA n 
1 50  GLY n 
1 51  CYS n 
1 52  HIS n 
1 53  ASP n 
1 54  SER n 
1 55  MET n 
1 56  ASP n 
1 57  LYS n 
1 58  LYS n 
1 59  ASP n 
1 60  LYS n 
1 61  SER n 
1 62  ALA n 
1 63  LYS n 
1 64  GLY n 
1 65  TYR n 
1 66  TYR n 
1 67  HIS n 
1 68  VAL n 
1 69  MET n 
1 70  HIS n 
1 71  ASP n 
1 72  LYS n 
1 73  ASN n 
1 74  THR n 
1 75  LYS n 
1 76  PHE n 
1 77  LYS n 
1 78  SER n 
1 79  CYS n 
1 80  VAL n 
1 81  GLY n 
1 82  CYS n 
1 83  HIS n 
1 84  VAL n 
1 85  GLU n 
1 86  VAL n 
1 87  ALA n 
1 88  GLY n 
1 89  ALA n 
1 90  ASP n 
1 91  ALA n 
1 92  ALA n 
1 93  LYS n 
1 94  LYS n 
1 95  LYS n 
1 96  ASP n 
1 97  LEU n 
1 98  THR n 
1 99  GLY n 
1 100 CYS n 
1 101 LYS n 
1 102 LYS n 
1 103 SER n 
1 104 LYS n 
1 105 CYS n 
1 106 HIS n 
1 107 GLU n 
# 
_entity_src_gen.entity_id                          1 
_entity_src_gen.pdbx_src_id                        1 
_entity_src_gen.pdbx_alt_source_flag               sample 
_entity_src_gen.pdbx_seq_type                      ? 
_entity_src_gen.pdbx_beg_seq_num                   ? 
_entity_src_gen.pdbx_end_seq_num                   ? 
_entity_src_gen.gene_src_common_name               ? 
_entity_src_gen.gene_src_genus                     Desulfovibrio 
_entity_src_gen.pdbx_gene_src_gene                 ? 
_entity_src_gen.gene_src_species                   ? 
_entity_src_gen.gene_src_strain                    ? 
_entity_src_gen.gene_src_tissue                    ? 
_entity_src_gen.gene_src_tissue_fraction           ? 
_entity_src_gen.gene_src_details                   ? 
_entity_src_gen.pdbx_gene_src_fragment             ? 
_entity_src_gen.pdbx_gene_src_scientific_name      'Desulfovibrio vulgaris' 
_entity_src_gen.pdbx_gene_src_ncbi_taxonomy_id     881 
_entity_src_gen.pdbx_gene_src_variant              ? 
_entity_src_gen.pdbx_gene_src_cell_line            ? 
_entity_src_gen.pdbx_gene_src_atcc                 ? 
_entity_src_gen.pdbx_gene_src_organ                ? 
_entity_src_gen.pdbx_gene_src_organelle            ? 
_entity_src_gen.pdbx_gene_src_cell                 ? 
_entity_src_gen.pdbx_gene_src_cellular_location    ? 
_entity_src_gen.host_org_common_name               ? 
_entity_src_gen.pdbx_host_org_scientific_name      ? 
_entity_src_gen.pdbx_host_org_ncbi_taxonomy_id     ? 
_entity_src_gen.host_org_genus                     ? 
_entity_src_gen.pdbx_host_org_gene                 ? 
_entity_src_gen.pdbx_host_org_organ                ? 
_entity_src_gen.host_org_species                   ? 
_entity_src_gen.pdbx_host_org_tissue               ? 
_entity_src_gen.pdbx_host_org_tissue_fraction      ? 
_entity_src_gen.pdbx_host_org_strain               ? 
_entity_src_gen.pdbx_host_org_variant              ? 
_entity_src_gen.pdbx_host_org_cell_line            ? 
_entity_src_gen.pdbx_host_org_atcc                 ? 
_entity_src_gen.pdbx_host_org_culture_collection   ? 
_entity_src_gen.pdbx_host_org_cell                 ? 
_entity_src_gen.pdbx_host_org_organelle            ? 
_entity_src_gen.pdbx_host_org_cellular_location    ? 
_entity_src_gen.pdbx_host_org_vector_type          ? 
_entity_src_gen.pdbx_host_org_vector               ? 
_entity_src_gen.host_org_details                   ? 
_entity_src_gen.expression_system_id               ? 
_entity_src_gen.plasmid_name                       ? 
_entity_src_gen.plasmid_details                    ? 
_entity_src_gen.pdbx_description                   ? 
# 
loop_
_chem_comp.id 
_chem_comp.type 
_chem_comp.mon_nstd_flag 
_chem_comp.name 
_chem_comp.pdbx_synonyms 
_chem_comp.formula 
_chem_comp.formula_weight 
ALA 'L-peptide linking' y ALANINE                           ?    'C3 H7 N O2'       89.093  
ARG 'L-peptide linking' y ARGININE                          ?    'C6 H15 N4 O2 1'   175.209 
ASN 'L-peptide linking' y ASPARAGINE                        ?    'C4 H8 N2 O3'      132.118 
ASP 'L-peptide linking' y 'ASPARTIC ACID'                   ?    'C4 H7 N O4'       133.103 
CYS 'L-peptide linking' y CYSTEINE                          ?    'C3 H7 N O2 S'     121.158 
GLN 'L-peptide linking' y GLUTAMINE                         ?    'C5 H10 N2 O3'     146.144 
GLU 'L-peptide linking' y 'GLUTAMIC ACID'                   ?    'C5 H9 N O4'       147.129 
GLY 'peptide linking'   y GLYCINE                           ?    'C2 H5 N O2'       75.067  
HEM non-polymer         . 'PROTOPORPHYRIN IX CONTAINING FE' HEME 'C34 H32 Fe N4 O4' 616.487 
HIS 'L-peptide linking' y HISTIDINE                         ?    'C6 H10 N3 O2 1'   156.162 
HOH non-polymer         . WATER                             ?    'H2 O'             18.015  
LEU 'L-peptide linking' y LEUCINE                           ?    'C6 H13 N O2'      131.173 
LYS 'L-peptide linking' y LYSINE                            ?    'C6 H15 N2 O2 1'   147.195 
MET 'L-peptide linking' y METHIONINE                        ?    'C5 H11 N O2 S'    149.211 
PHE 'L-peptide linking' y PHENYLALANINE                     ?    'C9 H11 N O2'      165.189 
PRO 'L-peptide linking' y PROLINE                           ?    'C5 H9 N O2'       115.130 
SER 'L-peptide linking' y SERINE                            ?    'C3 H7 N O3'       105.093 
THR 'L-peptide linking' y THREONINE                         ?    'C4 H9 N O3'       119.119 
TYR 'L-peptide linking' y TYROSINE                          ?    'C9 H11 N O3'      181.189 
VAL 'L-peptide linking' y VALINE                            ?    'C5 H11 N O2'      117.146 
# 
loop_
_pdbx_poly_seq_scheme.asym_id 
_pdbx_poly_seq_scheme.entity_id 
_pdbx_poly_seq_scheme.seq_id 
_pdbx_poly_seq_scheme.mon_id 
_pdbx_poly_seq_scheme.ndb_seq_num 
_pdbx_poly_seq_scheme.pdb_seq_num 
_pdbx_poly_seq_scheme.auth_seq_num 
_pdbx_poly_seq_scheme.pdb_mon_id 
_pdbx_poly_seq_scheme.auth_mon_id 
_pdbx_poly_seq_scheme.pdb_strand_id 
_pdbx_poly_seq_scheme.pdb_ins_code 
_pdbx_poly_seq_scheme.hetero 
A 1 1   ALA 1   1   1   ALA ALA A . n 
A 1 2   PRO 2   2   2   PRO PRO A . n 
A 1 3   LYS 3   3   3   LYS LYS A . n 
A 1 4   ALA 4   4   4   ALA ALA A . n 
A 1 5   PRO 5   5   5   PRO PRO A . n 
A 1 6   ALA 6   6   6   ALA ALA A . n 
A 1 7   ASP 7   7   7   ASP ASP A . n 
A 1 8   GLY 8   8   8   GLY GLY A . n 
A 1 9   LEU 9   9   9   LEU LEU A . n 
A 1 10  LYS 10  10  10  LYS LYS A . n 
A 1 11  MET 11  11  11  MET MET A . n 
A 1 12  GLU 12  12  12  GLU GLU A . n 
A 1 13  ALA 13  13  13  ALA ALA A . n 
A 1 14  THR 14  14  14  THR THR A . n 
A 1 15  LYS 15  15  15  LYS LYS A . n 
A 1 16  GLN 16  16  16  GLN GLN A . n 
A 1 17  PRO 17  17  17  PRO PRO A . n 
A 1 18  VAL 18  18  18  VAL VAL A . n 
A 1 19  VAL 19  19  19  VAL VAL A . n 
A 1 20  PHE 20  20  20  PHE PHE A . n 
A 1 21  ASN 21  21  21  ASN ASN A . n 
A 1 22  HIS 22  22  22  HIS HIS A . n 
A 1 23  SER 23  23  23  SER SER A . n 
A 1 24  THR 24  24  24  THR THR A . n 
A 1 25  HIS 25  25  25  HIS HIS A . n 
A 1 26  LYS 26  26  26  LYS LYS A . n 
A 1 27  SER 27  27  27  SER SER A . n 
A 1 28  VAL 28  28  28  VAL VAL A . n 
A 1 29  LYS 29  29  29  LYS LYS A . n 
A 1 30  CYS 30  30  30  CYS CYS A . n 
A 1 31  GLY 31  31  31  GLY GLY A . n 
A 1 32  ASP 32  32  32  ASP ASP A . n 
A 1 33  CYS 33  33  33  CYS CYS A . n 
A 1 34  HIS 34  34  34  HIS HIS A . n 
A 1 35  HIS 35  35  35  HIS HIS A . n 
A 1 36  PRO 36  36  36  PRO PRO A . n 
A 1 37  VAL 37  37  37  VAL VAL A . n 
A 1 38  ASN 38  38  38  ASN ASN A . n 
A 1 39  GLY 39  39  39  GLY GLY A . n 
A 1 40  LYS 40  40  40  LYS LYS A . n 
A 1 41  GLU 41  41  41  GLU GLU A . n 
A 1 42  ASP 42  42  42  ASP ASP A . n 
A 1 43  TYR 43  43  43  TYR TYR A . n 
A 1 44  ARG 44  44  44  ARG ARG A . n 
A 1 45  LYS 45  45  45  LYS LYS A . n 
A 1 46  CYS 46  46  46  CYS CYS A . n 
A 1 47  GLY 47  47  47  GLY GLY A . n 
A 1 48  THR 48  48  48  THR THR A . n 
A 1 49  ALA 49  49  49  ALA ALA A . n 
A 1 50  GLY 50  50  50  GLY GLY A . n 
A 1 51  CYS 51  51  51  CYS CYS A . n 
A 1 52  HIS 52  52  52  HIS HIS A . n 
A 1 53  ASP 53  53  53  ASP ASP A . n 
A 1 54  SER 54  54  54  SER SER A . n 
A 1 55  MET 55  55  55  MET MET A . n 
A 1 56  ASP 56  56  56  ASP ASP A . n 
A 1 57  LYS 57  57  57  LYS LYS A . n 
A 1 58  LYS 58  58  58  LYS LYS A . n 
A 1 59  ASP 59  59  59  ASP ASP A . n 
A 1 60  LYS 60  60  60  LYS LYS A . n 
A 1 61  SER 61  61  61  SER SER A . n 
A 1 62  ALA 62  62  62  ALA ALA A . n 
A 1 63  LYS 63  63  63  LYS LYS A . n 
A 1 64  GLY 64  64  64  GLY GLY A . n 
A 1 65  TYR 65  65  65  TYR TYR A . n 
A 1 66  TYR 66  66  66  TYR TYR A . n 
A 1 67  HIS 67  67  67  HIS HIS A . n 
A 1 68  VAL 68  68  68  VAL VAL A . n 
A 1 69  MET 69  69  69  MET MET A . n 
A 1 70  HIS 70  70  70  HIS HIS A . n 
A 1 71  ASP 71  71  71  ASP ASP A . n 
A 1 72  LYS 72  72  72  LYS LYS A . n 
A 1 73  ASN 73  73  73  ASN ASN A . n 
A 1 74  THR 74  74  74  THR THR A . n 
A 1 75  LYS 75  75  75  LYS LYS A . n 
A 1 76  PHE 76  76  76  PHE PHE A . n 
A 1 77  LYS 77  77  77  LYS LYS A . n 
A 1 78  SER 78  78  78  SER SER A . n 
A 1 79  CYS 79  79  79  CYS CYS A . n 
A 1 80  VAL 80  80  80  VAL VAL A . n 
A 1 81  GLY 81  81  81  GLY GLY A . n 
A 1 82  CYS 82  82  82  CYS CYS A . n 
A 1 83  HIS 83  83  83  HIS HIS A . n 
A 1 84  VAL 84  84  84  VAL VAL A . n 
A 1 85  GLU 85  85  85  GLU GLU A . n 
A 1 86  VAL 86  86  86  VAL VAL A . n 
A 1 87  ALA 87  87  87  ALA ALA A . n 
A 1 88  GLY 88  88  88  GLY GLY A . n 
A 1 89  ALA 89  89  89  ALA ALA A . n 
A 1 90  ASP 90  90  90  ASP ASP A . n 
A 1 91  ALA 91  91  91  ALA ALA A . n 
A 1 92  ALA 92  92  92  ALA ALA A . n 
A 1 93  LYS 93  93  93  LYS LYS A . n 
A 1 94  LYS 94  94  94  LYS LYS A . n 
A 1 95  LYS 95  95  95  LYS LYS A . n 
A 1 96  ASP 96  96  96  ASP ASP A . n 
A 1 97  LEU 97  97  97  LEU LEU A . n 
A 1 98  THR 98  98  98  THR THR A . n 
A 1 99  GLY 99  99  99  GLY GLY A . n 
A 1 100 CYS 100 100 100 CYS CYS A . n 
A 1 101 LYS 101 101 101 LYS LYS A . n 
A 1 102 LYS 102 102 102 LYS LYS A . n 
A 1 103 SER 103 103 103 SER SER A . n 
A 1 104 LYS 104 104 104 LYS LYS A . n 
A 1 105 CYS 105 105 105 CYS CYS A . n 
A 1 106 HIS 106 106 106 HIS HIS A . n 
A 1 107 GLU 107 107 107 GLU GLU A . n 
# 
loop_
_pdbx_nonpoly_scheme.asym_id 
_pdbx_nonpoly_scheme.entity_id 
_pdbx_nonpoly_scheme.mon_id 
_pdbx_nonpoly_scheme.ndb_seq_num 
_pdbx_nonpoly_scheme.pdb_seq_num 
_pdbx_nonpoly_scheme.auth_seq_num 
_pdbx_nonpoly_scheme.pdb_mon_id 
_pdbx_nonpoly_scheme.auth_mon_id 
_pdbx_nonpoly_scheme.pdb_strand_id 
_pdbx_nonpoly_scheme.pdb_ins_code 
B 2 HEM 1  108 108 HEM HEM A . 
C 2 HEM 1  109 109 HEM HEM A . 
D 2 HEM 1  110 110 HEM HEM A . 
E 2 HEM 1  111 111 HEM HEM A . 
F 3 HOH 1  112 112 HOH HOH A . 
F 3 HOH 2  113 113 HOH HOH A . 
F 3 HOH 3  114 114 HOH HOH A . 
F 3 HOH 4  115 115 HOH HOH A . 
F 3 HOH 5  116 116 HOH HOH A . 
F 3 HOH 6  117 117 HOH HOH A . 
F 3 HOH 7  118 118 HOH HOH A . 
F 3 HOH 8  119 119 HOH HOH A . 
F 3 HOH 9  120 120 HOH HOH A . 
F 3 HOH 10 121 121 HOH HOH A . 
F 3 HOH 11 122 122 HOH HOH A . 
F 3 HOH 12 123 123 HOH HOH A . 
F 3 HOH 13 124 124 HOH HOH A . 
F 3 HOH 14 125 125 HOH HOH A . 
F 3 HOH 15 126 126 HOH HOH A . 
F 3 HOH 16 127 127 HOH HOH A . 
F 3 HOH 17 128 128 HOH HOH A . 
F 3 HOH 18 129 129 HOH HOH A . 
F 3 HOH 19 130 130 HOH HOH A . 
F 3 HOH 20 131 131 HOH HOH A . 
F 3 HOH 21 132 132 HOH HOH A . 
F 3 HOH 22 133 133 HOH HOH A . 
F 3 HOH 23 134 134 HOH HOH A . 
F 3 HOH 24 135 135 HOH HOH A . 
F 3 HOH 25 136 136 HOH HOH A . 
F 3 HOH 26 137 137 HOH HOH A . 
F 3 HOH 27 138 138 HOH HOH A . 
F 3 HOH 28 139 139 HOH HOH A . 
F 3 HOH 29 140 140 HOH HOH A . 
F 3 HOH 30 141 141 HOH HOH A . 
F 3 HOH 31 142 142 HOH HOH A . 
F 3 HOH 32 143 143 HOH HOH A . 
F 3 HOH 33 144 144 HOH HOH A . 
F 3 HOH 34 145 145 HOH HOH A . 
F 3 HOH 35 146 146 HOH HOH A . 
F 3 HOH 36 147 147 HOH HOH A . 
F 3 HOH 37 148 148 HOH HOH A . 
F 3 HOH 38 149 149 HOH HOH A . 
F 3 HOH 39 150 150 HOH HOH A . 
F 3 HOH 40 151 151 HOH HOH A . 
F 3 HOH 41 152 152 HOH HOH A . 
F 3 HOH 42 153 153 HOH HOH A . 
F 3 HOH 43 154 154 HOH HOH A . 
F 3 HOH 44 155 155 HOH HOH A . 
F 3 HOH 45 156 156 HOH HOH A . 
F 3 HOH 46 157 157 HOH HOH A . 
F 3 HOH 47 158 158 HOH HOH A . 
F 3 HOH 48 159 159 HOH HOH A . 
F 3 HOH 49 160 160 HOH HOH A . 
# 
loop_
_software.name 
_software.classification 
_software.version 
_software.citation_id 
_software.pdbx_ordinal 
X-PLOR 'model building' . ? 1 
PROLSQ refinement       . ? 2 
X-PLOR refinement       . ? 3 
X-PLOR phasing          . ? 4 
# 
_cell.entry_id           2CYM 
_cell.length_a           43.170 
_cell.length_b           62.910 
_cell.length_c           41.170 
_cell.angle_alpha        90.00 
_cell.angle_beta         90.00 
_cell.angle_gamma        90.00 
_cell.Z_PDB              4 
_cell.pdbx_unique_axis   ? 
# 
_symmetry.entry_id                         2CYM 
_symmetry.space_group_name_H-M             'P 21 21 21' 
_symmetry.pdbx_full_space_group_name_H-M   ? 
_symmetry.cell_setting                     ? 
_symmetry.Int_Tables_number                19 
# 
_exptl.entry_id          2CYM 
_exptl.method            'X-RAY DIFFRACTION' 
_exptl.crystals_number   ? 
# 
_exptl_crystal.id                    1 
_exptl_crystal.density_meas          ? 
_exptl_crystal.density_Matthews      2.39 
_exptl_crystal.density_percent_sol   48.55 
_exptl_crystal.description           ? 
# 
_refine.entry_id                                 2CYM 
_refine.ls_number_reflns_obs                     ? 
_refine.ls_number_reflns_all                     ? 
_refine.pdbx_ls_sigma_I                          ? 
_refine.pdbx_ls_sigma_F                          ? 
_refine.pdbx_data_cutoff_high_absF               ? 
_refine.pdbx_data_cutoff_low_absF                ? 
_refine.pdbx_data_cutoff_high_rms_absF           ? 
_refine.ls_d_res_low                             ? 
_refine.ls_d_res_high                            2.0 
_refine.ls_percent_reflns_obs                    ? 
_refine.ls_R_factor_obs                          0.2120000 
_refine.ls_R_factor_all                          ? 
_refine.ls_R_factor_R_work                       ? 
_refine.ls_R_factor_R_free                       ? 
_refine.ls_R_factor_R_free_error                 ? 
_refine.ls_R_factor_R_free_error_details         ? 
_refine.ls_percent_reflns_R_free                 ? 
_refine.ls_number_reflns_R_free                  ? 
_refine.ls_number_parameters                     ? 
_refine.ls_number_restraints                     ? 
_refine.occupancy_min                            ? 
_refine.occupancy_max                            ? 
_refine.B_iso_mean                               ? 
_refine.aniso_B[1][1]                            ? 
_refine.aniso_B[2][2]                            ? 
_refine.aniso_B[3][3]                            ? 
_refine.aniso_B[1][2]                            ? 
_refine.aniso_B[1][3]                            ? 
_refine.aniso_B[2][3]                            ? 
_refine.solvent_model_details                    ? 
_refine.solvent_model_param_ksol                 ? 
_refine.solvent_model_param_bsol                 ? 
_refine.pdbx_ls_cross_valid_method               ? 
_refine.details                                  ? 
_refine.pdbx_starting_model                      ? 
_refine.pdbx_method_to_determine_struct          ? 
_refine.pdbx_isotropic_thermal_model             ? 
_refine.pdbx_stereochemistry_target_values       ? 
_refine.pdbx_stereochem_target_val_spec_case     ? 
_refine.pdbx_R_Free_selection_details            ? 
_refine.pdbx_overall_ESU_R                       ? 
_refine.pdbx_overall_ESU_R_Free                  ? 
_refine.overall_SU_ML                            ? 
_refine.overall_SU_B                             ? 
_refine.pdbx_refine_id                           'X-RAY DIFFRACTION' 
_refine.pdbx_diffrn_id                           1 
_refine.pdbx_TLS_residual_ADP_flag               ? 
_refine.correlation_coeff_Fo_to_Fc               ? 
_refine.correlation_coeff_Fo_to_Fc_free          ? 
_refine.pdbx_solvent_vdw_probe_radii             ? 
_refine.pdbx_solvent_ion_probe_radii             ? 
_refine.pdbx_solvent_shrinkage_radii             ? 
_refine.pdbx_overall_phase_error                 ? 
_refine.overall_SU_R_Cruickshank_DPI             ? 
_refine.pdbx_overall_SU_R_free_Cruickshank_DPI   ? 
_refine.pdbx_overall_SU_R_Blow_DPI               ? 
_refine.pdbx_overall_SU_R_free_Blow_DPI          ? 
# 
_refine_hist.pdbx_refine_id                   'X-RAY DIFFRACTION' 
_refine_hist.cycle_id                         LAST 
_refine_hist.pdbx_number_atoms_protein        810 
_refine_hist.pdbx_number_atoms_nucleic_acid   0 
_refine_hist.pdbx_number_atoms_ligand         172 
_refine_hist.number_atoms_solvent             49 
_refine_hist.number_atoms_total               1031 
_refine_hist.d_res_high                       2.0 
_refine_hist.d_res_low                        . 
# 
loop_
_refine_ls_restr.type 
_refine_ls_restr.dev_ideal 
_refine_ls_restr.dev_ideal_target 
_refine_ls_restr.weight 
_refine_ls_restr.number 
_refine_ls_restr.pdbx_refine_id 
_refine_ls_restr.pdbx_restraint_function 
p_bond_d            0.021 ? ? ? 'X-RAY DIFFRACTION' ? 
p_angle_d           ?     ? ? ? 'X-RAY DIFFRACTION' ? 
p_angle_deg         ?     ? ? ? 'X-RAY DIFFRACTION' ? 
p_planar_d          ?     ? ? ? 'X-RAY DIFFRACTION' ? 
p_hb_or_metal_coord ?     ? ? ? 'X-RAY DIFFRACTION' ? 
p_mcbond_it         ?     ? ? ? 'X-RAY DIFFRACTION' ? 
p_mcangle_it        ?     ? ? ? 'X-RAY DIFFRACTION' ? 
p_scbond_it         ?     ? ? ? 'X-RAY DIFFRACTION' ? 
p_scangle_it        ?     ? ? ? 'X-RAY DIFFRACTION' ? 
p_plane_restr       ?     ? ? ? 'X-RAY DIFFRACTION' ? 
p_chiral_restr      ?     ? ? ? 'X-RAY DIFFRACTION' ? 
p_singtor_nbd       ?     ? ? ? 'X-RAY DIFFRACTION' ? 
p_multtor_nbd       ?     ? ? ? 'X-RAY DIFFRACTION' ? 
p_xhyhbond_nbd      ?     ? ? ? 'X-RAY DIFFRACTION' ? 
p_xyhbond_nbd       ?     ? ? ? 'X-RAY DIFFRACTION' ? 
p_planar_tor        ?     ? ? ? 'X-RAY DIFFRACTION' ? 
p_staggered_tor     ?     ? ? ? 'X-RAY DIFFRACTION' ? 
p_orthonormal_tor   ?     ? ? ? 'X-RAY DIFFRACTION' ? 
p_transverse_tor    ?     ? ? ? 'X-RAY DIFFRACTION' ? 
p_special_tor       ?     ? ? ? 'X-RAY DIFFRACTION' ? 
# 
_struct.entry_id                  2CYM 
_struct.title                     
;EFFECTS OF AMINO ACID SUBSTITUTION ON THREE-DIMENSIONAL STRUCTURE: AN X-RAY ANALYSIS OF CYTOCHROME C3 FROM DESULFOVIBRIO VULGARIS HILDENBOROUGH AT 2 ANGSTROMS RESOLUTION
;
_struct.pdbx_model_details        ? 
_struct.pdbx_CASP_flag            ? 
_struct.pdbx_model_type_details   ? 
# 
_struct_keywords.entry_id        2CYM 
_struct_keywords.pdbx_keywords   'ELECTRON TRANSPORT' 
_struct_keywords.text            'ELECTRON TRANSPORT' 
# 
loop_
_struct_asym.id 
_struct_asym.pdbx_blank_PDB_chainid_flag 
_struct_asym.pdbx_modified 
_struct_asym.entity_id 
_struct_asym.details 
A N N 1 ? 
B N N 2 ? 
C N N 2 ? 
D N N 2 ? 
E N N 2 ? 
F N N 3 ? 
# 
_struct_ref.id                         1 
_struct_ref.db_name                    UNP 
_struct_ref.db_code                    CYC3_DESVH 
_struct_ref.entity_id                  1 
_struct_ref.pdbx_db_accession          P00131 
_struct_ref.pdbx_align_begin           1 
_struct_ref.pdbx_seq_one_letter_code   
;MRKLFFCGVLALAVAFALPVVAAPKAPADGLKMEATKQPVVFNHSTHKSVKCGDCHHPVNGKEDYRKCGTAGCHDSMDKK
DKSAKGYYHVMHDKNTKFKSCVGCHVEVAGADAAKKKDLTGCKKSKCHE
;
_struct_ref.pdbx_db_isoform            ? 
# 
_struct_ref_seq.align_id                      1 
_struct_ref_seq.ref_id                        1 
_struct_ref_seq.pdbx_PDB_id_code              2CYM 
_struct_ref_seq.pdbx_strand_id                A 
_struct_ref_seq.seq_align_beg                 1 
_struct_ref_seq.pdbx_seq_align_beg_ins_code   ? 
_struct_ref_seq.seq_align_end                 107 
_struct_ref_seq.pdbx_seq_align_end_ins_code   ? 
_struct_ref_seq.pdbx_db_accession             P00131 
_struct_ref_seq.db_align_beg                  23 
_struct_ref_seq.pdbx_db_align_beg_ins_code    ? 
_struct_ref_seq.db_align_end                  129 
_struct_ref_seq.pdbx_db_align_end_ins_code    ? 
_struct_ref_seq.pdbx_auth_seq_align_beg       1 
_struct_ref_seq.pdbx_auth_seq_align_end       107 
# 
_pdbx_struct_assembly.id                   1 
_pdbx_struct_assembly.details              author_defined_assembly 
_pdbx_struct_assembly.method_details       ? 
_pdbx_struct_assembly.oligomeric_details   monomeric 
_pdbx_struct_assembly.oligomeric_count     1 
# 
_pdbx_struct_assembly_gen.assembly_id       1 
_pdbx_struct_assembly_gen.oper_expression   1 
_pdbx_struct_assembly_gen.asym_id_list      A,B,C,D,E,F 
# 
_pdbx_struct_oper_list.id                   1 
_pdbx_struct_oper_list.type                 'identity operation' 
_pdbx_struct_oper_list.name                 1_555 
_pdbx_struct_oper_list.symmetry_operation   x,y,z 
_pdbx_struct_oper_list.matrix[1][1]         1.0000000000 
_pdbx_struct_oper_list.matrix[1][2]         0.0000000000 
_pdbx_struct_oper_list.matrix[1][3]         0.0000000000 
_pdbx_struct_oper_list.vector[1]            0.0000000000 
_pdbx_struct_oper_list.matrix[2][1]         0.0000000000 
_pdbx_struct_oper_list.matrix[2][2]         1.0000000000 
_pdbx_struct_oper_list.matrix[2][3]         0.0000000000 
_pdbx_struct_oper_list.vector[2]            0.0000000000 
_pdbx_struct_oper_list.matrix[3][1]         0.0000000000 
_pdbx_struct_oper_list.matrix[3][2]         0.0000000000 
_pdbx_struct_oper_list.matrix[3][3]         1.0000000000 
_pdbx_struct_oper_list.vector[3]            0.0000000000 
# 
_struct_biol.id   1 
# 
loop_
_struct_conf.conf_type_id 
_struct_conf.id 
_struct_conf.pdbx_PDB_helix_id 
_struct_conf.beg_label_comp_id 
_struct_conf.beg_label_asym_id 
_struct_conf.beg_label_seq_id 
_struct_conf.pdbx_beg_PDB_ins_code 
_struct_conf.end_label_comp_id 
_struct_conf.end_label_asym_id 
_struct_conf.end_label_seq_id 
_struct_conf.pdbx_end_PDB_ins_code 
_struct_conf.beg_auth_comp_id 
_struct_conf.beg_auth_asym_id 
_struct_conf.beg_auth_seq_id 
_struct_conf.end_auth_comp_id 
_struct_conf.end_auth_asym_id 
_struct_conf.end_auth_seq_id 
_struct_conf.pdbx_PDB_helix_class 
_struct_conf.details 
_struct_conf.pdbx_PDB_helix_length 
HELX_P HELX_P1 H1 TYR A 65 ? HIS A 70 ? TYR A 65 HIS A 70 1 ? 6 
HELX_P HELX_P2 H2 SER A 78 ? VAL A 84 ? SER A 78 VAL A 84 1 ? 7 
HELX_P HELX_P3 H3 LYS A 93 ? THR A 98 ? LYS A 93 THR A 98 1 ? 6 
# 
_struct_conf_type.id          HELX_P 
_struct_conf_type.criteria    ? 
_struct_conf_type.reference   ? 
# 
loop_
_struct_conn.id 
_struct_conn.conn_type_id 
_struct_conn.pdbx_leaving_atom_flag 
_struct_conn.pdbx_PDB_id 
_struct_conn.ptnr1_label_asym_id 
_struct_conn.ptnr1_label_comp_id 
_struct_conn.ptnr1_label_seq_id 
_struct_conn.ptnr1_label_atom_id 
_struct_conn.pdbx_ptnr1_label_alt_id 
_struct_conn.pdbx_ptnr1_PDB_ins_code 
_struct_conn.pdbx_ptnr1_standard_comp_id 
_struct_conn.ptnr1_symmetry 
_struct_conn.ptnr2_label_asym_id 
_struct_conn.ptnr2_label_comp_id 
_struct_conn.ptnr2_label_seq_id 
_struct_conn.ptnr2_label_atom_id 
_struct_conn.pdbx_ptnr2_label_alt_id 
_struct_conn.pdbx_ptnr2_PDB_ins_code 
_struct_conn.ptnr1_auth_asym_id 
_struct_conn.ptnr1_auth_comp_id 
_struct_conn.ptnr1_auth_seq_id 
_struct_conn.ptnr2_auth_asym_id 
_struct_conn.ptnr2_auth_comp_id 
_struct_conn.ptnr2_auth_seq_id 
_struct_conn.ptnr2_symmetry 
_struct_conn.pdbx_ptnr3_label_atom_id 
_struct_conn.pdbx_ptnr3_label_seq_id 
_struct_conn.pdbx_ptnr3_label_comp_id 
_struct_conn.pdbx_ptnr3_label_asym_id 
_struct_conn.pdbx_ptnr3_label_alt_id 
_struct_conn.pdbx_ptnr3_PDB_ins_code 
_struct_conn.details 
_struct_conn.pdbx_dist_value 
_struct_conn.pdbx_value_order 
_struct_conn.pdbx_role 
metalc1 metalc ? ? A HIS 22  NE2 ? ? ? 1_555 D HEM . FE ? ? A HIS 22  A HEM 110 1_555 ? ? ? ? ? ? ? 2.225 ? ? 
metalc2 metalc ? ? A HIS 25  NE2 ? ? ? 1_555 E HEM . FE ? ? A HIS 25  A HEM 111 1_555 ? ? ? ? ? ? ? 2.053 ? ? 
metalc3 metalc ? ? A HIS 34  NE2 ? ? ? 1_555 D HEM . FE ? ? A HIS 34  A HEM 110 1_555 ? ? ? ? ? ? ? 2.017 ? ? 
metalc4 metalc ? ? A HIS 35  NE2 ? ? ? 1_555 C HEM . FE ? ? A HIS 35  A HEM 109 1_555 ? ? ? ? ? ? ? 2.084 ? ? 
metalc5 metalc ? ? A HIS 52  NE2 ? ? ? 1_555 C HEM . FE ? ? A HIS 52  A HEM 109 1_555 ? ? ? ? ? ? ? 2.042 ? ? 
metalc6 metalc ? ? A HIS 70  NE2 ? ? ? 1_555 B HEM . FE ? ? A HIS 70  A HEM 108 1_555 ? ? ? ? ? ? ? 2.214 ? ? 
metalc7 metalc ? ? A HIS 83  NE2 ? ? ? 1_555 E HEM . FE ? ? A HIS 83  A HEM 111 1_555 ? ? ? ? ? ? ? 2.188 ? ? 
metalc8 metalc ? ? A HIS 106 NE2 ? ? ? 1_555 B HEM . FE ? ? A HIS 106 A HEM 108 1_555 ? ? ? ? ? ? ? 2.142 ? ? 
# 
_struct_conn_type.id          metalc 
_struct_conn_type.criteria    ? 
_struct_conn_type.reference   ? 
# 
loop_
_pdbx_struct_conn_angle.id 
_pdbx_struct_conn_angle.ptnr1_label_atom_id 
_pdbx_struct_conn_angle.ptnr1_label_alt_id 
_pdbx_struct_conn_angle.ptnr1_label_asym_id 
_pdbx_struct_conn_angle.ptnr1_label_comp_id 
_pdbx_struct_conn_angle.ptnr1_label_seq_id 
_pdbx_struct_conn_angle.ptnr1_auth_atom_id 
_pdbx_struct_conn_angle.ptnr1_auth_asym_id 
_pdbx_struct_conn_angle.ptnr1_auth_comp_id 
_pdbx_struct_conn_angle.ptnr1_auth_seq_id 
_pdbx_struct_conn_angle.ptnr1_PDB_ins_code 
_pdbx_struct_conn_angle.ptnr1_symmetry 
_pdbx_struct_conn_angle.ptnr2_label_atom_id 
_pdbx_struct_conn_angle.ptnr2_label_alt_id 
_pdbx_struct_conn_angle.ptnr2_label_asym_id 
_pdbx_struct_conn_angle.ptnr2_label_comp_id 
_pdbx_struct_conn_angle.ptnr2_label_seq_id 
_pdbx_struct_conn_angle.ptnr2_auth_atom_id 
_pdbx_struct_conn_angle.ptnr2_auth_asym_id 
_pdbx_struct_conn_angle.ptnr2_auth_comp_id 
_pdbx_struct_conn_angle.ptnr2_auth_seq_id 
_pdbx_struct_conn_angle.ptnr2_PDB_ins_code 
_pdbx_struct_conn_angle.ptnr2_symmetry 
_pdbx_struct_conn_angle.ptnr3_label_atom_id 
_pdbx_struct_conn_angle.ptnr3_label_alt_id 
_pdbx_struct_conn_angle.ptnr3_label_asym_id 
_pdbx_struct_conn_angle.ptnr3_label_comp_id 
_pdbx_struct_conn_angle.ptnr3_label_seq_id 
_pdbx_struct_conn_angle.ptnr3_auth_atom_id 
_pdbx_struct_conn_angle.ptnr3_auth_asym_id 
_pdbx_struct_conn_angle.ptnr3_auth_comp_id 
_pdbx_struct_conn_angle.ptnr3_auth_seq_id 
_pdbx_struct_conn_angle.ptnr3_PDB_ins_code 
_pdbx_struct_conn_angle.ptnr3_symmetry 
_pdbx_struct_conn_angle.value 
_pdbx_struct_conn_angle.value_esd 
1  NE2 ? A HIS 22 ? A HIS 22  ? 1_555 FE ? D HEM . ? A HEM 110 ? 1_555 NA  ? D HEM .   ? A HEM 110 ? 1_555 86.4  ? 
2  NE2 ? A HIS 22 ? A HIS 22  ? 1_555 FE ? D HEM . ? A HEM 110 ? 1_555 NB  ? D HEM .   ? A HEM 110 ? 1_555 87.6  ? 
3  NA  ? D HEM .  ? A HEM 110 ? 1_555 FE ? D HEM . ? A HEM 110 ? 1_555 NB  ? D HEM .   ? A HEM 110 ? 1_555 89.1  ? 
4  NE2 ? A HIS 22 ? A HIS 22  ? 1_555 FE ? D HEM . ? A HEM 110 ? 1_555 NC  ? D HEM .   ? A HEM 110 ? 1_555 86.8  ? 
5  NA  ? D HEM .  ? A HEM 110 ? 1_555 FE ? D HEM . ? A HEM 110 ? 1_555 NC  ? D HEM .   ? A HEM 110 ? 1_555 173.0 ? 
6  NB  ? D HEM .  ? A HEM 110 ? 1_555 FE ? D HEM . ? A HEM 110 ? 1_555 NC  ? D HEM .   ? A HEM 110 ? 1_555 89.2  ? 
7  NE2 ? A HIS 22 ? A HIS 22  ? 1_555 FE ? D HEM . ? A HEM 110 ? 1_555 ND  ? D HEM .   ? A HEM 110 ? 1_555 86.8  ? 
8  NA  ? D HEM .  ? A HEM 110 ? 1_555 FE ? D HEM . ? A HEM 110 ? 1_555 ND  ? D HEM .   ? A HEM 110 ? 1_555 91.4  ? 
9  NB  ? D HEM .  ? A HEM 110 ? 1_555 FE ? D HEM . ? A HEM 110 ? 1_555 ND  ? D HEM .   ? A HEM 110 ? 1_555 174.3 ? 
10 NC  ? D HEM .  ? A HEM 110 ? 1_555 FE ? D HEM . ? A HEM 110 ? 1_555 ND  ? D HEM .   ? A HEM 110 ? 1_555 89.6  ? 
11 NE2 ? A HIS 22 ? A HIS 22  ? 1_555 FE ? D HEM . ? A HEM 110 ? 1_555 NE2 ? A HIS 34  ? A HIS 34  ? 1_555 177.4 ? 
12 NA  ? D HEM .  ? A HEM 110 ? 1_555 FE ? D HEM . ? A HEM 110 ? 1_555 NE2 ? A HIS 34  ? A HIS 34  ? 1_555 95.5  ? 
13 NB  ? D HEM .  ? A HEM 110 ? 1_555 FE ? D HEM . ? A HEM 110 ? 1_555 NE2 ? A HIS 34  ? A HIS 34  ? 1_555 94.2  ? 
14 NC  ? D HEM .  ? A HEM 110 ? 1_555 FE ? D HEM . ? A HEM 110 ? 1_555 NE2 ? A HIS 34  ? A HIS 34  ? 1_555 91.3  ? 
15 ND  ? D HEM .  ? A HEM 110 ? 1_555 FE ? D HEM . ? A HEM 110 ? 1_555 NE2 ? A HIS 34  ? A HIS 34  ? 1_555 91.3  ? 
16 NE2 ? A HIS 25 ? A HIS 25  ? 1_555 FE ? E HEM . ? A HEM 111 ? 1_555 NA  ? E HEM .   ? A HEM 111 ? 1_555 91.3  ? 
17 NE2 ? A HIS 25 ? A HIS 25  ? 1_555 FE ? E HEM . ? A HEM 111 ? 1_555 NB  ? E HEM .   ? A HEM 111 ? 1_555 97.6  ? 
18 NA  ? E HEM .  ? A HEM 111 ? 1_555 FE ? E HEM . ? A HEM 111 ? 1_555 NB  ? E HEM .   ? A HEM 111 ? 1_555 88.7  ? 
19 NE2 ? A HIS 25 ? A HIS 25  ? 1_555 FE ? E HEM . ? A HEM 111 ? 1_555 NC  ? E HEM .   ? A HEM 111 ? 1_555 91.4  ? 
20 NA  ? E HEM .  ? A HEM 111 ? 1_555 FE ? E HEM . ? A HEM 111 ? 1_555 NC  ? E HEM .   ? A HEM 111 ? 1_555 177.2 ? 
21 NB  ? E HEM .  ? A HEM 111 ? 1_555 FE ? E HEM . ? A HEM 111 ? 1_555 NC  ? E HEM .   ? A HEM 111 ? 1_555 90.7  ? 
22 NE2 ? A HIS 25 ? A HIS 25  ? 1_555 FE ? E HEM . ? A HEM 111 ? 1_555 ND  ? E HEM .   ? A HEM 111 ? 1_555 86.8  ? 
23 NA  ? E HEM .  ? A HEM 111 ? 1_555 FE ? E HEM . ? A HEM 111 ? 1_555 ND  ? E HEM .   ? A HEM 111 ? 1_555 92.0  ? 
24 NB  ? E HEM .  ? A HEM 111 ? 1_555 FE ? E HEM . ? A HEM 111 ? 1_555 ND  ? E HEM .   ? A HEM 111 ? 1_555 175.6 ? 
25 NC  ? E HEM .  ? A HEM 111 ? 1_555 FE ? E HEM . ? A HEM 111 ? 1_555 ND  ? E HEM .   ? A HEM 111 ? 1_555 88.4  ? 
26 NE2 ? A HIS 25 ? A HIS 25  ? 1_555 FE ? E HEM . ? A HEM 111 ? 1_555 NE2 ? A HIS 83  ? A HIS 83  ? 1_555 171.8 ? 
27 NA  ? E HEM .  ? A HEM 111 ? 1_555 FE ? E HEM . ? A HEM 111 ? 1_555 NE2 ? A HIS 83  ? A HIS 83  ? 1_555 88.8  ? 
28 NB  ? E HEM .  ? A HEM 111 ? 1_555 FE ? E HEM . ? A HEM 111 ? 1_555 NE2 ? A HIS 83  ? A HIS 83  ? 1_555 90.6  ? 
29 NC  ? E HEM .  ? A HEM 111 ? 1_555 FE ? E HEM . ? A HEM 111 ? 1_555 NE2 ? A HIS 83  ? A HIS 83  ? 1_555 88.5  ? 
30 ND  ? E HEM .  ? A HEM 111 ? 1_555 FE ? E HEM . ? A HEM 111 ? 1_555 NE2 ? A HIS 83  ? A HIS 83  ? 1_555 85.0  ? 
31 NE2 ? A HIS 35 ? A HIS 35  ? 1_555 FE ? C HEM . ? A HEM 109 ? 1_555 NA  ? C HEM .   ? A HEM 109 ? 1_555 86.1  ? 
32 NE2 ? A HIS 35 ? A HIS 35  ? 1_555 FE ? C HEM . ? A HEM 109 ? 1_555 NB  ? C HEM .   ? A HEM 109 ? 1_555 85.8  ? 
33 NA  ? C HEM .  ? A HEM 109 ? 1_555 FE ? C HEM . ? A HEM 109 ? 1_555 NB  ? C HEM .   ? A HEM 109 ? 1_555 90.7  ? 
34 NE2 ? A HIS 35 ? A HIS 35  ? 1_555 FE ? C HEM . ? A HEM 109 ? 1_555 NC  ? C HEM .   ? A HEM 109 ? 1_555 88.3  ? 
35 NA  ? C HEM .  ? A HEM 109 ? 1_555 FE ? C HEM . ? A HEM 109 ? 1_555 NC  ? C HEM .   ? A HEM 109 ? 1_555 174.0 ? 
36 NB  ? C HEM .  ? A HEM 109 ? 1_555 FE ? C HEM . ? A HEM 109 ? 1_555 NC  ? C HEM .   ? A HEM 109 ? 1_555 91.1  ? 
37 NE2 ? A HIS 35 ? A HIS 35  ? 1_555 FE ? C HEM . ? A HEM 109 ? 1_555 ND  ? C HEM .   ? A HEM 109 ? 1_555 97.9  ? 
38 NA  ? C HEM .  ? A HEM 109 ? 1_555 FE ? C HEM . ? A HEM 109 ? 1_555 ND  ? C HEM .   ? A HEM 109 ? 1_555 87.7  ? 
39 NB  ? C HEM .  ? A HEM 109 ? 1_555 FE ? C HEM . ? A HEM 109 ? 1_555 ND  ? C HEM .   ? A HEM 109 ? 1_555 175.8 ? 
40 NC  ? C HEM .  ? A HEM 109 ? 1_555 FE ? C HEM . ? A HEM 109 ? 1_555 ND  ? C HEM .   ? A HEM 109 ? 1_555 90.8  ? 
41 NE2 ? A HIS 35 ? A HIS 35  ? 1_555 FE ? C HEM . ? A HEM 109 ? 1_555 NE2 ? A HIS 52  ? A HIS 52  ? 1_555 168.2 ? 
42 NA  ? C HEM .  ? A HEM 109 ? 1_555 FE ? C HEM . ? A HEM 109 ? 1_555 NE2 ? A HIS 52  ? A HIS 52  ? 1_555 93.3  ? 
43 NB  ? C HEM .  ? A HEM 109 ? 1_555 FE ? C HEM . ? A HEM 109 ? 1_555 NE2 ? A HIS 52  ? A HIS 52  ? 1_555 82.4  ? 
44 NC  ? C HEM .  ? A HEM 109 ? 1_555 FE ? C HEM . ? A HEM 109 ? 1_555 NE2 ? A HIS 52  ? A HIS 52  ? 1_555 92.6  ? 
45 ND  ? C HEM .  ? A HEM 109 ? 1_555 FE ? C HEM . ? A HEM 109 ? 1_555 NE2 ? A HIS 52  ? A HIS 52  ? 1_555 93.8  ? 
46 NE2 ? A HIS 70 ? A HIS 70  ? 1_555 FE ? B HEM . ? A HEM 108 ? 1_555 NA  ? B HEM .   ? A HEM 108 ? 1_555 88.5  ? 
47 NE2 ? A HIS 70 ? A HIS 70  ? 1_555 FE ? B HEM . ? A HEM 108 ? 1_555 NB  ? B HEM .   ? A HEM 108 ? 1_555 98.5  ? 
48 NA  ? B HEM .  ? A HEM 108 ? 1_555 FE ? B HEM . ? A HEM 108 ? 1_555 NB  ? B HEM .   ? A HEM 108 ? 1_555 91.4  ? 
49 NE2 ? A HIS 70 ? A HIS 70  ? 1_555 FE ? B HEM . ? A HEM 108 ? 1_555 NC  ? B HEM .   ? A HEM 108 ? 1_555 89.2  ? 
50 NA  ? B HEM .  ? A HEM 108 ? 1_555 FE ? B HEM . ? A HEM 108 ? 1_555 NC  ? B HEM .   ? A HEM 108 ? 1_555 177.6 ? 
51 NB  ? B HEM .  ? A HEM 108 ? 1_555 FE ? B HEM . ? A HEM 108 ? 1_555 NC  ? B HEM .   ? A HEM 108 ? 1_555 89.5  ? 
52 NE2 ? A HIS 70 ? A HIS 70  ? 1_555 FE ? B HEM . ? A HEM 108 ? 1_555 ND  ? B HEM .   ? A HEM 108 ? 1_555 79.8  ? 
53 NA  ? B HEM .  ? A HEM 108 ? 1_555 FE ? B HEM . ? A HEM 108 ? 1_555 ND  ? B HEM .   ? A HEM 108 ? 1_555 89.9  ? 
54 NB  ? B HEM .  ? A HEM 108 ? 1_555 FE ? B HEM . ? A HEM 108 ? 1_555 ND  ? B HEM .   ? A HEM 108 ? 1_555 177.8 ? 
55 NC  ? B HEM .  ? A HEM 108 ? 1_555 FE ? B HEM . ? A HEM 108 ? 1_555 ND  ? B HEM .   ? A HEM 108 ? 1_555 89.1  ? 
56 NE2 ? A HIS 70 ? A HIS 70  ? 1_555 FE ? B HEM . ? A HEM 108 ? 1_555 NE2 ? A HIS 106 ? A HIS 106 ? 1_555 170.3 ? 
57 NA  ? B HEM .  ? A HEM 108 ? 1_555 FE ? B HEM . ? A HEM 108 ? 1_555 NE2 ? A HIS 106 ? A HIS 106 ? 1_555 88.7  ? 
58 NB  ? B HEM .  ? A HEM 108 ? 1_555 FE ? B HEM . ? A HEM 108 ? 1_555 NE2 ? A HIS 106 ? A HIS 106 ? 1_555 90.8  ? 
59 NC  ? B HEM .  ? A HEM 108 ? 1_555 FE ? B HEM . ? A HEM 108 ? 1_555 NE2 ? A HIS 106 ? A HIS 106 ? 1_555 93.6  ? 
60 ND  ? B HEM .  ? A HEM 108 ? 1_555 FE ? B HEM . ? A HEM 108 ? 1_555 NE2 ? A HIS 106 ? A HIS 106 ? 1_555 90.9  ? 
# 
_struct_sheet.id               S1 
_struct_sheet.type             ? 
_struct_sheet.number_strands   2 
_struct_sheet.details          ? 
# 
_struct_sheet_order.sheet_id     S1 
_struct_sheet_order.range_id_1   1 
_struct_sheet_order.range_id_2   2 
_struct_sheet_order.offset       ? 
_struct_sheet_order.sense        anti-parallel 
# 
loop_
_struct_sheet_range.sheet_id 
_struct_sheet_range.id 
_struct_sheet_range.beg_label_comp_id 
_struct_sheet_range.beg_label_asym_id 
_struct_sheet_range.beg_label_seq_id 
_struct_sheet_range.pdbx_beg_PDB_ins_code 
_struct_sheet_range.end_label_comp_id 
_struct_sheet_range.end_label_asym_id 
_struct_sheet_range.end_label_seq_id 
_struct_sheet_range.pdbx_end_PDB_ins_code 
_struct_sheet_range.beg_auth_comp_id 
_struct_sheet_range.beg_auth_asym_id 
_struct_sheet_range.beg_auth_seq_id 
_struct_sheet_range.end_auth_comp_id 
_struct_sheet_range.end_auth_asym_id 
_struct_sheet_range.end_auth_seq_id 
S1 1 LEU A 9  ? MET A 11 ? LEU A 9  MET A 11 
S1 2 VAL A 18 ? PHE A 20 ? VAL A 18 PHE A 20 
# 
loop_
_struct_site.id 
_struct_site.pdbx_evidence_code 
_struct_site.pdbx_auth_asym_id 
_struct_site.pdbx_auth_comp_id 
_struct_site.pdbx_auth_seq_id 
_struct_site.pdbx_auth_ins_code 
_struct_site.pdbx_num_residues 
_struct_site.details 
AC1 Software A HEM 108 ? 19 'BINDING SITE FOR RESIDUE HEM A 108' 
AC2 Software A HEM 109 ? 14 'BINDING SITE FOR RESIDUE HEM A 109' 
AC3 Software A HEM 110 ? 17 'BINDING SITE FOR RESIDUE HEM A 110' 
AC4 Software A HEM 111 ? 17 'BINDING SITE FOR RESIDUE HEM A 111' 
# 
loop_
_struct_site_gen.id 
_struct_site_gen.site_id 
_struct_site_gen.pdbx_num_res 
_struct_site_gen.label_comp_id 
_struct_site_gen.label_asym_id 
_struct_site_gen.label_seq_id 
_struct_site_gen.pdbx_auth_ins_code 
_struct_site_gen.auth_comp_id 
_struct_site_gen.auth_asym_id 
_struct_site_gen.auth_seq_id 
_struct_site_gen.label_atom_id 
_struct_site_gen.label_alt_id 
_struct_site_gen.symmetry 
_struct_site_gen.details 
1  AC1 19 MET A 11  ? MET A 11  . ? 1_555 ? 
2  AC1 19 GLU A 12  ? GLU A 12  . ? 1_555 ? 
3  AC1 19 ALA A 13  ? ALA A 13  . ? 1_555 ? 
4  AC1 19 THR A 14  ? THR A 14  . ? 1_555 ? 
5  AC1 19 GLN A 16  ? GLN A 16  . ? 1_555 ? 
6  AC1 19 LYS A 29  ? LYS A 29  . ? 3_453 ? 
7  AC1 19 TYR A 65  ? TYR A 65  . ? 1_555 ? 
8  AC1 19 TYR A 66  ? TYR A 66  . ? 1_555 ? 
9  AC1 19 HIS A 70  ? HIS A 70  . ? 1_555 ? 
10 AC1 19 CYS A 79  ? CYS A 79  . ? 1_555 ? 
11 AC1 19 HIS A 83  ? HIS A 83  . ? 1_555 ? 
12 AC1 19 LEU A 97  ? LEU A 97  . ? 1_555 ? 
13 AC1 19 GLY A 99  ? GLY A 99  . ? 1_555 ? 
14 AC1 19 CYS A 100 ? CYS A 100 . ? 1_555 ? 
15 AC1 19 CYS A 105 ? CYS A 105 . ? 1_555 ? 
16 AC1 19 HIS A 106 ? HIS A 106 . ? 1_555 ? 
17 AC1 19 HOH F .   ? HOH A 120 . ? 1_555 ? 
18 AC1 19 HOH F .   ? HOH A 148 . ? 1_555 ? 
19 AC1 19 HOH F .   ? HOH A 149 . ? 1_555 ? 
20 AC2 14 CYS A 33  ? CYS A 33  . ? 1_555 ? 
21 AC2 14 HIS A 35  ? HIS A 35  . ? 1_555 ? 
22 AC2 14 ASP A 42  ? ASP A 42  . ? 1_555 ? 
23 AC2 14 ARG A 44  ? ARG A 44  . ? 1_555 ? 
24 AC2 14 LYS A 45  ? LYS A 45  . ? 1_555 ? 
25 AC2 14 CYS A 46  ? CYS A 46  . ? 1_555 ? 
26 AC2 14 CYS A 51  ? CYS A 51  . ? 1_555 ? 
27 AC2 14 HIS A 52  ? HIS A 52  . ? 1_555 ? 
28 AC2 14 HIS A 67  ? HIS A 67  . ? 1_555 ? 
29 AC2 14 THR A 74  ? THR A 74  . ? 1_555 ? 
30 AC2 14 LYS A 75  ? LYS A 75  . ? 1_555 ? 
31 AC2 14 PHE A 76  ? PHE A 76  . ? 1_555 ? 
32 AC2 14 HOH F .   ? HOH A 115 . ? 1_555 ? 
33 AC2 14 HOH F .   ? HOH A 126 . ? 1_555 ? 
34 AC3 17 LYS A 3   ? LYS A 3   . ? 1_555 ? 
35 AC3 17 PRO A 5   ? PRO A 5   . ? 1_555 ? 
36 AC3 17 PHE A 20  ? PHE A 20  . ? 1_555 ? 
37 AC3 17 HIS A 22  ? HIS A 22  . ? 1_555 ? 
38 AC3 17 HIS A 25  ? HIS A 25  . ? 1_555 ? 
39 AC3 17 VAL A 28  ? VAL A 28  . ? 1_555 ? 
40 AC3 17 LYS A 29  ? LYS A 29  . ? 1_555 ? 
41 AC3 17 CYS A 30  ? CYS A 30  . ? 1_555 ? 
42 AC3 17 CYS A 33  ? CYS A 33  . ? 1_555 ? 
43 AC3 17 HIS A 34  ? HIS A 34  . ? 1_555 ? 
44 AC3 17 TYR A 43  ? TYR A 43  . ? 1_555 ? 
45 AC3 17 LYS A 45  ? LYS A 45  . ? 1_555 ? 
46 AC3 17 CYS A 46  ? CYS A 46  . ? 1_555 ? 
47 AC3 17 HEM E .   ? HEM A 111 . ? 1_555 ? 
48 AC3 17 HOH F .   ? HOH A 125 . ? 1_555 ? 
49 AC3 17 HOH F .   ? HOH A 145 . ? 1_555 ? 
50 AC3 17 HOH F .   ? HOH A 147 . ? 1_555 ? 
51 AC4 17 ASN A 21  ? ASN A 21  . ? 1_555 ? 
52 AC4 17 THR A 24  ? THR A 24  . ? 1_555 ? 
53 AC4 17 HIS A 25  ? HIS A 25  . ? 1_555 ? 
54 AC4 17 VAL A 28  ? VAL A 28  . ? 1_555 ? 
55 AC4 17 SER A 78  ? SER A 78  . ? 1_555 ? 
56 AC4 17 CYS A 79  ? CYS A 79  . ? 1_555 ? 
57 AC4 17 CYS A 82  ? CYS A 82  . ? 1_555 ? 
58 AC4 17 HIS A 83  ? HIS A 83  . ? 1_555 ? 
59 AC4 17 LYS A 93  ? LYS A 93  . ? 1_555 ? 
60 AC4 17 LEU A 97  ? LEU A 97  . ? 1_555 ? 
61 AC4 17 LYS A 104 ? LYS A 104 . ? 1_555 ? 
62 AC4 17 HEM D .   ? HEM A 110 . ? 1_555 ? 
63 AC4 17 HOH F .   ? HOH A 117 . ? 1_555 ? 
64 AC4 17 HOH F .   ? HOH A 143 . ? 1_555 ? 
65 AC4 17 HOH F .   ? HOH A 144 . ? 1_555 ? 
66 AC4 17 HOH F .   ? HOH A 148 . ? 1_555 ? 
67 AC4 17 HOH F .   ? HOH A 150 . ? 1_555 ? 
# 
loop_
_pdbx_validate_rmsd_angle.id 
_pdbx_validate_rmsd_angle.PDB_model_num 
_pdbx_validate_rmsd_angle.auth_atom_id_1 
_pdbx_validate_rmsd_angle.auth_asym_id_1 
_pdbx_validate_rmsd_angle.auth_comp_id_1 
_pdbx_validate_rmsd_angle.auth_seq_id_1 
_pdbx_validate_rmsd_angle.PDB_ins_code_1 
_pdbx_validate_rmsd_angle.label_alt_id_1 
_pdbx_validate_rmsd_angle.auth_atom_id_2 
_pdbx_validate_rmsd_angle.auth_asym_id_2 
_pdbx_validate_rmsd_angle.auth_comp_id_2 
_pdbx_validate_rmsd_angle.auth_seq_id_2 
_pdbx_validate_rmsd_angle.PDB_ins_code_2 
_pdbx_validate_rmsd_angle.label_alt_id_2 
_pdbx_validate_rmsd_angle.auth_atom_id_3 
_pdbx_validate_rmsd_angle.auth_asym_id_3 
_pdbx_validate_rmsd_angle.auth_comp_id_3 
_pdbx_validate_rmsd_angle.auth_seq_id_3 
_pdbx_validate_rmsd_angle.PDB_ins_code_3 
_pdbx_validate_rmsd_angle.label_alt_id_3 
_pdbx_validate_rmsd_angle.angle_value 
_pdbx_validate_rmsd_angle.angle_target_value 
_pdbx_validate_rmsd_angle.angle_deviation 
_pdbx_validate_rmsd_angle.angle_standard_deviation 
_pdbx_validate_rmsd_angle.linker_flag 
1 1 CA  A ARG 44  ? ? CB A ARG 44  ? ? CG  A ARG 44  ? ? 126.63 113.40 13.23 2.20 N 
2 1 NE  A ARG 44  ? ? CZ A ARG 44  ? ? NH1 A ARG 44  ? ? 124.24 120.30 3.94  0.50 N 
3 1 CB  A ASP 90  ? ? CG A ASP 90  ? ? OD2 A ASP 90  ? ? 126.80 118.30 8.50  0.90 N 
4 1 CB  A ASP 96  ? ? CG A ASP 96  ? ? OD1 A ASP 96  ? ? 112.73 118.30 -5.57 0.90 N 
5 1 OE1 A GLU 107 ? ? CD A GLU 107 ? ? OE2 A GLU 107 ? ? 133.30 123.30 10.00 1.20 N 
# 
loop_
_pdbx_validate_torsion.id 
_pdbx_validate_torsion.PDB_model_num 
_pdbx_validate_torsion.auth_comp_id 
_pdbx_validate_torsion.auth_asym_id 
_pdbx_validate_torsion.auth_seq_id 
_pdbx_validate_torsion.PDB_ins_code 
_pdbx_validate_torsion.label_alt_id 
_pdbx_validate_torsion.phi 
_pdbx_validate_torsion.psi 
1 1 ALA A 6  ? ? -68.86  -167.04 
2 1 CYS A 33 ? ? -121.19 -51.58  
3 1 LYS A 40 ? ? -163.21 115.89  
4 1 CYS A 51 ? ? -109.37 -147.20 
5 1 LYS A 58 ? ? -102.37 52.70   
6 1 ASN A 73 ? ? 46.09   77.96   
# 
loop_
_pdbx_validate_main_chain_plane.id 
_pdbx_validate_main_chain_plane.PDB_model_num 
_pdbx_validate_main_chain_plane.auth_comp_id 
_pdbx_validate_main_chain_plane.auth_asym_id 
_pdbx_validate_main_chain_plane.auth_seq_id 
_pdbx_validate_main_chain_plane.PDB_ins_code 
_pdbx_validate_main_chain_plane.label_alt_id 
_pdbx_validate_main_chain_plane.improper_torsion_angle 
1 1 LYS A 40 ? ? 12.92 
2 1 CYS A 51 ? ? 17.61 
# 
loop_
_chem_comp_atom.comp_id 
_chem_comp_atom.atom_id 
_chem_comp_atom.type_symbol 
_chem_comp_atom.pdbx_aromatic_flag 
_chem_comp_atom.pdbx_stereo_config 
_chem_comp_atom.pdbx_ordinal 
ALA N    N  N N 1   
ALA CA   C  N S 2   
ALA C    C  N N 3   
ALA O    O  N N 4   
ALA CB   C  N N 5   
ALA OXT  O  N N 6   
ALA H    H  N N 7   
ALA H2   H  N N 8   
ALA HA   H  N N 9   
ALA HB1  H  N N 10  
ALA HB2  H  N N 11  
ALA HB3  H  N N 12  
ALA HXT  H  N N 13  
ARG N    N  N N 14  
ARG CA   C  N S 15  
ARG C    C  N N 16  
ARG O    O  N N 17  
ARG CB   C  N N 18  
ARG CG   C  N N 19  
ARG CD   C  N N 20  
ARG NE   N  N N 21  
ARG CZ   C  N N 22  
ARG NH1  N  N N 23  
ARG NH2  N  N N 24  
ARG OXT  O  N N 25  
ARG H    H  N N 26  
ARG H2   H  N N 27  
ARG HA   H  N N 28  
ARG HB2  H  N N 29  
ARG HB3  H  N N 30  
ARG HG2  H  N N 31  
ARG HG3  H  N N 32  
ARG HD2  H  N N 33  
ARG HD3  H  N N 34  
ARG HE   H  N N 35  
ARG HH11 H  N N 36  
ARG HH12 H  N N 37  
ARG HH21 H  N N 38  
ARG HH22 H  N N 39  
ARG HXT  H  N N 40  
ASN N    N  N N 41  
ASN CA   C  N S 42  
ASN C    C  N N 43  
ASN O    O  N N 44  
ASN CB   C  N N 45  
ASN CG   C  N N 46  
ASN OD1  O  N N 47  
ASN ND2  N  N N 48  
ASN OXT  O  N N 49  
ASN H    H  N N 50  
ASN H2   H  N N 51  
ASN HA   H  N N 52  
ASN HB2  H  N N 53  
ASN HB3  H  N N 54  
ASN HD21 H  N N 55  
ASN HD22 H  N N 56  
ASN HXT  H  N N 57  
ASP N    N  N N 58  
ASP CA   C  N S 59  
ASP C    C  N N 60  
ASP O    O  N N 61  
ASP CB   C  N N 62  
ASP CG   C  N N 63  
ASP OD1  O  N N 64  
ASP OD2  O  N N 65  
ASP OXT  O  N N 66  
ASP H    H  N N 67  
ASP H2   H  N N 68  
ASP HA   H  N N 69  
ASP HB2  H  N N 70  
ASP HB3  H  N N 71  
ASP HD2  H  N N 72  
ASP HXT  H  N N 73  
CYS N    N  N N 74  
CYS CA   C  N R 75  
CYS C    C  N N 76  
CYS O    O  N N 77  
CYS CB   C  N N 78  
CYS SG   S  N N 79  
CYS OXT  O  N N 80  
CYS H    H  N N 81  
CYS H2   H  N N 82  
CYS HA   H  N N 83  
CYS HB2  H  N N 84  
CYS HB3  H  N N 85  
CYS HG   H  N N 86  
CYS HXT  H  N N 87  
GLN N    N  N N 88  
GLN CA   C  N S 89  
GLN C    C  N N 90  
GLN O    O  N N 91  
GLN CB   C  N N 92  
GLN CG   C  N N 93  
GLN CD   C  N N 94  
GLN OE1  O  N N 95  
GLN NE2  N  N N 96  
GLN OXT  O  N N 97  
GLN H    H  N N 98  
GLN H2   H  N N 99  
GLN HA   H  N N 100 
GLN HB2  H  N N 101 
GLN HB3  H  N N 102 
GLN HG2  H  N N 103 
GLN HG3  H  N N 104 
GLN HE21 H  N N 105 
GLN HE22 H  N N 106 
GLN HXT  H  N N 107 
GLU N    N  N N 108 
GLU CA   C  N S 109 
GLU C    C  N N 110 
GLU O    O  N N 111 
GLU CB   C  N N 112 
GLU CG   C  N N 113 
GLU CD   C  N N 114 
GLU OE1  O  N N 115 
GLU OE2  O  N N 116 
GLU OXT  O  N N 117 
GLU H    H  N N 118 
GLU H2   H  N N 119 
GLU HA   H  N N 120 
GLU HB2  H  N N 121 
GLU HB3  H  N N 122 
GLU HG2  H  N N 123 
GLU HG3  H  N N 124 
GLU HE2  H  N N 125 
GLU HXT  H  N N 126 
GLY N    N  N N 127 
GLY CA   C  N N 128 
GLY C    C  N N 129 
GLY O    O  N N 130 
GLY OXT  O  N N 131 
GLY H    H  N N 132 
GLY H2   H  N N 133 
GLY HA2  H  N N 134 
GLY HA3  H  N N 135 
GLY HXT  H  N N 136 
HEM CHA  C  N N 137 
HEM CHB  C  N N 138 
HEM CHC  C  N N 139 
HEM CHD  C  N N 140 
HEM C1A  C  Y N 141 
HEM C2A  C  Y N 142 
HEM C3A  C  Y N 143 
HEM C4A  C  Y N 144 
HEM CMA  C  N N 145 
HEM CAA  C  N N 146 
HEM CBA  C  N N 147 
HEM CGA  C  N N 148 
HEM O1A  O  N N 149 
HEM O2A  O  N N 150 
HEM C1B  C  N N 151 
HEM C2B  C  N N 152 
HEM C3B  C  N N 153 
HEM C4B  C  N N 154 
HEM CMB  C  N N 155 
HEM CAB  C  N N 156 
HEM CBB  C  N N 157 
HEM C1C  C  Y N 158 
HEM C2C  C  Y N 159 
HEM C3C  C  Y N 160 
HEM C4C  C  Y N 161 
HEM CMC  C  N N 162 
HEM CAC  C  N N 163 
HEM CBC  C  N N 164 
HEM C1D  C  N N 165 
HEM C2D  C  N N 166 
HEM C3D  C  N N 167 
HEM C4D  C  N N 168 
HEM CMD  C  N N 169 
HEM CAD  C  N N 170 
HEM CBD  C  N N 171 
HEM CGD  C  N N 172 
HEM O1D  O  N N 173 
HEM O2D  O  N N 174 
HEM NA   N  Y N 175 
HEM NB   N  N N 176 
HEM NC   N  Y N 177 
HEM ND   N  N N 178 
HEM FE   FE N N 179 
HEM HHB  H  N N 180 
HEM HHC  H  N N 181 
HEM HHD  H  N N 182 
HEM HMA  H  N N 183 
HEM HMAA H  N N 184 
HEM HMAB H  N N 185 
HEM HAA  H  N N 186 
HEM HAAA H  N N 187 
HEM HBA  H  N N 188 
HEM HBAA H  N N 189 
HEM HMB  H  N N 190 
HEM HMBA H  N N 191 
HEM HMBB H  N N 192 
HEM HAB  H  N N 193 
HEM HBB  H  N N 194 
HEM HBBA H  N N 195 
HEM HMC  H  N N 196 
HEM HMCA H  N N 197 
HEM HMCB H  N N 198 
HEM HAC  H  N N 199 
HEM HBC  H  N N 200 
HEM HBCA H  N N 201 
HEM HMD  H  N N 202 
HEM HMDA H  N N 203 
HEM HMDB H  N N 204 
HEM HAD  H  N N 205 
HEM HADA H  N N 206 
HEM HBD  H  N N 207 
HEM HBDA H  N N 208 
HEM H2A  H  N N 209 
HEM H2D  H  N N 210 
HEM HHA  H  N N 211 
HIS N    N  N N 212 
HIS CA   C  N S 213 
HIS C    C  N N 214 
HIS O    O  N N 215 
HIS CB   C  N N 216 
HIS CG   C  Y N 217 
HIS ND1  N  Y N 218 
HIS CD2  C  Y N 219 
HIS CE1  C  Y N 220 
HIS NE2  N  Y N 221 
HIS OXT  O  N N 222 
HIS H    H  N N 223 
HIS H2   H  N N 224 
HIS HA   H  N N 225 
HIS HB2  H  N N 226 
HIS HB3  H  N N 227 
HIS HD1  H  N N 228 
HIS HD2  H  N N 229 
HIS HE1  H  N N 230 
HIS HE2  H  N N 231 
HIS HXT  H  N N 232 
HOH O    O  N N 233 
HOH H1   H  N N 234 
HOH H2   H  N N 235 
LEU N    N  N N 236 
LEU CA   C  N S 237 
LEU C    C  N N 238 
LEU O    O  N N 239 
LEU CB   C  N N 240 
LEU CG   C  N N 241 
LEU CD1  C  N N 242 
LEU CD2  C  N N 243 
LEU OXT  O  N N 244 
LEU H    H  N N 245 
LEU H2   H  N N 246 
LEU HA   H  N N 247 
LEU HB2  H  N N 248 
LEU HB3  H  N N 249 
LEU HG   H  N N 250 
LEU HD11 H  N N 251 
LEU HD12 H  N N 252 
LEU HD13 H  N N 253 
LEU HD21 H  N N 254 
LEU HD22 H  N N 255 
LEU HD23 H  N N 256 
LEU HXT  H  N N 257 
LYS N    N  N N 258 
LYS CA   C  N S 259 
LYS C    C  N N 260 
LYS O    O  N N 261 
LYS CB   C  N N 262 
LYS CG   C  N N 263 
LYS CD   C  N N 264 
LYS CE   C  N N 265 
LYS NZ   N  N N 266 
LYS OXT  O  N N 267 
LYS H    H  N N 268 
LYS H2   H  N N 269 
LYS HA   H  N N 270 
LYS HB2  H  N N 271 
LYS HB3  H  N N 272 
LYS HG2  H  N N 273 
LYS HG3  H  N N 274 
LYS HD2  H  N N 275 
LYS HD3  H  N N 276 
LYS HE2  H  N N 277 
LYS HE3  H  N N 278 
LYS HZ1  H  N N 279 
LYS HZ2  H  N N 280 
LYS HZ3  H  N N 281 
LYS HXT  H  N N 282 
MET N    N  N N 283 
MET CA   C  N S 284 
MET C    C  N N 285 
MET O    O  N N 286 
MET CB   C  N N 287 
MET CG   C  N N 288 
MET SD   S  N N 289 
MET CE   C  N N 290 
MET OXT  O  N N 291 
MET H    H  N N 292 
MET H2   H  N N 293 
MET HA   H  N N 294 
MET HB2  H  N N 295 
MET HB3  H  N N 296 
MET HG2  H  N N 297 
MET HG3  H  N N 298 
MET HE1  H  N N 299 
MET HE2  H  N N 300 
MET HE3  H  N N 301 
MET HXT  H  N N 302 
PHE N    N  N N 303 
PHE CA   C  N S 304 
PHE C    C  N N 305 
PHE O    O  N N 306 
PHE CB   C  N N 307 
PHE CG   C  Y N 308 
PHE CD1  C  Y N 309 
PHE CD2  C  Y N 310 
PHE CE1  C  Y N 311 
PHE CE2  C  Y N 312 
PHE CZ   C  Y N 313 
PHE OXT  O  N N 314 
PHE H    H  N N 315 
PHE H2   H  N N 316 
PHE HA   H  N N 317 
PHE HB2  H  N N 318 
PHE HB3  H  N N 319 
PHE HD1  H  N N 320 
PHE HD2  H  N N 321 
PHE HE1  H  N N 322 
PHE HE2  H  N N 323 
PHE HZ   H  N N 324 
PHE HXT  H  N N 325 
PRO N    N  N N 326 
PRO CA   C  N S 327 
PRO C    C  N N 328 
PRO O    O  N N 329 
PRO CB   C  N N 330 
PRO CG   C  N N 331 
PRO CD   C  N N 332 
PRO OXT  O  N N 333 
PRO H    H  N N 334 
PRO HA   H  N N 335 
PRO HB2  H  N N 336 
PRO HB3  H  N N 337 
PRO HG2  H  N N 338 
PRO HG3  H  N N 339 
PRO HD2  H  N N 340 
PRO HD3  H  N N 341 
PRO HXT  H  N N 342 
SER N    N  N N 343 
SER CA   C  N S 344 
SER C    C  N N 345 
SER O    O  N N 346 
SER CB   C  N N 347 
SER OG   O  N N 348 
SER OXT  O  N N 349 
SER H    H  N N 350 
SER H2   H  N N 351 
SER HA   H  N N 352 
SER HB2  H  N N 353 
SER HB3  H  N N 354 
SER HG   H  N N 355 
SER HXT  H  N N 356 
THR N    N  N N 357 
THR CA   C  N S 358 
THR C    C  N N 359 
THR O    O  N N 360 
THR CB   C  N R 361 
THR OG1  O  N N 362 
THR CG2  C  N N 363 
THR OXT  O  N N 364 
THR H    H  N N 365 
THR H2   H  N N 366 
THR HA   H  N N 367 
THR HB   H  N N 368 
THR HG1  H  N N 369 
THR HG21 H  N N 370 
THR HG22 H  N N 371 
THR HG23 H  N N 372 
THR HXT  H  N N 373 
TYR N    N  N N 374 
TYR CA   C  N S 375 
TYR C    C  N N 376 
TYR O    O  N N 377 
TYR CB   C  N N 378 
TYR CG   C  Y N 379 
TYR CD1  C  Y N 380 
TYR CD2  C  Y N 381 
TYR CE1  C  Y N 382 
TYR CE2  C  Y N 383 
TYR CZ   C  Y N 384 
TYR OH   O  N N 385 
TYR OXT  O  N N 386 
TYR H    H  N N 387 
TYR H2   H  N N 388 
TYR HA   H  N N 389 
TYR HB2  H  N N 390 
TYR HB3  H  N N 391 
TYR HD1  H  N N 392 
TYR HD2  H  N N 393 
TYR HE1  H  N N 394 
TYR HE2  H  N N 395 
TYR HH   H  N N 396 
TYR HXT  H  N N 397 
VAL N    N  N N 398 
VAL CA   C  N S 399 
VAL C    C  N N 400 
VAL O    O  N N 401 
VAL CB   C  N N 402 
VAL CG1  C  N N 403 
VAL CG2  C  N N 404 
VAL OXT  O  N N 405 
VAL H    H  N N 406 
VAL H2   H  N N 407 
VAL HA   H  N N 408 
VAL HB   H  N N 409 
VAL HG11 H  N N 410 
VAL HG12 H  N N 411 
VAL HG13 H  N N 412 
VAL HG21 H  N N 413 
VAL HG22 H  N N 414 
VAL HG23 H  N N 415 
VAL HXT  H  N N 416 
# 
loop_
_chem_comp_bond.comp_id 
_chem_comp_bond.atom_id_1 
_chem_comp_bond.atom_id_2 
_chem_comp_bond.value_order 
_chem_comp_bond.pdbx_aromatic_flag 
_chem_comp_bond.pdbx_stereo_config 
_chem_comp_bond.pdbx_ordinal 
ALA N   CA   sing N N 1   
ALA N   H    sing N N 2   
ALA N   H2   sing N N 3   
ALA CA  C    sing N N 4   
ALA CA  CB   sing N N 5   
ALA CA  HA   sing N N 6   
ALA C   O    doub N N 7   
ALA C   OXT  sing N N 8   
ALA CB  HB1  sing N N 9   
ALA CB  HB2  sing N N 10  
ALA CB  HB3  sing N N 11  
ALA OXT HXT  sing N N 12  
ARG N   CA   sing N N 13  
ARG N   H    sing N N 14  
ARG N   H2   sing N N 15  
ARG CA  C    sing N N 16  
ARG CA  CB   sing N N 17  
ARG CA  HA   sing N N 18  
ARG C   O    doub N N 19  
ARG C   OXT  sing N N 20  
ARG CB  CG   sing N N 21  
ARG CB  HB2  sing N N 22  
ARG CB  HB3  sing N N 23  
ARG CG  CD   sing N N 24  
ARG CG  HG2  sing N N 25  
ARG CG  HG3  sing N N 26  
ARG CD  NE   sing N N 27  
ARG CD  HD2  sing N N 28  
ARG CD  HD3  sing N N 29  
ARG NE  CZ   sing N N 30  
ARG NE  HE   sing N N 31  
ARG CZ  NH1  sing N N 32  
ARG CZ  NH2  doub N N 33  
ARG NH1 HH11 sing N N 34  
ARG NH1 HH12 sing N N 35  
ARG NH2 HH21 sing N N 36  
ARG NH2 HH22 sing N N 37  
ARG OXT HXT  sing N N 38  
ASN N   CA   sing N N 39  
ASN N   H    sing N N 40  
ASN N   H2   sing N N 41  
ASN CA  C    sing N N 42  
ASN CA  CB   sing N N 43  
ASN CA  HA   sing N N 44  
ASN C   O    doub N N 45  
ASN C   OXT  sing N N 46  
ASN CB  CG   sing N N 47  
ASN CB  HB2  sing N N 48  
ASN CB  HB3  sing N N 49  
ASN CG  OD1  doub N N 50  
ASN CG  ND2  sing N N 51  
ASN ND2 HD21 sing N N 52  
ASN ND2 HD22 sing N N 53  
ASN OXT HXT  sing N N 54  
ASP N   CA   sing N N 55  
ASP N   H    sing N N 56  
ASP N   H2   sing N N 57  
ASP CA  C    sing N N 58  
ASP CA  CB   sing N N 59  
ASP CA  HA   sing N N 60  
ASP C   O    doub N N 61  
ASP C   OXT  sing N N 62  
ASP CB  CG   sing N N 63  
ASP CB  HB2  sing N N 64  
ASP CB  HB3  sing N N 65  
ASP CG  OD1  doub N N 66  
ASP CG  OD2  sing N N 67  
ASP OD2 HD2  sing N N 68  
ASP OXT HXT  sing N N 69  
CYS N   CA   sing N N 70  
CYS N   H    sing N N 71  
CYS N   H2   sing N N 72  
CYS CA  C    sing N N 73  
CYS CA  CB   sing N N 74  
CYS CA  HA   sing N N 75  
CYS C   O    doub N N 76  
CYS C   OXT  sing N N 77  
CYS CB  SG   sing N N 78  
CYS CB  HB2  sing N N 79  
CYS CB  HB3  sing N N 80  
CYS SG  HG   sing N N 81  
CYS OXT HXT  sing N N 82  
GLN N   CA   sing N N 83  
GLN N   H    sing N N 84  
GLN N   H2   sing N N 85  
GLN CA  C    sing N N 86  
GLN CA  CB   sing N N 87  
GLN CA  HA   sing N N 88  
GLN C   O    doub N N 89  
GLN C   OXT  sing N N 90  
GLN CB  CG   sing N N 91  
GLN CB  HB2  sing N N 92  
GLN CB  HB3  sing N N 93  
GLN CG  CD   sing N N 94  
GLN CG  HG2  sing N N 95  
GLN CG  HG3  sing N N 96  
GLN CD  OE1  doub N N 97  
GLN CD  NE2  sing N N 98  
GLN NE2 HE21 sing N N 99  
GLN NE2 HE22 sing N N 100 
GLN OXT HXT  sing N N 101 
GLU N   CA   sing N N 102 
GLU N   H    sing N N 103 
GLU N   H2   sing N N 104 
GLU CA  C    sing N N 105 
GLU CA  CB   sing N N 106 
GLU CA  HA   sing N N 107 
GLU C   O    doub N N 108 
GLU C   OXT  sing N N 109 
GLU CB  CG   sing N N 110 
GLU CB  HB2  sing N N 111 
GLU CB  HB3  sing N N 112 
GLU CG  CD   sing N N 113 
GLU CG  HG2  sing N N 114 
GLU CG  HG3  sing N N 115 
GLU CD  OE1  doub N N 116 
GLU CD  OE2  sing N N 117 
GLU OE2 HE2  sing N N 118 
GLU OXT HXT  sing N N 119 
GLY N   CA   sing N N 120 
GLY N   H    sing N N 121 
GLY N   H2   sing N N 122 
GLY CA  C    sing N N 123 
GLY CA  HA2  sing N N 124 
GLY CA  HA3  sing N N 125 
GLY C   O    doub N N 126 
GLY C   OXT  sing N N 127 
GLY OXT HXT  sing N N 128 
HEM CHA C1A  sing N N 129 
HEM CHA C4D  doub N N 130 
HEM CHA HHA  sing N N 131 
HEM CHB C4A  sing N N 132 
HEM CHB C1B  doub N N 133 
HEM CHB HHB  sing N N 134 
HEM CHC C4B  sing N N 135 
HEM CHC C1C  doub N N 136 
HEM CHC HHC  sing N N 137 
HEM CHD C4C  doub N N 138 
HEM CHD C1D  sing N N 139 
HEM CHD HHD  sing N N 140 
HEM C1A C2A  doub Y N 141 
HEM C1A NA   sing Y N 142 
HEM C2A C3A  sing Y N 143 
HEM C2A CAA  sing N N 144 
HEM C3A C4A  doub Y N 145 
HEM C3A CMA  sing N N 146 
HEM C4A NA   sing Y N 147 
HEM CMA HMA  sing N N 148 
HEM CMA HMAA sing N N 149 
HEM CMA HMAB sing N N 150 
HEM CAA CBA  sing N N 151 
HEM CAA HAA  sing N N 152 
HEM CAA HAAA sing N N 153 
HEM CBA CGA  sing N N 154 
HEM CBA HBA  sing N N 155 
HEM CBA HBAA sing N N 156 
HEM CGA O1A  doub N N 157 
HEM CGA O2A  sing N N 158 
HEM C1B C2B  sing N N 159 
HEM C1B NB   sing N N 160 
HEM C2B C3B  doub N N 161 
HEM C2B CMB  sing N N 162 
HEM C3B C4B  sing N N 163 
HEM C3B CAB  sing N N 164 
HEM C4B NB   doub N N 165 
HEM CMB HMB  sing N N 166 
HEM CMB HMBA sing N N 167 
HEM CMB HMBB sing N N 168 
HEM CAB CBB  doub N N 169 
HEM CAB HAB  sing N N 170 
HEM CBB HBB  sing N N 171 
HEM CBB HBBA sing N N 172 
HEM C1C C2C  sing Y N 173 
HEM C1C NC   sing Y N 174 
HEM C2C C3C  doub Y N 175 
HEM C2C CMC  sing N N 176 
HEM C3C C4C  sing Y N 177 
HEM C3C CAC  sing N N 178 
HEM C4C NC   sing Y N 179 
HEM CMC HMC  sing N N 180 
HEM CMC HMCA sing N N 181 
HEM CMC HMCB sing N N 182 
HEM CAC CBC  doub N N 183 
HEM CAC HAC  sing N N 184 
HEM CBC HBC  sing N N 185 
HEM CBC HBCA sing N N 186 
HEM C1D C2D  sing N N 187 
HEM C1D ND   doub N N 188 
HEM C2D C3D  doub N N 189 
HEM C2D CMD  sing N N 190 
HEM C3D C4D  sing N N 191 
HEM C3D CAD  sing N N 192 
HEM C4D ND   sing N N 193 
HEM CMD HMD  sing N N 194 
HEM CMD HMDA sing N N 195 
HEM CMD HMDB sing N N 196 
HEM CAD CBD  sing N N 197 
HEM CAD HAD  sing N N 198 
HEM CAD HADA sing N N 199 
HEM CBD CGD  sing N N 200 
HEM CBD HBD  sing N N 201 
HEM CBD HBDA sing N N 202 
HEM CGD O1D  doub N N 203 
HEM CGD O2D  sing N N 204 
HEM O2A H2A  sing N N 205 
HEM O2D H2D  sing N N 206 
HEM FE  NA   sing N N 207 
HEM FE  NB   sing N N 208 
HEM FE  NC   sing N N 209 
HEM FE  ND   sing N N 210 
HIS N   CA   sing N N 211 
HIS N   H    sing N N 212 
HIS N   H2   sing N N 213 
HIS CA  C    sing N N 214 
HIS CA  CB   sing N N 215 
HIS CA  HA   sing N N 216 
HIS C   O    doub N N 217 
HIS C   OXT  sing N N 218 
HIS CB  CG   sing N N 219 
HIS CB  HB2  sing N N 220 
HIS CB  HB3  sing N N 221 
HIS CG  ND1  sing Y N 222 
HIS CG  CD2  doub Y N 223 
HIS ND1 CE1  doub Y N 224 
HIS ND1 HD1  sing N N 225 
HIS CD2 NE2  sing Y N 226 
HIS CD2 HD2  sing N N 227 
HIS CE1 NE2  sing Y N 228 
HIS CE1 HE1  sing N N 229 
HIS NE2 HE2  sing N N 230 
HIS OXT HXT  sing N N 231 
HOH O   H1   sing N N 232 
HOH O   H2   sing N N 233 
LEU N   CA   sing N N 234 
LEU N   H    sing N N 235 
LEU N   H2   sing N N 236 
LEU CA  C    sing N N 237 
LEU CA  CB   sing N N 238 
LEU CA  HA   sing N N 239 
LEU C   O    doub N N 240 
LEU C   OXT  sing N N 241 
LEU CB  CG   sing N N 242 
LEU CB  HB2  sing N N 243 
LEU CB  HB3  sing N N 244 
LEU CG  CD1  sing N N 245 
LEU CG  CD2  sing N N 246 
LEU CG  HG   sing N N 247 
LEU CD1 HD11 sing N N 248 
LEU CD1 HD12 sing N N 249 
LEU CD1 HD13 sing N N 250 
LEU CD2 HD21 sing N N 251 
LEU CD2 HD22 sing N N 252 
LEU CD2 HD23 sing N N 253 
LEU OXT HXT  sing N N 254 
LYS N   CA   sing N N 255 
LYS N   H    sing N N 256 
LYS N   H2   sing N N 257 
LYS CA  C    sing N N 258 
LYS CA  CB   sing N N 259 
LYS CA  HA   sing N N 260 
LYS C   O    doub N N 261 
LYS C   OXT  sing N N 262 
LYS CB  CG   sing N N 263 
LYS CB  HB2  sing N N 264 
LYS CB  HB3  sing N N 265 
LYS CG  CD   sing N N 266 
LYS CG  HG2  sing N N 267 
LYS CG  HG3  sing N N 268 
LYS CD  CE   sing N N 269 
LYS CD  HD2  sing N N 270 
LYS CD  HD3  sing N N 271 
LYS CE  NZ   sing N N 272 
LYS CE  HE2  sing N N 273 
LYS CE  HE3  sing N N 274 
LYS NZ  HZ1  sing N N 275 
LYS NZ  HZ2  sing N N 276 
LYS NZ  HZ3  sing N N 277 
LYS OXT HXT  sing N N 278 
MET N   CA   sing N N 279 
MET N   H    sing N N 280 
MET N   H2   sing N N 281 
MET CA  C    sing N N 282 
MET CA  CB   sing N N 283 
MET CA  HA   sing N N 284 
MET C   O    doub N N 285 
MET C   OXT  sing N N 286 
MET CB  CG   sing N N 287 
MET CB  HB2  sing N N 288 
MET CB  HB3  sing N N 289 
MET CG  SD   sing N N 290 
MET CG  HG2  sing N N 291 
MET CG  HG3  sing N N 292 
MET SD  CE   sing N N 293 
MET CE  HE1  sing N N 294 
MET CE  HE2  sing N N 295 
MET CE  HE3  sing N N 296 
MET OXT HXT  sing N N 297 
PHE N   CA   sing N N 298 
PHE N   H    sing N N 299 
PHE N   H2   sing N N 300 
PHE CA  C    sing N N 301 
PHE CA  CB   sing N N 302 
PHE CA  HA   sing N N 303 
PHE C   O    doub N N 304 
PHE C   OXT  sing N N 305 
PHE CB  CG   sing N N 306 
PHE CB  HB2  sing N N 307 
PHE CB  HB3  sing N N 308 
PHE CG  CD1  doub Y N 309 
PHE CG  CD2  sing Y N 310 
PHE CD1 CE1  sing Y N 311 
PHE CD1 HD1  sing N N 312 
PHE CD2 CE2  doub Y N 313 
PHE CD2 HD2  sing N N 314 
PHE CE1 CZ   doub Y N 315 
PHE CE1 HE1  sing N N 316 
PHE CE2 CZ   sing Y N 317 
PHE CE2 HE2  sing N N 318 
PHE CZ  HZ   sing N N 319 
PHE OXT HXT  sing N N 320 
PRO N   CA   sing N N 321 
PRO N   CD   sing N N 322 
PRO N   H    sing N N 323 
PRO CA  C    sing N N 324 
PRO CA  CB   sing N N 325 
PRO CA  HA   sing N N 326 
PRO C   O    doub N N 327 
PRO C   OXT  sing N N 328 
PRO CB  CG   sing N N 329 
PRO CB  HB2  sing N N 330 
PRO CB  HB3  sing N N 331 
PRO CG  CD   sing N N 332 
PRO CG  HG2  sing N N 333 
PRO CG  HG3  sing N N 334 
PRO CD  HD2  sing N N 335 
PRO CD  HD3  sing N N 336 
PRO OXT HXT  sing N N 337 
SER N   CA   sing N N 338 
SER N   H    sing N N 339 
SER N   H2   sing N N 340 
SER CA  C    sing N N 341 
SER CA  CB   sing N N 342 
SER CA  HA   sing N N 343 
SER C   O    doub N N 344 
SER C   OXT  sing N N 345 
SER CB  OG   sing N N 346 
SER CB  HB2  sing N N 347 
SER CB  HB3  sing N N 348 
SER OG  HG   sing N N 349 
SER OXT HXT  sing N N 350 
THR N   CA   sing N N 351 
THR N   H    sing N N 352 
THR N   H2   sing N N 353 
THR CA  C    sing N N 354 
THR CA  CB   sing N N 355 
THR CA  HA   sing N N 356 
THR C   O    doub N N 357 
THR C   OXT  sing N N 358 
THR CB  OG1  sing N N 359 
THR CB  CG2  sing N N 360 
THR CB  HB   sing N N 361 
THR OG1 HG1  sing N N 362 
THR CG2 HG21 sing N N 363 
THR CG2 HG22 sing N N 364 
THR CG2 HG23 sing N N 365 
THR OXT HXT  sing N N 366 
TYR N   CA   sing N N 367 
TYR N   H    sing N N 368 
TYR N   H2   sing N N 369 
TYR CA  C    sing N N 370 
TYR CA  CB   sing N N 371 
TYR CA  HA   sing N N 372 
TYR C   O    doub N N 373 
TYR C   OXT  sing N N 374 
TYR CB  CG   sing N N 375 
TYR CB  HB2  sing N N 376 
TYR CB  HB3  sing N N 377 
TYR CG  CD1  doub Y N 378 
TYR CG  CD2  sing Y N 379 
TYR CD1 CE1  sing Y N 380 
TYR CD1 HD1  sing N N 381 
TYR CD2 CE2  doub Y N 382 
TYR CD2 HD2  sing N N 383 
TYR CE1 CZ   doub Y N 384 
TYR CE1 HE1  sing N N 385 
TYR CE2 CZ   sing Y N 386 
TYR CE2 HE2  sing N N 387 
TYR CZ  OH   sing N N 388 
TYR OH  HH   sing N N 389 
TYR OXT HXT  sing N N 390 
VAL N   CA   sing N N 391 
VAL N   H    sing N N 392 
VAL N   H2   sing N N 393 
VAL CA  C    sing N N 394 
VAL CA  CB   sing N N 395 
VAL CA  HA   sing N N 396 
VAL C   O    doub N N 397 
VAL C   OXT  sing N N 398 
VAL CB  CG1  sing N N 399 
VAL CB  CG2  sing N N 400 
VAL CB  HB   sing N N 401 
VAL CG1 HG11 sing N N 402 
VAL CG1 HG12 sing N N 403 
VAL CG1 HG13 sing N N 404 
VAL CG2 HG21 sing N N 405 
VAL CG2 HG22 sing N N 406 
VAL CG2 HG23 sing N N 407 
VAL OXT HXT  sing N N 408 
# 
_atom_sites.entry_id                    2CYM 
_atom_sites.fract_transf_matrix[1][1]   -0.00717045 
_atom_sites.fract_transf_matrix[1][2]   0.02025632 
_atom_sites.fract_transf_matrix[1][3]   0.00865085 
_atom_sites.fract_transf_matrix[2][1]   -0.01178402 
_atom_sites.fract_transf_matrix[2][2]   0.00038195 
_atom_sites.fract_transf_matrix[2][3]   -0.01066179 
_atom_sites.fract_transf_matrix[3][1]   -0.01446475 
_atom_sites.fract_transf_matrix[3][2]   -0.01176794 
_atom_sites.fract_transf_matrix[3][3]   0.01556569 
_atom_sites.fract_transf_vector[1]      -0.451296 
_atom_sites.fract_transf_vector[2]      -0.087717 
_atom_sites.fract_transf_vector[3]      -0.698372 
# 
loop_
_atom_type.symbol 
C  
FE 
N  
O  
S  
# 
loop_
_atom_site.group_PDB 
_atom_site.id 
_atom_site.type_symbol 
_atom_site.label_atom_id 
_atom_site.label_alt_id 
_atom_site.label_comp_id 
_atom_site.label_asym_id 
_atom_site.label_entity_id 
_atom_site.label_seq_id 
_atom_site.pdbx_PDB_ins_code 
_atom_site.Cartn_x 
_atom_site.Cartn_y 
_atom_site.Cartn_z 
_atom_site.occupancy 
_atom_site.B_iso_or_equiv 
_atom_site.pdbx_formal_charge 
_atom_site.auth_seq_id 
_atom_site.auth_comp_id 
_atom_site.auth_asym_id 
_atom_site.auth_atom_id 
_atom_site.pdbx_PDB_model_num 
ATOM   1    N  N   . ALA A 1 1   ? 20.649  -6.780  -8.335  1.00 47.78 ? 1   ALA A N   1 
ATOM   2    C  CA  . ALA A 1 1   ? 19.794  -6.093  -7.386  1.00 47.32 ? 1   ALA A CA  1 
ATOM   3    C  C   . ALA A 1 1   ? 18.805  -5.193  -8.135  1.00 46.87 ? 1   ALA A C   1 
ATOM   4    O  O   . ALA A 1 1   ? 19.224  -4.417  -9.011  1.00 47.51 ? 1   ALA A O   1 
ATOM   5    C  CB  . ALA A 1 1   ? 20.586  -5.209  -6.437  1.00 48.10 ? 1   ALA A CB  1 
ATOM   6    N  N   . PRO A 1 2   ? 17.561  -5.373  -7.727  1.00 45.91 ? 2   PRO A N   1 
ATOM   7    C  CA  . PRO A 1 2   ? 16.450  -4.576  -8.298  1.00 44.68 ? 2   PRO A CA  1 
ATOM   8    C  C   . PRO A 1 2   ? 16.745  -3.158  -7.857  1.00 43.64 ? 2   PRO A C   1 
ATOM   9    O  O   . PRO A 1 2   ? 17.504  -2.964  -6.881  1.00 44.05 ? 2   PRO A O   1 
ATOM   10   C  CB  . PRO A 1 2   ? 15.219  -5.172  -7.649  1.00 44.86 ? 2   PRO A CB  1 
ATOM   11   C  CG  . PRO A 1 2   ? 15.708  -5.705  -6.330  1.00 45.46 ? 2   PRO A CG  1 
ATOM   12   C  CD  . PRO A 1 2   ? 17.095  -6.271  -6.656  1.00 45.84 ? 2   PRO A CD  1 
ATOM   13   N  N   . LYS A 1 3   ? 16.358  -2.188  -8.672  1.00 41.07 ? 3   LYS A N   1 
ATOM   14   C  CA  . LYS A 1 3   ? 16.650  -0.800  -8.205  1.00 39.25 ? 3   LYS A CA  1 
ATOM   15   C  C   . LYS A 1 3   ? 15.232  -0.272  -7.956  1.00 37.72 ? 3   LYS A C   1 
ATOM   16   O  O   . LYS A 1 3   ? 14.334  -0.803  -8.648  1.00 37.87 ? 3   LYS A O   1 
ATOM   17   C  CB  . LYS A 1 3   ? 17.452  0.018   -9.158  1.00 40.37 ? 3   LYS A CB  1 
ATOM   18   C  CG  . LYS A 1 3   ? 18.959  0.140   -8.881  1.00 41.65 ? 3   LYS A CG  1 
ATOM   19   C  CD  . LYS A 1 3   ? 19.371  1.613   -8.687  1.00 42.15 ? 3   LYS A CD  1 
ATOM   20   C  CE  . LYS A 1 3   ? 19.268  2.440   -9.950  1.00 43.17 ? 3   LYS A CE  1 
ATOM   21   N  NZ  . LYS A 1 3   ? 19.122  3.900   -9.694  1.00 43.55 ? 3   LYS A NZ  1 
ATOM   22   N  N   . ALA A 1 4   ? 15.076  0.623   -7.030  1.00 35.21 ? 4   ALA A N   1 
ATOM   23   C  CA  . ALA A 1 4   ? 13.774  1.241   -6.701  1.00 32.63 ? 4   ALA A CA  1 
ATOM   24   C  C   . ALA A 1 4   ? 13.490  2.284   -7.770  1.00 30.86 ? 4   ALA A C   1 
ATOM   25   O  O   . ALA A 1 4   ? 14.405  3.072   -8.093  1.00 30.13 ? 4   ALA A O   1 
ATOM   26   C  CB  . ALA A 1 4   ? 14.001  2.005   -5.381  1.00 32.42 ? 4   ALA A CB  1 
ATOM   27   N  N   . PRO A 1 5   ? 12.293  2.287   -8.316  1.00 29.34 ? 5   PRO A N   1 
ATOM   28   C  CA  . PRO A 1 5   ? 11.978  3.283   -9.363  1.00 28.11 ? 5   PRO A CA  1 
ATOM   29   C  C   . PRO A 1 5   ? 12.115  4.672   -8.792  1.00 26.41 ? 5   PRO A C   1 
ATOM   30   O  O   . PRO A 1 5   ? 12.405  4.895   -7.604  1.00 26.08 ? 5   PRO A O   1 
ATOM   31   C  CB  . PRO A 1 5   ? 10.579  2.924   -9.831  1.00 28.56 ? 5   PRO A CB  1 
ATOM   32   C  CG  . PRO A 1 5   ? 10.212  1.637   -9.223  1.00 27.96 ? 5   PRO A CG  1 
ATOM   33   C  CD  . PRO A 1 5   ? 11.145  1.440   -8.038  1.00 29.00 ? 5   PRO A CD  1 
ATOM   34   N  N   . ALA A 1 6   ? 11.974  5.660   -9.661  1.00 25.27 ? 6   ALA A N   1 
ATOM   35   C  CA  . ALA A 1 6   ? 12.061  7.055   -9.167  1.00 24.21 ? 6   ALA A CA  1 
ATOM   36   C  C   . ALA A 1 6   ? 10.800  7.255   -8.310  1.00 22.84 ? 6   ALA A C   1 
ATOM   37   O  O   . ALA A 1 6   ? 10.111  6.287   -7.878  1.00 24.60 ? 6   ALA A O   1 
ATOM   38   C  CB  . ALA A 1 6   ? 12.052  8.013   -10.372 1.00 25.18 ? 6   ALA A CB  1 
ATOM   39   N  N   . ASP A 1 7   ? 10.548  8.494   -7.996  1.00 19.87 ? 7   ASP A N   1 
ATOM   40   C  CA  . ASP A 1 7   ? 9.335   8.832   -7.254  1.00 17.27 ? 7   ASP A CA  1 
ATOM   41   C  C   . ASP A 1 7   ? 8.277   9.052   -8.349  1.00 16.22 ? 7   ASP A C   1 
ATOM   42   O  O   . ASP A 1 7   ? 8.587   8.904   -9.538  1.00 14.49 ? 7   ASP A O   1 
ATOM   43   C  CB  . ASP A 1 7   ? 9.549   10.085  -6.422  1.00 16.46 ? 7   ASP A CB  1 
ATOM   44   C  CG  . ASP A 1 7   ? 10.390  9.751   -5.231  1.00 14.93 ? 7   ASP A CG  1 
ATOM   45   O  OD1 . ASP A 1 7   ? 10.458  8.625   -4.769  1.00 14.04 ? 7   ASP A OD1 1 
ATOM   46   O  OD2 . ASP A 1 7   ? 10.967  10.729  -4.729  1.00 17.92 ? 7   ASP A OD2 1 
ATOM   47   N  N   . GLY A 1 8   ? 7.120   9.407   -7.851  1.00 14.95 ? 8   GLY A N   1 
ATOM   48   C  CA  . GLY A 1 8   ? 5.990   9.717   -8.691  1.00 15.05 ? 8   GLY A CA  1 
ATOM   49   C  C   . GLY A 1 8   ? 5.432   8.550   -9.457  1.00 14.38 ? 8   GLY A C   1 
ATOM   50   O  O   . GLY A 1 8   ? 5.068   8.726   -10.607 1.00 13.88 ? 8   GLY A O   1 
ATOM   51   N  N   . LEU A 1 9   ? 5.345   7.407   -8.759  1.00 14.25 ? 9   LEU A N   1 
ATOM   52   C  CA  . LEU A 1 9   ? 4.714   6.255   -9.422  1.00 14.57 ? 9   LEU A CA  1 
ATOM   53   C  C   . LEU A 1 9   ? 3.210   6.445   -9.206  1.00 14.35 ? 9   LEU A C   1 
ATOM   54   O  O   . LEU A 1 9   ? 2.801   6.438   -8.050  1.00 15.22 ? 9   LEU A O   1 
ATOM   55   C  CB  . LEU A 1 9   ? 5.306   4.951   -8.892  1.00 13.64 ? 9   LEU A CB  1 
ATOM   56   C  CG  . LEU A 1 9   ? 6.806   4.844   -9.043  1.00 16.60 ? 9   LEU A CG  1 
ATOM   57   C  CD1 . LEU A 1 9   ? 7.385   3.893   -7.980  1.00 19.13 ? 9   LEU A CD1 1 
ATOM   58   C  CD2 . LEU A 1 9   ? 7.130   4.340   -10.447 1.00 17.87 ? 9   LEU A CD2 1 
ATOM   59   N  N   . LYS A 1 10  ? 2.428   6.526   -10.279 1.00 13.46 ? 10  LYS A N   1 
ATOM   60   C  CA  . LYS A 1 10  ? 0.967   6.687   -10.097 1.00 13.54 ? 10  LYS A CA  1 
ATOM   61   C  C   . LYS A 1 10  ? 0.339   5.309   -10.031 1.00 13.18 ? 10  LYS A C   1 
ATOM   62   O  O   . LYS A 1 10  ? 0.701   4.462   -10.919 1.00 13.32 ? 10  LYS A O   1 
ATOM   63   C  CB  . LYS A 1 10  ? 0.447   7.514   -11.275 1.00 14.41 ? 10  LYS A CB  1 
ATOM   64   C  CG  . LYS A 1 10  ? -0.857  8.242   -10.976 1.00 14.30 ? 10  LYS A CG  1 
ATOM   65   C  CD  . LYS A 1 10  ? -1.654  8.545   -12.223 1.00 16.36 ? 10  LYS A CD  1 
ATOM   66   C  CE  . LYS A 1 10  ? -0.888  9.298   -13.304 1.00 17.09 ? 10  LYS A CE  1 
ATOM   67   N  NZ  . LYS A 1 10  ? -1.866  9.985   -14.231 1.00 17.28 ? 10  LYS A NZ  1 
ATOM   68   N  N   . MET A 1 11  ? -0.442  4.986   -9.049  1.00 12.34 ? 11  MET A N   1 
ATOM   69   C  CA  . MET A 1 11  ? -1.167  3.689   -8.897  1.00 12.40 ? 11  MET A CA  1 
ATOM   70   C  C   . MET A 1 11  ? -2.579  4.084   -9.367  1.00 12.40 ? 11  MET A C   1 
ATOM   71   O  O   . MET A 1 11  ? -3.146  5.013   -8.726  1.00 11.92 ? 11  MET A O   1 
ATOM   72   C  CB  . MET A 1 11  ? -1.189  3.127   -7.478  1.00 12.36 ? 11  MET A CB  1 
ATOM   73   C  CG  . MET A 1 11  ? 0.145   3.058   -6.862  1.00 13.45 ? 11  MET A CG  1 
ATOM   74   S  SD  . MET A 1 11  ? 0.285   2.431   -5.202  1.00 14.24 ? 11  MET A SD  1 
ATOM   75   C  CE  . MET A 1 11  ? -0.136  0.723   -5.290  1.00 9.99  ? 11  MET A CE  1 
ATOM   76   N  N   . GLU A 1 12  ? -3.069  3.566   -10.464 1.00 13.63 ? 12  GLU A N   1 
ATOM   77   C  CA  . GLU A 1 12  ? -4.341  3.938   -11.041 1.00 13.72 ? 12  GLU A CA  1 
ATOM   78   C  C   . GLU A 1 12  ? -5.227  2.864   -11.585 1.00 14.91 ? 12  GLU A C   1 
ATOM   79   O  O   . GLU A 1 12  ? -5.853  3.077   -12.660 1.00 16.14 ? 12  GLU A O   1 
ATOM   80   C  CB  . GLU A 1 12  ? -4.217  5.011   -12.128 1.00 15.91 ? 12  GLU A CB  1 
ATOM   81   C  CG  . GLU A 1 12  ? -3.331  4.696   -13.309 1.00 16.93 ? 12  GLU A CG  1 
ATOM   82   C  CD  . GLU A 1 12  ? -3.108  5.763   -14.332 1.00 20.19 ? 12  GLU A CD  1 
ATOM   83   O  OE1 . GLU A 1 12  ? -3.884  6.648   -14.602 1.00 21.74 ? 12  GLU A OE1 1 
ATOM   84   O  OE2 . GLU A 1 12  ? -1.998  5.613   -14.911 1.00 22.26 ? 12  GLU A OE2 1 
ATOM   85   N  N   . ALA A 1 13  ? -5.443  1.780   -10.855 1.00 14.96 ? 13  ALA A N   1 
ATOM   86   C  CA  . ALA A 1 13  ? -6.369  0.728   -11.212 1.00 15.35 ? 13  ALA A CA  1 
ATOM   87   C  C   . ALA A 1 13  ? -7.829  1.097   -10.880 1.00 16.02 ? 13  ALA A C   1 
ATOM   88   O  O   . ALA A 1 13  ? -8.750  0.397   -11.342 1.00 16.45 ? 13  ALA A O   1 
ATOM   89   C  CB  . ALA A 1 13  ? -5.991  -0.505  -10.429 1.00 15.70 ? 13  ALA A CB  1 
ATOM   90   N  N   . THR A 1 14  ? -8.025  2.104   -10.060 1.00 15.21 ? 14  THR A N   1 
ATOM   91   C  CA  . THR A 1 14  ? -9.348  2.570   -9.582  1.00 13.80 ? 14  THR A CA  1 
ATOM   92   C  C   . THR A 1 14  ? -9.560  4.034   -9.903  1.00 13.09 ? 14  THR A C   1 
ATOM   93   O  O   . THR A 1 14  ? -8.629  4.695   -10.345 1.00 12.76 ? 14  THR A O   1 
ATOM   94   C  CB  . THR A 1 14  ? -9.449  2.382   -8.014  1.00 12.11 ? 14  THR A CB  1 
ATOM   95   O  OG1 . THR A 1 14  ? -8.719  3.540   -7.473  1.00 14.35 ? 14  THR A OG1 1 
ATOM   96   C  CG2 . THR A 1 14  ? -8.910  1.069   -7.488  1.00 12.01 ? 14  THR A CG2 1 
ATOM   97   N  N   . LYS A 1 15  ? -10.691 4.540   -9.530  1.00 14.69 ? 15  LYS A N   1 
ATOM   98   C  CA  . LYS A 1 15  ? -11.138 5.924   -9.682  1.00 15.57 ? 15  LYS A CA  1 
ATOM   99   C  C   . LYS A 1 15  ? -10.489 6.903   -8.739  1.00 15.70 ? 15  LYS A C   1 
ATOM   100  O  O   . LYS A 1 15  ? -10.664 8.152   -8.898  1.00 15.62 ? 15  LYS A O   1 
ATOM   101  C  CB  . LYS A 1 15  ? -12.641 6.043   -9.545  1.00 17.05 ? 15  LYS A CB  1 
ATOM   102  C  CG  . LYS A 1 15  ? -13.235 5.812   -8.159  1.00 19.27 ? 15  LYS A CG  1 
ATOM   103  C  CD  . LYS A 1 15  ? -14.424 6.770   -7.933  1.00 23.16 ? 15  LYS A CD  1 
ATOM   104  C  CE  . LYS A 1 15  ? -15.132 7.181   -9.222  1.00 23.85 ? 15  LYS A CE  1 
ATOM   105  N  NZ  . LYS A 1 15  ? -15.935 8.408   -9.041  1.00 27.90 ? 15  LYS A NZ  1 
ATOM   106  N  N   . GLN A 1 16  ? -9.743  6.393   -7.759  1.00 15.70 ? 16  GLN A N   1 
ATOM   107  C  CA  . GLN A 1 16  ? -9.016  7.246   -6.807  1.00 14.44 ? 16  GLN A CA  1 
ATOM   108  C  C   . GLN A 1 16  ? -7.509  6.944   -6.846  1.00 14.00 ? 16  GLN A C   1 
ATOM   109  O  O   . GLN A 1 16  ? -7.075  6.361   -5.826  1.00 14.23 ? 16  GLN A O   1 
ATOM   110  C  CB  . GLN A 1 16  ? -9.399  7.010   -5.345  1.00 15.84 ? 16  GLN A CB  1 
ATOM   111  C  CG  . GLN A 1 16  ? -10.849 6.926   -5.029  1.00 19.04 ? 16  GLN A CG  1 
ATOM   112  C  CD  . GLN A 1 16  ? -11.393 8.216   -4.467  1.00 20.74 ? 16  GLN A CD  1 
ATOM   113  O  OE1 . GLN A 1 16  ? -11.337 9.279   -5.053  1.00 21.02 ? 16  GLN A OE1 1 
ATOM   114  N  NE2 . GLN A 1 16  ? -11.888 8.033   -3.234  1.00 23.76 ? 16  GLN A NE2 1 
ATOM   115  N  N   . PRO A 1 17  ? -6.804  7.348   -7.876  1.00 13.20 ? 17  PRO A N   1 
ATOM   116  C  CA  . PRO A 1 17  ? -5.371  7.186   -7.969  1.00 12.13 ? 17  PRO A CA  1 
ATOM   117  C  C   . PRO A 1 17  ? -4.607  7.841   -6.838  1.00 11.97 ? 17  PRO A C   1 
ATOM   118  O  O   . PRO A 1 17  ? -4.875  8.940   -6.263  1.00 12.93 ? 17  PRO A O   1 
ATOM   119  C  CB  . PRO A 1 17  ? -4.965  7.702   -9.334  1.00 12.26 ? 17  PRO A CB  1 
ATOM   120  C  CG  . PRO A 1 17  ? -6.185  8.332   -9.949  1.00 13.51 ? 17  PRO A CG  1 
ATOM   121  C  CD  . PRO A 1 17  ? -7.345  8.093   -9.033  1.00 12.91 ? 17  PRO A CD  1 
ATOM   122  N  N   . VAL A 1 18  ? -3.511  7.192   -6.516  1.00 10.78 ? 18  VAL A N   1 
ATOM   123  C  CA  . VAL A 1 18  ? -2.564  7.580   -5.475  1.00 9.96  ? 18  VAL A CA  1 
ATOM   124  C  C   . VAL A 1 18  ? -1.152  7.551   -5.994  1.00 10.16 ? 18  VAL A C   1 
ATOM   125  O  O   . VAL A 1 18  ? -0.810  6.737   -6.866  1.00 11.48 ? 18  VAL A O   1 
ATOM   126  C  CB  . VAL A 1 18  ? -2.802  6.629   -4.272  1.00 9.48  ? 18  VAL A CB  1 
ATOM   127  C  CG1 . VAL A 1 18  ? -1.745  6.823   -3.204  1.00 9.73  ? 18  VAL A CG1 1 
ATOM   128  C  CG2 . VAL A 1 18  ? -4.201  6.784   -3.794  1.00 8.40  ? 18  VAL A CG2 1 
ATOM   129  N  N   . VAL A 1 19  ? -0.345  8.491   -5.550  1.00 10.21 ? 19  VAL A N   1 
ATOM   130  C  CA  . VAL A 1 19  ? 1.052   8.595   -5.928  1.00 10.06 ? 19  VAL A CA  1 
ATOM   131  C  C   . VAL A 1 19  ? 1.996   7.962   -4.913  1.00 10.08 ? 19  VAL A C   1 
ATOM   132  O  O   . VAL A 1 19  ? 2.080   8.418   -3.767  1.00 9.97  ? 19  VAL A O   1 
ATOM   133  C  CB  . VAL A 1 19  ? 1.412   10.072  -6.223  1.00 11.42 ? 19  VAL A CB  1 
ATOM   134  C  CG1 . VAL A 1 19  ? 2.876   10.315  -6.504  1.00 9.38  ? 19  VAL A CG1 1 
ATOM   135  C  CG2 . VAL A 1 19  ? 0.571   10.566  -7.444  1.00 11.57 ? 19  VAL A CG2 1 
ATOM   136  N  N   . PHE A 1 20  ? 2.748   6.944   -5.364  1.00 9.09  ? 20  PHE A N   1 
ATOM   137  C  CA  . PHE A 1 20  ? 3.765   6.307   -4.520  1.00 9.31  ? 20  PHE A CA  1 
ATOM   138  C  C   . PHE A 1 20  ? 5.184   6.820   -4.776  1.00 9.89  ? 20  PHE A C   1 
ATOM   139  O  O   . PHE A 1 20  ? 5.718   6.883   -5.925  1.00 10.68 ? 20  PHE A O   1 
ATOM   140  C  CB  . PHE A 1 20  ? 3.642   4.767   -4.604  1.00 10.38 ? 20  PHE A CB  1 
ATOM   141  C  CG  . PHE A 1 20  ? 4.528   4.176   -3.544  1.00 9.86  ? 20  PHE A CG  1 
ATOM   142  C  CD1 . PHE A 1 20  ? 4.048   4.073   -2.253  1.00 8.47  ? 20  PHE A CD1 1 
ATOM   143  C  CD2 . PHE A 1 20  ? 5.841   3.851   -3.842  1.00 9.92  ? 20  PHE A CD2 1 
ATOM   144  C  CE1 . PHE A 1 20  ? 4.858   3.587   -1.271  1.00 9.88  ? 20  PHE A CE1 1 
ATOM   145  C  CE2 . PHE A 1 20  ? 6.723   3.371   -2.845  1.00 10.07 ? 20  PHE A CE2 1 
ATOM   146  C  CZ  . PHE A 1 20  ? 6.187   3.224   -1.557  1.00 10.74 ? 20  PHE A CZ  1 
ATOM   147  N  N   . ASN A 1 21  ? 5.887   7.239   -3.751  1.00 10.08 ? 21  ASN A N   1 
ATOM   148  C  CA  . ASN A 1 21  ? 7.256   7.753   -3.793  1.00 11.56 ? 21  ASN A CA  1 
ATOM   149  C  C   . ASN A 1 21  ? 8.204   6.796   -3.071  1.00 12.07 ? 21  ASN A C   1 
ATOM   150  O  O   . ASN A 1 21  ? 7.966   6.575   -1.895  1.00 12.06 ? 21  ASN A O   1 
ATOM   151  C  CB  . ASN A 1 21  ? 7.248   9.127   -3.056  1.00 10.43 ? 21  ASN A CB  1 
ATOM   152  C  CG  . ASN A 1 21  ? 6.480   10.138  -3.851  1.00 11.95 ? 21  ASN A CG  1 
ATOM   153  O  OD1 . ASN A 1 21  ? 6.583   10.152  -5.085  1.00 7.78  ? 21  ASN A OD1 1 
ATOM   154  N  ND2 . ASN A 1 21  ? 5.692   10.974  -3.188  1.00 12.00 ? 21  ASN A ND2 1 
ATOM   155  N  N   . HIS A 1 22  ? 9.221   6.229   -3.710  1.00 13.50 ? 22  HIS A N   1 
ATOM   156  C  CA  . HIS A 1 22  ? 10.120  5.315   -2.932  1.00 14.29 ? 22  HIS A CA  1 
ATOM   157  C  C   . HIS A 1 22  ? 10.962  6.107   -1.971  1.00 14.36 ? 22  HIS A C   1 
ATOM   158  O  O   . HIS A 1 22  ? 11.359  5.622   -0.887  1.00 13.91 ? 22  HIS A O   1 
ATOM   159  C  CB  . HIS A 1 22  ? 11.039  4.446   -3.860  1.00 13.02 ? 22  HIS A CB  1 
ATOM   160  C  CG  . HIS A 1 22  ? 10.255  3.297   -4.362  1.00 13.54 ? 22  HIS A CG  1 
ATOM   161  N  ND1 . HIS A 1 22  ? 9.422   3.323   -5.460  1.00 12.54 ? 22  HIS A ND1 1 
ATOM   162  C  CD2 . HIS A 1 22  ? 10.180  2.054   -3.868  1.00 13.13 ? 22  HIS A CD2 1 
ATOM   163  C  CE1 . HIS A 1 22  ? 8.839   2.181   -5.595  1.00 14.18 ? 22  HIS A CE1 1 
ATOM   164  N  NE2 . HIS A 1 22  ? 9.319   1.365   -4.667  1.00 14.48 ? 22  HIS A NE2 1 
ATOM   165  N  N   . SER A 1 23  ? 11.234  7.383   -2.260  1.00 15.51 ? 23  SER A N   1 
ATOM   166  C  CA  . SER A 1 23  ? 12.074  8.185   -1.363  1.00 14.84 ? 23  SER A CA  1 
ATOM   167  C  C   . SER A 1 23  ? 11.588  8.391   0.033   1.00 15.37 ? 23  SER A C   1 
ATOM   168  O  O   . SER A 1 23  ? 12.446  8.474   0.946   1.00 15.56 ? 23  SER A O   1 
ATOM   169  C  CB  . SER A 1 23  ? 12.440  9.546   -1.931  1.00 16.52 ? 23  SER A CB  1 
ATOM   170  O  OG  . SER A 1 23  ? 11.353  10.302  -2.279  1.00 17.51 ? 23  SER A OG  1 
ATOM   171  N  N   . THR A 1 24  ? 10.308  8.564   0.251   1.00 15.33 ? 24  THR A N   1 
ATOM   172  C  CA  . THR A 1 24  ? 9.796   8.838   1.597   1.00 15.60 ? 24  THR A CA  1 
ATOM   173  C  C   . THR A 1 24  ? 9.555   7.581   2.383   1.00 16.03 ? 24  THR A C   1 
ATOM   174  O  O   . THR A 1 24  ? 9.113   7.660   3.553   1.00 17.11 ? 24  THR A O   1 
ATOM   175  C  CB  . THR A 1 24  ? 8.526   9.791   1.483   1.00 15.06 ? 24  THR A CB  1 
ATOM   176  O  OG1 . THR A 1 24  ? 7.714   8.928   0.620   1.00 15.08 ? 24  THR A OG1 1 
ATOM   177  C  CG2 . THR A 1 24  ? 8.822   11.114  0.807   1.00 13.34 ? 24  THR A CG2 1 
ATOM   178  N  N   . HIS A 1 25  ? 9.877   6.415   1.783   1.00 16.38 ? 25  HIS A N   1 
ATOM   179  C  CA  . HIS A 1 25  ? 9.756   5.141   2.434   1.00 16.06 ? 25  HIS A CA  1 
ATOM   180  C  C   . HIS A 1 25  ? 11.116  4.435   2.628   1.00 18.03 ? 25  HIS A C   1 
ATOM   181  O  O   . HIS A 1 25  ? 11.045  3.178   2.706   1.00 18.11 ? 25  HIS A O   1 
ATOM   182  C  CB  . HIS A 1 25  ? 8.852   4.154   1.645   1.00 14.58 ? 25  HIS A CB  1 
ATOM   183  C  CG  . HIS A 1 25  ? 7.427   4.662   1.765   1.00 12.26 ? 25  HIS A CG  1 
ATOM   184  N  ND1 . HIS A 1 25  ? 6.908   5.591   0.923   1.00 13.23 ? 25  HIS A ND1 1 
ATOM   185  C  CD2 . HIS A 1 25  ? 6.481   4.295   2.611   1.00 12.45 ? 25  HIS A CD2 1 
ATOM   186  C  CE1 . HIS A 1 25  ? 5.628   5.794   1.265   1.00 12.40 ? 25  HIS A CE1 1 
ATOM   187  N  NE2 . HIS A 1 25  ? 5.335   5.001   2.279   1.00 11.18 ? 25  HIS A NE2 1 
ATOM   188  N  N   . LYS A 1 26  ? 12.197  5.156   2.691   1.00 18.96 ? 26  LYS A N   1 
ATOM   189  C  CA  . LYS A 1 26  ? 13.554  4.614   2.817   1.00 20.99 ? 26  LYS A CA  1 
ATOM   190  C  C   . LYS A 1 26  ? 13.807  3.887   4.116   1.00 20.54 ? 26  LYS A C   1 
ATOM   191  O  O   . LYS A 1 26  ? 14.776  3.089   4.084   1.00 21.68 ? 26  LYS A O   1 
ATOM   192  C  CB  . LYS A 1 26  ? 14.668  5.622   2.600   1.00 23.74 ? 26  LYS A CB  1 
ATOM   193  C  CG  . LYS A 1 26  ? 15.431  5.504   1.303   1.00 26.56 ? 26  LYS A CG  1 
ATOM   194  C  CD  . LYS A 1 26  ? 15.579  6.834   0.591   1.00 29.34 ? 26  LYS A CD  1 
ATOM   195  C  CE  . LYS A 1 26  ? 16.719  7.710   1.009   1.00 31.77 ? 26  LYS A CE  1 
ATOM   196  N  NZ  . LYS A 1 26  ? 16.999  7.745   2.481   1.00 32.80 ? 26  LYS A NZ  1 
ATOM   197  N  N   . SER A 1 27  ? 12.976  4.079   5.119   1.00 19.36 ? 27  SER A N   1 
ATOM   198  C  CA  . SER A 1 27  ? 13.109  3.424   6.408   1.00 18.68 ? 27  SER A CA  1 
ATOM   199  C  C   . SER A 1 27  ? 12.348  2.119   6.545   1.00 17.45 ? 27  SER A C   1 
ATOM   200  O  O   . SER A 1 27  ? 12.307  1.470   7.612   1.00 17.20 ? 27  SER A O   1 
ATOM   201  C  CB  . SER A 1 27  ? 12.724  4.411   7.516   1.00 21.33 ? 27  SER A CB  1 
ATOM   202  O  OG  . SER A 1 27  ? 11.294  4.438   7.607   1.00 23.81 ? 27  SER A OG  1 
ATOM   203  N  N   . VAL A 1 28  ? 11.729  1.659   5.464   1.00 16.67 ? 28  VAL A N   1 
ATOM   204  C  CA  . VAL A 1 28  ? 11.000  0.444   5.324   1.00 15.91 ? 28  VAL A CA  1 
ATOM   205  C  C   . VAL A 1 28  ? 11.783  -0.511  4.425   1.00 16.19 ? 28  VAL A C   1 
ATOM   206  O  O   . VAL A 1 28  ? 12.263  -0.083  3.345   1.00 16.93 ? 28  VAL A O   1 
ATOM   207  C  CB  . VAL A 1 28  ? 9.600   0.706   4.805   1.00 15.87 ? 28  VAL A CB  1 
ATOM   208  C  CG1 . VAL A 1 28  ? 8.824   -0.589  4.770   1.00 16.11 ? 28  VAL A CG1 1 
ATOM   209  C  CG2 . VAL A 1 28  ? 8.832   1.753   5.573   1.00 15.61 ? 28  VAL A CG2 1 
ATOM   210  N  N   . LYS A 1 29  ? 11.871  -1.749  4.777   1.00 16.20 ? 29  LYS A N   1 
ATOM   211  C  CA  . LYS A 1 29  ? 12.573  -2.817  4.028   1.00 16.33 ? 29  LYS A CA  1 
ATOM   212  C  C   . LYS A 1 29  ? 11.787  -3.103  2.764   1.00 15.72 ? 29  LYS A C   1 
ATOM   213  O  O   . LYS A 1 29  ? 10.548  -3.007  2.865   1.00 15.67 ? 29  LYS A O   1 
ATOM   214  C  CB  . LYS A 1 29  ? 12.784  -4.063  4.879   1.00 18.17 ? 29  LYS A CB  1 
ATOM   215  C  CG  . LYS A 1 29  ? 14.153  -4.137  5.574   1.00 20.01 ? 29  LYS A CG  1 
ATOM   216  C  CD  . LYS A 1 29  ? 14.950  -2.857  5.738   1.00 21.53 ? 29  LYS A CD  1 
ATOM   217  C  CE  . LYS A 1 29  ? 16.262  -2.808  4.973   1.00 22.18 ? 29  LYS A CE  1 
ATOM   218  N  NZ  . LYS A 1 29  ? 16.783  -4.164  4.665   1.00 21.81 ? 29  LYS A NZ  1 
ATOM   219  N  N   . CYS A 1 30  ? 12.443  -3.323  1.629   1.00 14.41 ? 30  CYS A N   1 
ATOM   220  C  CA  . CYS A 1 30  ? 11.661  -3.556  0.409   1.00 14.49 ? 30  CYS A CA  1 
ATOM   221  C  C   . CYS A 1 30  ? 10.586  -4.596  0.671   1.00 13.94 ? 30  CYS A C   1 
ATOM   222  O  O   . CYS A 1 30  ? 9.458   -4.510  0.176   1.00 13.48 ? 30  CYS A O   1 
ATOM   223  C  CB  . CYS A 1 30  ? 12.597  -4.042  -0.734  1.00 16.18 ? 30  CYS A CB  1 
ATOM   224  S  SG  . CYS A 1 30  ? 14.221  -3.234  -0.827  1.00 17.24 ? 30  CYS A SG  1 
ATOM   225  N  N   . GLY A 1 31  ? 10.956  -5.644  1.385   1.00 13.61 ? 31  GLY A N   1 
ATOM   226  C  CA  . GLY A 1 31  ? 10.226  -6.809  1.778   1.00 13.53 ? 31  GLY A CA  1 
ATOM   227  C  C   . GLY A 1 31  ? 8.960   -6.634  2.586   1.00 14.17 ? 31  GLY A C   1 
ATOM   228  O  O   . GLY A 1 31  ? 8.126   -7.570  2.697   1.00 14.83 ? 31  GLY A O   1 
ATOM   229  N  N   . ASP A 1 32  ? 8.801   -5.443  3.154   1.00 14.69 ? 32  ASP A N   1 
ATOM   230  C  CA  . ASP A 1 32  ? 7.528   -5.158  3.887   1.00 14.60 ? 32  ASP A CA  1 
ATOM   231  C  C   . ASP A 1 32  ? 6.460   -4.900  2.841   1.00 13.86 ? 32  ASP A C   1 
ATOM   232  O  O   . ASP A 1 32  ? 5.266   -5.073  3.145   1.00 15.73 ? 32  ASP A O   1 
ATOM   233  C  CB  . ASP A 1 32  ? 7.632   -4.095  4.952   1.00 13.54 ? 32  ASP A CB  1 
ATOM   234  C  CG  . ASP A 1 32  ? 8.171   -4.566  6.260   1.00 15.16 ? 32  ASP A CG  1 
ATOM   235  O  OD1 . ASP A 1 32  ? 7.883   -5.669  6.753   1.00 16.71 ? 32  ASP A OD1 1 
ATOM   236  O  OD2 . ASP A 1 32  ? 8.948   -3.821  6.886   1.00 16.79 ? 32  ASP A OD2 1 
ATOM   237  N  N   . CYS A 1 33  ? 6.829   -4.665  1.585   1.00 13.16 ? 33  CYS A N   1 
ATOM   238  C  CA  . CYS A 1 33  ? 5.805   -4.415  0.530   1.00 12.23 ? 33  CYS A CA  1 
ATOM   239  C  C   . CYS A 1 33  ? 5.901   -5.412  -0.584  1.00 12.44 ? 33  CYS A C   1 
ATOM   240  O  O   . CYS A 1 33  ? 4.915   -6.001  -0.981  1.00 12.62 ? 33  CYS A O   1 
ATOM   241  C  CB  . CYS A 1 33  ? 5.889   -2.969  0.070   1.00 12.11 ? 33  CYS A CB  1 
ATOM   242  S  SG  . CYS A 1 33  ? 5.852   -1.800  1.467   1.00 11.58 ? 33  CYS A SG  1 
ATOM   243  N  N   . HIS A 1 34  ? 7.105   -5.565  -1.115  1.00 12.67 ? 34  HIS A N   1 
ATOM   244  C  CA  . HIS A 1 34  ? 7.438   -6.536  -2.164  1.00 12.40 ? 34  HIS A CA  1 
ATOM   245  C  C   . HIS A 1 34  ? 7.723   -7.833  -1.372  1.00 13.31 ? 34  HIS A C   1 
ATOM   246  O  O   . HIS A 1 34  ? 8.873   -8.268  -1.251  1.00 14.12 ? 34  HIS A O   1 
ATOM   247  C  CB  . HIS A 1 34  ? 8.763   -6.117  -2.875  1.00 9.40  ? 34  HIS A CB  1 
ATOM   248  C  CG  . HIS A 1 34  ? 8.448   -4.767  -3.534  1.00 7.56  ? 34  HIS A CG  1 
ATOM   249  N  ND1 . HIS A 1 34  ? 7.512   -4.673  -4.485  1.00 7.47  ? 34  HIS A ND1 1 
ATOM   250  C  CD2 . HIS A 1 34  ? 9.025   -3.582  -3.351  1.00 5.18  ? 34  HIS A CD2 1 
ATOM   251  C  CE1 . HIS A 1 34  ? 7.461   -3.390  -4.873  1.00 6.46  ? 34  HIS A CE1 1 
ATOM   252  N  NE2 . HIS A 1 34  ? 8.348   -2.741  -4.237  1.00 5.81  ? 34  HIS A NE2 1 
ATOM   253  N  N   . HIS A 1 35  ? 6.643   -8.330  -0.805  1.00 13.84 ? 35  HIS A N   1 
ATOM   254  C  CA  . HIS A 1 35  ? 6.745   -9.463  0.129   1.00 14.73 ? 35  HIS A CA  1 
ATOM   255  C  C   . HIS A 1 35  ? 6.996   -10.815 -0.487  1.00 16.40 ? 35  HIS A C   1 
ATOM   256  O  O   . HIS A 1 35  ? 6.871   -11.036 -1.692  1.00 16.41 ? 35  HIS A O   1 
ATOM   257  C  CB  . HIS A 1 35  ? 5.521   -9.504  1.115   1.00 10.29 ? 35  HIS A CB  1 
ATOM   258  C  CG  . HIS A 1 35  ? 4.296   -9.770  0.285   1.00 9.00  ? 35  HIS A CG  1 
ATOM   259  N  ND1 . HIS A 1 35  ? 3.921   -11.040 -0.073  1.00 8.55  ? 35  HIS A ND1 1 
ATOM   260  C  CD2 . HIS A 1 35  ? 3.410   -8.938  -0.249  1.00 8.42  ? 35  HIS A CD2 1 
ATOM   261  C  CE1 . HIS A 1 35  ? 2.863   -10.961 -0.819  1.00 9.42  ? 35  HIS A CE1 1 
ATOM   262  N  NE2 . HIS A 1 35  ? 2.481   -9.698  -0.950  1.00 7.81  ? 35  HIS A NE2 1 
ATOM   263  N  N   . PRO A 1 36  ? 7.397   -11.732 0.385   1.00 18.21 ? 36  PRO A N   1 
ATOM   264  C  CA  . PRO A 1 36  ? 7.783   -13.070 -0.051  1.00 19.41 ? 36  PRO A CA  1 
ATOM   265  C  C   . PRO A 1 36  ? 6.615   -13.815 -0.616  1.00 20.06 ? 36  PRO A C   1 
ATOM   266  O  O   . PRO A 1 36  ? 5.481   -13.790 -0.103  1.00 21.90 ? 36  PRO A O   1 
ATOM   267  C  CB  . PRO A 1 36  ? 8.478   -13.683 1.188   1.00 18.96 ? 36  PRO A CB  1 
ATOM   268  C  CG  . PRO A 1 36  ? 8.928   -12.451 1.962   1.00 18.49 ? 36  PRO A CG  1 
ATOM   269  C  CD  . PRO A 1 36  ? 7.673   -11.563 1.836   1.00 18.21 ? 36  PRO A CD  1 
ATOM   270  N  N   . VAL A 1 37  ? 6.857   -14.432 -1.742  1.00 21.05 ? 37  VAL A N   1 
ATOM   271  C  CA  . VAL A 1 37  ? 5.926   -15.286 -2.473  1.00 21.24 ? 37  VAL A CA  1 
ATOM   272  C  C   . VAL A 1 37  ? 6.743   -16.523 -2.925  1.00 22.63 ? 37  VAL A C   1 
ATOM   273  O  O   . VAL A 1 37  ? 7.777   -16.360 -3.581  1.00 22.65 ? 37  VAL A O   1 
ATOM   274  C  CB  . VAL A 1 37  ? 5.107   -14.605 -3.542  1.00 20.37 ? 37  VAL A CB  1 
ATOM   275  C  CG1 . VAL A 1 37  ? 4.210   -15.615 -4.267  1.00 19.46 ? 37  VAL A CG1 1 
ATOM   276  C  CG2 . VAL A 1 37  ? 4.196   -13.503 -2.977  1.00 18.36 ? 37  VAL A CG2 1 
ATOM   277  N  N   . ASN A 1 38  ? 6.249   -17.665 -2.482  1.00 23.09 ? 38  ASN A N   1 
ATOM   278  C  CA  . ASN A 1 38  ? 6.883   -18.962 -2.769  1.00 24.68 ? 38  ASN A CA  1 
ATOM   279  C  C   . ASN A 1 38  ? 8.343   -18.890 -2.322  1.00 25.00 ? 38  ASN A C   1 
ATOM   280  O  O   . ASN A 1 38  ? 9.228   -19.293 -3.084  1.00 25.70 ? 38  ASN A O   1 
ATOM   281  C  CB  . ASN A 1 38  ? 6.708   -19.367 -4.236  1.00 23.82 ? 38  ASN A CB  1 
ATOM   282  C  CG  . ASN A 1 38  ? 5.343   -20.004 -4.452  1.00 25.36 ? 38  ASN A CG  1 
ATOM   283  O  OD1 . ASN A 1 38  ? 5.012   -20.879 -3.638  1.00 26.60 ? 38  ASN A OD1 1 
ATOM   284  N  ND2 . ASN A 1 38  ? 4.558   -19.632 -5.452  1.00 24.16 ? 38  ASN A ND2 1 
ATOM   285  N  N   . GLY A 1 39  ? 8.546   -18.340 -1.150  1.00 25.89 ? 39  GLY A N   1 
ATOM   286  C  CA  . GLY A 1 39  ? 9.831   -18.137 -0.506  1.00 25.54 ? 39  GLY A CA  1 
ATOM   287  C  C   . GLY A 1 39  ? 10.719  -17.066 -1.083  1.00 26.38 ? 39  GLY A C   1 
ATOM   288  O  O   . GLY A 1 39  ? 11.904  -16.990 -0.633  1.00 26.73 ? 39  GLY A O   1 
ATOM   289  N  N   . LYS A 1 40  ? 10.219  -16.018 -1.785  1.00 26.19 ? 40  LYS A N   1 
ATOM   290  C  CA  . LYS A 1 40  ? 11.112  -15.135 -2.548  1.00 26.93 ? 40  LYS A CA  1 
ATOM   291  C  C   . LYS A 1 40  ? 10.378  -13.834 -2.885  1.00 25.69 ? 40  LYS A C   1 
ATOM   292  O  O   . LYS A 1 40  ? 9.183   -13.840 -3.212  1.00 26.12 ? 40  LYS A O   1 
ATOM   293  C  CB  . LYS A 1 40  ? 11.541  -15.862 -3.826  1.00 27.96 ? 40  LYS A CB  1 
ATOM   294  C  CG  . LYS A 1 40  ? 11.896  -14.956 -5.008  1.00 30.11 ? 40  LYS A CG  1 
ATOM   295  C  CD  . LYS A 1 40  ? 12.303  -15.788 -6.232  1.00 31.62 ? 40  LYS A CD  1 
ATOM   296  C  CE  . LYS A 1 40  ? 12.600  -14.966 -7.482  1.00 33.32 ? 40  LYS A CE  1 
ATOM   297  N  NZ  . LYS A 1 40  ? 12.477  -15.758 -8.718  1.00 34.69 ? 40  LYS A NZ  1 
ATOM   298  N  N   . GLU A 1 41  ? 10.918  -12.703 -2.307  1.00 25.28 ? 41  GLU A N   1 
ATOM   299  C  CA  . GLU A 1 41  ? 10.269  -11.368 -2.398  1.00 23.57 ? 41  GLU A CA  1 
ATOM   300  C  C   . GLU A 1 41  ? 9.849   -11.177 -3.850  1.00 23.97 ? 41  GLU A C   1 
ATOM   301  O  O   . GLU A 1 41  ? 10.732  -11.407 -4.734  1.00 24.37 ? 41  GLU A O   1 
ATOM   302  C  CB  . GLU A 1 41  ? 11.233  -10.268 -2.002  1.00 22.44 ? 41  GLU A CB  1 
ATOM   303  C  CG  . GLU A 1 41  ? 11.826  -10.194 -0.593  1.00 21.93 ? 41  GLU A CG  1 
ATOM   304  C  CD  . GLU A 1 41  ? 12.917  -9.221  -0.302  1.00 22.59 ? 41  GLU A CD  1 
ATOM   305  O  OE1 . GLU A 1 41  ? 13.660  -8.724  -1.154  1.00 24.03 ? 41  GLU A OE1 1 
ATOM   306  O  OE2 . GLU A 1 41  ? 13.065  -8.827  0.888   1.00 21.65 ? 41  GLU A OE2 1 
ATOM   307  N  N   . ASP A 1 42  ? 8.603   -10.838 -4.094  1.00 22.82 ? 42  ASP A N   1 
ATOM   308  C  CA  . ASP A 1 42  ? 8.036   -10.645 -5.438  1.00 22.95 ? 42  ASP A CA  1 
ATOM   309  C  C   . ASP A 1 42  ? 7.932   -9.155  -5.778  1.00 22.61 ? 42  ASP A C   1 
ATOM   310  O  O   . ASP A 1 42  ? 7.294   -8.458  -4.978  1.00 21.77 ? 42  ASP A O   1 
ATOM   311  C  CB  . ASP A 1 42  ? 6.650   -11.336 -5.493  1.00 23.64 ? 42  ASP A CB  1 
ATOM   312  C  CG  . ASP A 1 42  ? 6.296   -11.806 -6.885  1.00 24.16 ? 42  ASP A CG  1 
ATOM   313  O  OD1 . ASP A 1 42  ? 6.125   -10.974 -7.805  1.00 24.23 ? 42  ASP A OD1 1 
ATOM   314  O  OD2 . ASP A 1 42  ? 6.185   -13.013 -7.123  1.00 24.84 ? 42  ASP A OD2 1 
ATOM   315  N  N   . TYR A 1 43  ? 8.530   -8.730  -6.870  1.00 22.08 ? 43  TYR A N   1 
ATOM   316  C  CA  . TYR A 1 43  ? 8.552   -7.366  -7.335  1.00 21.46 ? 43  TYR A CA  1 
ATOM   317  C  C   . TYR A 1 43  ? 7.669   -7.031  -8.517  1.00 21.54 ? 43  TYR A C   1 
ATOM   318  O  O   . TYR A 1 43  ? 7.937   -6.022  -9.191  1.00 22.00 ? 43  TYR A O   1 
ATOM   319  C  CB  . TYR A 1 43  ? 9.958   -6.812  -7.647  1.00 20.83 ? 43  TYR A CB  1 
ATOM   320  C  CG  . TYR A 1 43  ? 10.813  -6.758  -6.412  1.00 20.14 ? 43  TYR A CG  1 
ATOM   321  C  CD1 . TYR A 1 43  ? 11.391  -7.926  -5.922  1.00 20.78 ? 43  TYR A CD1 1 
ATOM   322  C  CD2 . TYR A 1 43  ? 10.988  -5.582  -5.706  1.00 20.38 ? 43  TYR A CD2 1 
ATOM   323  C  CE1 . TYR A 1 43  ? 12.154  -7.910  -4.753  1.00 20.92 ? 43  TYR A CE1 1 
ATOM   324  C  CE2 . TYR A 1 43  ? 11.758  -5.531  -4.546  1.00 20.76 ? 43  TYR A CE2 1 
ATOM   325  C  CZ  . TYR A 1 43  ? 12.343  -6.709  -4.093  1.00 20.90 ? 43  TYR A CZ  1 
ATOM   326  O  OH  . TYR A 1 43  ? 13.074  -6.722  -2.935  1.00 22.61 ? 43  TYR A OH  1 
ATOM   327  N  N   . ARG A 1 44  ? 6.635   -7.798  -8.724  1.00 21.74 ? 44  ARG A N   1 
ATOM   328  C  CA  . ARG A 1 44  ? 5.729   -7.406  -9.827  1.00 22.05 ? 44  ARG A CA  1 
ATOM   329  C  C   . ARG A 1 44  ? 4.599   -6.572  -9.211  1.00 21.99 ? 44  ARG A C   1 
ATOM   330  O  O   . ARG A 1 44  ? 4.337   -6.606  -7.979  1.00 22.63 ? 44  ARG A O   1 
ATOM   331  C  CB  . ARG A 1 44  ? 5.308   -8.569  -10.625 1.00 21.43 ? 44  ARG A CB  1 
ATOM   332  C  CG  . ARG A 1 44  ? 4.645   -9.792  -10.122 1.00 22.58 ? 44  ARG A CG  1 
ATOM   333  C  CD  . ARG A 1 44  ? 4.891   -10.968 -11.071 1.00 23.18 ? 44  ARG A CD  1 
ATOM   334  N  NE  . ARG A 1 44  ? 5.297   -12.089 -10.223 1.00 24.47 ? 44  ARG A NE  1 
ATOM   335  C  CZ  . ARG A 1 44  ? 4.982   -13.357 -10.357 1.00 24.51 ? 44  ARG A CZ  1 
ATOM   336  N  NH1 . ARG A 1 44  ? 4.308   -13.853 -11.383 1.00 23.79 ? 44  ARG A NH1 1 
ATOM   337  N  NH2 . ARG A 1 44  ? 5.387   -14.201 -9.392  1.00 24.67 ? 44  ARG A NH2 1 
ATOM   338  N  N   . LYS A 1 45  ? 3.885   -5.888  -10.066 1.00 21.26 ? 45  LYS A N   1 
ATOM   339  C  CA  . LYS A 1 45  ? 2.761   -5.024  -9.654  1.00 21.12 ? 45  LYS A CA  1 
ATOM   340  C  C   . LYS A 1 45  ? 1.805   -5.777  -8.795  1.00 20.73 ? 45  LYS A C   1 
ATOM   341  O  O   . LYS A 1 45  ? 1.424   -6.955  -9.050  1.00 21.54 ? 45  LYS A O   1 
ATOM   342  C  CB  . LYS A 1 45  ? 2.115   -4.437  -10.894 1.00 20.36 ? 45  LYS A CB  1 
ATOM   343  C  CG  . LYS A 1 45  ? 2.957   -3.340  -11.539 1.00 22.46 ? 45  LYS A CG  1 
ATOM   344  C  CD  . LYS A 1 45  ? 2.234   -2.858  -12.811 1.00 22.81 ? 45  LYS A CD  1 
ATOM   345  C  CE  . LYS A 1 45  ? 2.433   -1.382  -13.015 1.00 24.04 ? 45  LYS A CE  1 
ATOM   346  N  NZ  . LYS A 1 45  ? 3.814   -1.115  -13.480 1.00 24.92 ? 45  LYS A NZ  1 
ATOM   347  N  N   . CYS A 1 46  ? 1.350   -5.144  -7.706  1.00 20.01 ? 46  CYS A N   1 
ATOM   348  C  CA  . CYS A 1 46  ? 0.425   -5.764  -6.741  1.00 18.89 ? 46  CYS A CA  1 
ATOM   349  C  C   . CYS A 1 46  ? -0.784  -6.387  -7.366  1.00 19.06 ? 46  CYS A C   1 
ATOM   350  O  O   . CYS A 1 46  ? -1.219  -7.471  -6.954  1.00 18.94 ? 46  CYS A O   1 
ATOM   351  C  CB  . CYS A 1 46  ? -0.068  -4.644  -5.756  1.00 17.15 ? 46  CYS A CB  1 
ATOM   352  S  SG  . CYS A 1 46  ? 1.338   -3.682  -5.207  1.00 17.37 ? 46  CYS A SG  1 
ATOM   353  N  N   . GLY A 1 47  ? -1.366  -5.690  -8.318  1.00 20.77 ? 47  GLY A N   1 
ATOM   354  C  CA  . GLY A 1 47  ? -2.603  -6.068  -9.015  1.00 22.09 ? 47  GLY A CA  1 
ATOM   355  C  C   . GLY A 1 47  ? -2.470  -6.942  -10.235 1.00 24.07 ? 47  GLY A C   1 
ATOM   356  O  O   . GLY A 1 47  ? -3.393  -7.012  -11.086 1.00 24.85 ? 47  GLY A O   1 
ATOM   357  N  N   . THR A 1 48  ? -1.355  -7.637  -10.380 1.00 25.00 ? 48  THR A N   1 
ATOM   358  C  CA  . THR A 1 48  ? -1.069  -8.571  -11.450 1.00 25.49 ? 48  THR A CA  1 
ATOM   359  C  C   . THR A 1 48  ? -2.045  -9.758  -11.395 1.00 26.39 ? 48  THR A C   1 
ATOM   360  O  O   . THR A 1 48  ? -2.556  -10.246 -10.358 1.00 26.61 ? 48  THR A O   1 
ATOM   361  C  CB  . THR A 1 48  ? 0.425   -9.127  -11.328 1.00 26.16 ? 48  THR A CB  1 
ATOM   362  O  OG1 . THR A 1 48  ? 1.347   -8.093  -11.777 1.00 24.59 ? 48  THR A OG1 1 
ATOM   363  C  CG2 . THR A 1 48  ? 0.664   -10.433 -12.062 1.00 25.65 ? 48  THR A CG2 1 
ATOM   364  N  N   . ALA A 1 49  ? -2.245  -10.311 -12.590 1.00 25.96 ? 49  ALA A N   1 
ATOM   365  C  CA  . ALA A 1 49  ? -3.110  -11.476 -12.756 1.00 25.62 ? 49  ALA A CA  1 
ATOM   366  C  C   . ALA A 1 49  ? -2.608  -12.601 -11.864 1.00 25.78 ? 49  ALA A C   1 
ATOM   367  O  O   . ALA A 1 49  ? -1.481  -13.110 -12.074 1.00 26.04 ? 49  ALA A O   1 
ATOM   368  C  CB  . ALA A 1 49  ? -3.043  -11.850 -14.241 1.00 26.27 ? 49  ALA A CB  1 
ATOM   369  N  N   . GLY A 1 50  ? -3.440  -13.041 -10.941 1.00 25.10 ? 50  GLY A N   1 
ATOM   370  C  CA  . GLY A 1 50  ? -3.149  -14.114 -9.998  1.00 24.42 ? 50  GLY A CA  1 
ATOM   371  C  C   . GLY A 1 50  ? -2.661  -13.667 -8.623  1.00 24.25 ? 50  GLY A C   1 
ATOM   372  O  O   . GLY A 1 50  ? -2.394  -14.504 -7.717  1.00 24.47 ? 50  GLY A O   1 
ATOM   373  N  N   . CYS A 1 51  ? -2.450  -12.381 -8.504  1.00 23.34 ? 51  CYS A N   1 
ATOM   374  C  CA  . CYS A 1 51  ? -1.993  -11.664 -7.327  1.00 22.51 ? 51  CYS A CA  1 
ATOM   375  C  C   . CYS A 1 51  ? -3.231  -10.937 -6.958  1.00 22.15 ? 51  CYS A C   1 
ATOM   376  O  O   . CYS A 1 51  ? -4.179  -11.692 -6.664  1.00 22.60 ? 51  CYS A O   1 
ATOM   377  C  CB  . CYS A 1 51  ? -0.885  -10.695 -7.618  1.00 23.37 ? 51  CYS A CB  1 
ATOM   378  S  SG  . CYS A 1 51  ? 0.498   -11.464 -8.491  1.00 23.46 ? 51  CYS A SG  1 
ATOM   379  N  N   . HIS A 1 52  ? -3.226  -9.737  -6.398  1.00 20.74 ? 52  HIS A N   1 
ATOM   380  C  CA  . HIS A 1 52  ? -4.389  -9.010  -5.893  1.00 20.01 ? 52  HIS A CA  1 
ATOM   381  C  C   . HIS A 1 52  ? -5.153  -8.389  -7.040  1.00 19.96 ? 52  HIS A C   1 
ATOM   382  O  O   . HIS A 1 52  ? -5.091  -7.181  -7.319  1.00 19.82 ? 52  HIS A O   1 
ATOM   383  C  CB  . HIS A 1 52  ? -3.931  -7.905  -4.882  1.00 17.27 ? 52  HIS A CB  1 
ATOM   384  C  CG  . HIS A 1 52  ? -2.933  -8.503  -3.950  1.00 14.06 ? 52  HIS A CG  1 
ATOM   385  N  ND1 . HIS A 1 52  ? -3.216  -9.419  -3.026  1.00 15.64 ? 52  HIS A ND1 1 
ATOM   386  C  CD2 . HIS A 1 52  ? -1.625  -8.284  -3.834  1.00 15.31 ? 52  HIS A CD2 1 
ATOM   387  C  CE1 . HIS A 1 52  ? -2.130  -9.767  -2.362  1.00 16.97 ? 52  HIS A CE1 1 
ATOM   388  N  NE2 . HIS A 1 52  ? -1.112  -9.078  -2.834  1.00 14.88 ? 52  HIS A NE2 1 
ATOM   389  N  N   . ASP A 1 53  ? -5.932  -9.231  -7.716  1.00 21.13 ? 53  ASP A N   1 
ATOM   390  C  CA  . ASP A 1 53  ? -6.692  -8.849  -8.904  1.00 21.27 ? 53  ASP A CA  1 
ATOM   391  C  C   . ASP A 1 53  ? -8.172  -8.729  -8.665  1.00 21.82 ? 53  ASP A C   1 
ATOM   392  O  O   . ASP A 1 53  ? -8.893  -8.380  -9.642  1.00 21.40 ? 53  ASP A O   1 
ATOM   393  C  CB  . ASP A 1 53  ? -6.405  -9.829  -10.070 1.00 21.94 ? 53  ASP A CB  1 
ATOM   394  C  CG  . ASP A 1 53  ? -6.631  -11.279 -9.801  1.00 21.82 ? 53  ASP A CG  1 
ATOM   395  O  OD1 . ASP A 1 53  ? -7.399  -11.701 -8.931  1.00 22.31 ? 53  ASP A OD1 1 
ATOM   396  O  OD2 . ASP A 1 53  ? -6.027  -12.151 -10.484 1.00 22.85 ? 53  ASP A OD2 1 
ATOM   397  N  N   . SER A 1 54  ? -8.570  -9.043  -7.441  1.00 21.75 ? 54  SER A N   1 
ATOM   398  C  CA  . SER A 1 54  ? -10.006 -8.957  -7.096  1.00 22.70 ? 54  SER A CA  1 
ATOM   399  C  C   . SER A 1 54  ? -10.403 -7.486  -6.959  1.00 23.48 ? 54  SER A C   1 
ATOM   400  O  O   . SER A 1 54  ? -10.134 -6.859  -5.910  1.00 22.88 ? 54  SER A O   1 
ATOM   401  C  CB  . SER A 1 54  ? -10.327 -9.705  -5.821  1.00 23.38 ? 54  SER A CB  1 
ATOM   402  O  OG  . SER A 1 54  ? -11.745 -9.883  -5.782  1.00 23.84 ? 54  SER A OG  1 
ATOM   403  N  N   . MET A 1 55  ? -11.042 -6.948  -7.982  1.00 23.72 ? 55  MET A N   1 
ATOM   404  C  CA  . MET A 1 55  ? -11.406 -5.517  -7.942  1.00 24.47 ? 55  MET A CA  1 
ATOM   405  C  C   . MET A 1 55  ? -12.723 -5.227  -7.257  1.00 24.87 ? 55  MET A C   1 
ATOM   406  O  O   . MET A 1 55  ? -13.252 -4.100  -7.362  1.00 24.67 ? 55  MET A O   1 
ATOM   407  C  CB  . MET A 1 55  ? -11.243 -4.952  -9.335  1.00 24.68 ? 55  MET A CB  1 
ATOM   408  C  CG  . MET A 1 55  ? -9.851  -5.022  -9.857  1.00 25.55 ? 55  MET A CG  1 
ATOM   409  S  SD  . MET A 1 55  ? -8.775  -3.846  -8.883  1.00 27.13 ? 55  MET A SD  1 
ATOM   410  C  CE  . MET A 1 55  ? -7.192  -4.581  -9.375  1.00 24.44 ? 55  MET A CE  1 
ATOM   411  N  N   . ASP A 1 56  ? -13.272 -6.164  -6.552  1.00 25.95 ? 56  ASP A N   1 
ATOM   412  C  CA  . ASP A 1 56  ? -14.535 -6.075  -5.788  1.00 26.82 ? 56  ASP A CA  1 
ATOM   413  C  C   . ASP A 1 56  ? -14.069 -5.645  -4.384  1.00 27.76 ? 56  ASP A C   1 
ATOM   414  O  O   . ASP A 1 56  ? -13.465 -6.441  -3.656  1.00 26.79 ? 56  ASP A O   1 
ATOM   415  C  CB  . ASP A 1 56  ? -15.264 -7.404  -5.839  1.00 28.27 ? 56  ASP A CB  1 
ATOM   416  C  CG  . ASP A 1 56  ? -16.609 -7.451  -5.149  1.00 30.24 ? 56  ASP A CG  1 
ATOM   417  O  OD1 . ASP A 1 56  ? -17.367 -6.469  -5.049  1.00 31.06 ? 56  ASP A OD1 1 
ATOM   418  O  OD2 . ASP A 1 56  ? -16.901 -8.586  -4.706  1.00 30.67 ? 56  ASP A OD2 1 
ATOM   419  N  N   . LYS A 1 57  ? -14.305 -4.370  -4.106  1.00 28.80 ? 57  LYS A N   1 
ATOM   420  C  CA  . LYS A 1 57  ? -13.849 -3.778  -2.835  1.00 29.83 ? 57  LYS A CA  1 
ATOM   421  C  C   . LYS A 1 57  ? -14.598 -4.280  -1.640  1.00 30.00 ? 57  LYS A C   1 
ATOM   422  O  O   . LYS A 1 57  ? -14.148 -4.085  -0.495  1.00 30.66 ? 57  LYS A O   1 
ATOM   423  C  CB  . LYS A 1 57  ? -13.619 -2.308  -2.908  1.00 31.15 ? 57  LYS A CB  1 
ATOM   424  C  CG  . LYS A 1 57  ? -14.748 -1.330  -3.055  1.00 32.27 ? 57  LYS A CG  1 
ATOM   425  C  CD  . LYS A 1 57  ? -14.459 -0.049  -2.260  1.00 33.04 ? 57  LYS A CD  1 
ATOM   426  C  CE  . LYS A 1 57  ? -15.369 1.101   -2.627  1.00 33.81 ? 57  LYS A CE  1 
ATOM   427  N  NZ  . LYS A 1 57  ? -16.445 0.612   -3.537  1.00 34.25 ? 57  LYS A NZ  1 
ATOM   428  N  N   . LYS A 1 58  ? -15.814 -4.962  -1.873  1.00 30.20 ? 58  LYS A N   1 
ATOM   429  C  CA  . LYS A 1 58  ? -16.414 -5.574  -0.678  1.00 29.99 ? 58  LYS A CA  1 
ATOM   430  C  C   . LYS A 1 58  ? -16.140 -7.082  -0.687  1.00 29.45 ? 58  LYS A C   1 
ATOM   431  O  O   . LYS A 1 58  ? -17.014 -7.897  -0.372  1.00 30.62 ? 58  LYS A O   1 
ATOM   432  C  CB  . LYS A 1 58  ? -17.947 -5.312  -0.645  1.00 30.50 ? 58  LYS A CB  1 
ATOM   433  C  CG  . LYS A 1 58  ? -18.722 -5.862  -1.859  1.00 31.81 ? 58  LYS A CG  1 
ATOM   434  C  CD  . LYS A 1 58  ? -19.234 -7.296  -1.651  1.00 32.32 ? 58  LYS A CD  1 
ATOM   435  C  CE  . LYS A 1 58  ? -20.721 -7.479  -1.992  1.00 32.22 ? 58  LYS A CE  1 
ATOM   436  N  NZ  . LYS A 1 58  ? -21.259 -6.412  -2.847  1.00 33.05 ? 58  LYS A NZ  1 
ATOM   437  N  N   . ASP A 1 59  ? -14.836 -7.326  -0.842  1.00 28.89 ? 59  ASP A N   1 
ATOM   438  C  CA  . ASP A 1 59  ? -14.101 -8.572  -0.885  1.00 27.09 ? 59  ASP A CA  1 
ATOM   439  C  C   . ASP A 1 59  ? -12.915 -8.551  0.087   1.00 26.95 ? 59  ASP A C   1 
ATOM   440  O  O   . ASP A 1 59  ? -11.857 -7.967  -0.243  1.00 27.45 ? 59  ASP A O   1 
ATOM   441  C  CB  . ASP A 1 59  ? -13.543 -8.801  -2.305  1.00 26.03 ? 59  ASP A CB  1 
ATOM   442  C  CG  . ASP A 1 59  ? -12.646 -10.009 -2.347  1.00 25.46 ? 59  ASP A CG  1 
ATOM   443  O  OD1 . ASP A 1 59  ? -12.730 -10.801 -1.400  1.00 25.12 ? 59  ASP A OD1 1 
ATOM   444  O  OD2 . ASP A 1 59  ? -11.842 -10.153 -3.259  1.00 25.32 ? 59  ASP A OD2 1 
ATOM   445  N  N   . LYS A 1 60  ? -13.022 -9.268  1.185   1.00 26.30 ? 60  LYS A N   1 
ATOM   446  C  CA  . LYS A 1 60  ? -11.988 -9.322  2.197   1.00 25.23 ? 60  LYS A CA  1 
ATOM   447  C  C   . LYS A 1 60  ? -10.998 -10.428 2.211   1.00 25.20 ? 60  LYS A C   1 
ATOM   448  O  O   . LYS A 1 60  ? -10.296 -10.550 3.257   1.00 25.22 ? 60  LYS A O   1 
ATOM   449  C  CB  . LYS A 1 60  ? -12.660 -9.151  3.572   1.00 25.60 ? 60  LYS A CB  1 
ATOM   450  C  CG  . LYS A 1 60  ? -13.197 -7.709  3.692   1.00 25.28 ? 60  LYS A CG  1 
ATOM   451  C  CD  . LYS A 1 60  ? -13.380 -7.333  5.161   1.00 25.96 ? 60  LYS A CD  1 
ATOM   452  C  CE  . LYS A 1 60  ? -13.998 -5.938  5.288   1.00 26.15 ? 60  LYS A CE  1 
ATOM   453  N  NZ  . LYS A 1 60  ? -13.053 -5.038  4.524   1.00 26.61 ? 60  LYS A NZ  1 
ATOM   454  N  N   . SER A 1 61  ? -10.811 -11.202 1.166   1.00 24.88 ? 61  SER A N   1 
ATOM   455  C  CA  . SER A 1 61  ? -9.785  -12.272 1.233   1.00 25.56 ? 61  SER A CA  1 
ATOM   456  C  C   . SER A 1 61  ? -8.481  -11.711 0.665   1.00 25.25 ? 61  SER A C   1 
ATOM   457  O  O   . SER A 1 61  ? -8.483  -10.608 0.072   1.00 26.63 ? 61  SER A O   1 
ATOM   458  C  CB  . SER A 1 61  ? -10.199 -13.539 0.547   1.00 25.39 ? 61  SER A CB  1 
ATOM   459  O  OG  . SER A 1 61  ? -9.501  -13.783 -0.647  1.00 26.37 ? 61  SER A OG  1 
ATOM   460  N  N   . ALA A 1 62  ? -7.421  -12.442 0.810   1.00 24.52 ? 62  ALA A N   1 
ATOM   461  C  CA  . ALA A 1 62  ? -6.077  -12.144 0.323   1.00 23.55 ? 62  ALA A CA  1 
ATOM   462  C  C   . ALA A 1 62  ? -6.028  -11.588 -1.075  1.00 22.72 ? 62  ALA A C   1 
ATOM   463  O  O   . ALA A 1 62  ? -5.139  -10.726 -1.365  1.00 22.63 ? 62  ALA A O   1 
ATOM   464  C  CB  . ALA A 1 62  ? -5.162  -13.358 0.477   1.00 23.96 ? 62  ALA A CB  1 
ATOM   465  N  N   . LYS A 1 63  ? -6.909  -11.977 -1.976  1.00 22.01 ? 63  LYS A N   1 
ATOM   466  C  CA  . LYS A 1 63  ? -6.899  -11.440 -3.344  1.00 21.84 ? 63  LYS A CA  1 
ATOM   467  C  C   . LYS A 1 63  ? -7.431  -10.027 -3.551  1.00 21.10 ? 63  LYS A C   1 
ATOM   468  O  O   . LYS A 1 63  ? -7.369  -9.504  -4.707  1.00 20.96 ? 63  LYS A O   1 
ATOM   469  C  CB  . LYS A 1 63  ? -7.780  -12.323 -4.285  1.00 23.36 ? 63  LYS A CB  1 
ATOM   470  C  CG  . LYS A 1 63  ? -6.984  -13.516 -4.830  1.00 25.40 ? 63  LYS A CG  1 
ATOM   471  C  CD  . LYS A 1 63  ? -7.229  -13.711 -6.326  1.00 26.23 ? 63  LYS A CD  1 
ATOM   472  C  CE  . LYS A 1 63  ? -6.028  -14.423 -6.948  1.00 27.70 ? 63  LYS A CE  1 
ATOM   473  N  NZ  . LYS A 1 63  ? -5.798  -13.887 -8.327  1.00 28.88 ? 63  LYS A NZ  1 
ATOM   474  N  N   . GLY A 1 64  ? -8.078  -9.418  -2.603  1.00 20.45 ? 64  GLY A N   1 
ATOM   475  C  CA  . GLY A 1 64  ? -8.721  -8.086  -2.778  1.00 18.39 ? 64  GLY A CA  1 
ATOM   476  C  C   . GLY A 1 64  ? -7.714  -6.950  -2.901  1.00 16.85 ? 64  GLY A C   1 
ATOM   477  O  O   . GLY A 1 64  ? -6.831  -6.815  -2.043  1.00 16.64 ? 64  GLY A O   1 
ATOM   478  N  N   . TYR A 1 65  ? -7.854  -6.189  -3.964  1.00 15.63 ? 65  TYR A N   1 
ATOM   479  C  CA  . TYR A 1 65  ? -6.953  -5.037  -4.238  1.00 14.50 ? 65  TYR A CA  1 
ATOM   480  C  C   . TYR A 1 65  ? -7.273  -3.950  -3.221  1.00 13.88 ? 65  TYR A C   1 
ATOM   481  O  O   . TYR A 1 65  ? -6.384  -3.431  -2.564  1.00 13.35 ? 65  TYR A O   1 
ATOM   482  C  CB  . TYR A 1 65  ? -7.025  -4.624  -5.704  1.00 13.89 ? 65  TYR A CB  1 
ATOM   483  C  CG  . TYR A 1 65  ? -6.087  -3.506  -6.084  1.00 12.59 ? 65  TYR A CG  1 
ATOM   484  C  CD1 . TYR A 1 65  ? -4.748  -3.745  -6.397  1.00 12.46 ? 65  TYR A CD1 1 
ATOM   485  C  CD2 . TYR A 1 65  ? -6.566  -2.208  -6.133  1.00 12.62 ? 65  TYR A CD2 1 
ATOM   486  C  CE1 . TYR A 1 65  ? -3.912  -2.690  -6.800  1.00 12.40 ? 65  TYR A CE1 1 
ATOM   487  C  CE2 . TYR A 1 65  ? -5.745  -1.129  -6.468  1.00 11.19 ? 65  TYR A CE2 1 
ATOM   488  C  CZ  . TYR A 1 65  ? -4.427  -1.378  -6.779  1.00 12.08 ? 65  TYR A CZ  1 
ATOM   489  O  OH  . TYR A 1 65  ? -3.600  -0.351  -7.052  1.00 14.27 ? 65  TYR A OH  1 
ATOM   490  N  N   . TYR A 1 66  ? -8.560  -3.671  -2.958  1.00 13.73 ? 66  TYR A N   1 
ATOM   491  C  CA  . TYR A 1 66  ? -8.908  -2.665  -1.948  1.00 12.48 ? 66  TYR A CA  1 
ATOM   492  C  C   . TYR A 1 66  ? -8.372  -3.056  -0.563  1.00 11.73 ? 66  TYR A C   1 
ATOM   493  O  O   . TYR A 1 66  ? -7.806  -2.218  0.146   1.00 10.52 ? 66  TYR A O   1 
ATOM   494  C  CB  . TYR A 1 66  ? -10.393 -2.329  -1.902  1.00 13.17 ? 66  TYR A CB  1 
ATOM   495  C  CG  . TYR A 1 66  ? -10.809 -1.289  -0.891  1.00 12.74 ? 66  TYR A CG  1 
ATOM   496  C  CD1 . TYR A 1 66  ? -11.091 -1.669  0.444   1.00 14.86 ? 66  TYR A CD1 1 
ATOM   497  C  CD2 . TYR A 1 66  ? -10.944 0.030   -1.227  1.00 13.02 ? 66  TYR A CD2 1 
ATOM   498  C  CE1 . TYR A 1 66  ? -11.500 -0.714  1.383   1.00 15.18 ? 66  TYR A CE1 1 
ATOM   499  C  CE2 . TYR A 1 66  ? -11.364 1.006   -0.323  1.00 13.94 ? 66  TYR A CE2 1 
ATOM   500  C  CZ  . TYR A 1 66  ? -11.615 0.624   0.972   1.00 15.72 ? 66  TYR A CZ  1 
ATOM   501  O  OH  . TYR A 1 66  ? -11.998 1.592   1.855   1.00 16.15 ? 66  TYR A OH  1 
ATOM   502  N  N   . HIS A 1 67  ? -8.634  -4.270  -0.142  1.00 10.03 ? 67  HIS A N   1 
ATOM   503  C  CA  . HIS A 1 67  ? -8.261  -4.878  1.120   1.00 9.22  ? 67  HIS A CA  1 
ATOM   504  C  C   . HIS A 1 67  ? -6.828  -4.707  1.470   1.00 9.24  ? 67  HIS A C   1 
ATOM   505  O  O   . HIS A 1 67  ? -6.401  -4.282  2.556   1.00 9.14  ? 67  HIS A O   1 
ATOM   506  C  CB  . HIS A 1 67  ? -8.687  -6.385  1.086   1.00 10.24 ? 67  HIS A CB  1 
ATOM   507  C  CG  . HIS A 1 67  ? -8.157  -7.298  2.139   1.00 11.51 ? 67  HIS A CG  1 
ATOM   508  N  ND1 . HIS A 1 67  ? -8.512  -7.262  3.452   1.00 11.34 ? 67  HIS A ND1 1 
ATOM   509  C  CD2 . HIS A 1 67  ? -7.291  -8.325  2.091   1.00 11.86 ? 67  HIS A CD2 1 
ATOM   510  C  CE1 . HIS A 1 67  ? -7.920  -8.156  4.177   1.00 11.20 ? 67  HIS A CE1 1 
ATOM   511  N  NE2 . HIS A 1 67  ? -7.142  -8.841  3.358   1.00 11.57 ? 67  HIS A NE2 1 
ATOM   512  N  N   . VAL A 1 68  ? -5.939  -5.119  0.555   1.00 8.75  ? 68  VAL A N   1 
ATOM   513  C  CA  . VAL A 1 68  ? -4.502  -5.025  0.812   1.00 9.28  ? 68  VAL A CA  1 
ATOM   514  C  C   . VAL A 1 68  ? -4.008  -3.596  0.906   1.00 7.53  ? 68  VAL A C   1 
ATOM   515  O  O   . VAL A 1 68  ? -2.906  -3.495  1.474   1.00 8.96  ? 68  VAL A O   1 
ATOM   516  C  CB  . VAL A 1 68  ? -3.676  -5.948  -0.099  1.00 9.79  ? 68  VAL A CB  1 
ATOM   517  C  CG1 . VAL A 1 68  ? -4.242  -7.367  -0.202  1.00 9.45  ? 68  VAL A CG1 1 
ATOM   518  C  CG2 . VAL A 1 68  ? -3.355  -5.315  -1.452  1.00 10.80 ? 68  VAL A CG2 1 
ATOM   519  N  N   . MET A 1 69  ? -4.700  -2.606  0.376   1.00 7.60  ? 69  MET A N   1 
ATOM   520  C  CA  . MET A 1 69  ? -4.223  -1.202  0.478   1.00 6.89  ? 69  MET A CA  1 
ATOM   521  C  C   . MET A 1 69  ? -4.830  -0.537  1.708   1.00 7.28  ? 69  MET A C   1 
ATOM   522  O  O   . MET A 1 69  ? -4.221  0.407   2.244   1.00 6.84  ? 69  MET A O   1 
ATOM   523  C  CB  . MET A 1 69  ? -4.452  -0.352  -0.756  1.00 7.04  ? 69  MET A CB  1 
ATOM   524  C  CG  . MET A 1 69  ? -4.027  -0.971  -2.048  1.00 7.79  ? 69  MET A CG  1 
ATOM   525  S  SD  . MET A 1 69  ? -2.269  -1.197  -2.162  1.00 8.78  ? 69  MET A SD  1 
ATOM   526  C  CE  . MET A 1 69  ? -2.171  -2.040  -3.818  1.00 7.47  ? 69  MET A CE  1 
ATOM   527  N  N   . HIS A 1 70  ? -5.972  -1.028  2.230   1.00 7.76  ? 70  HIS A N   1 
ATOM   528  C  CA  . HIS A 1 70  ? -6.565  -0.378  3.406   1.00 7.63  ? 70  HIS A CA  1 
ATOM   529  C  C   . HIS A 1 70  ? -6.810  -1.164  4.653   1.00 8.41  ? 70  HIS A C   1 
ATOM   530  O  O   . HIS A 1 70  ? -7.041  -0.469  5.697   1.00 9.04  ? 70  HIS A O   1 
ATOM   531  C  CB  . HIS A 1 70  ? -7.968  0.142   3.003   1.00 7.01  ? 70  HIS A CB  1 
ATOM   532  C  CG  . HIS A 1 70  ? -7.887  0.983   1.755   1.00 5.00  ? 70  HIS A CG  1 
ATOM   533  N  ND1 . HIS A 1 70  ? -7.885  0.508   0.478   1.00 4.37  ? 70  HIS A ND1 1 
ATOM   534  C  CD2 . HIS A 1 70  ? -7.761  2.327   1.647   1.00 4.24  ? 70  HIS A CD2 1 
ATOM   535  C  CE1 . HIS A 1 70  ? -7.820  1.482   -0.364  1.00 4.99  ? 70  HIS A CE1 1 
ATOM   536  N  NE2 . HIS A 1 70  ? -7.752  2.632   0.308   1.00 5.65  ? 70  HIS A NE2 1 
ATOM   537  N  N   . ASP A 1 71  ? -6.941  -2.487  4.712   1.00 9.39  ? 71  ASP A N   1 
ATOM   538  C  CA  . ASP A 1 71  ? -7.330  -3.274  5.869   1.00 9.97  ? 71  ASP A CA  1 
ATOM   539  C  C   . ASP A 1 71  ? -6.272  -3.397  6.959   1.00 11.60 ? 71  ASP A C   1 
ATOM   540  O  O   . ASP A 1 71  ? -5.096  -3.253  6.666   1.00 10.77 ? 71  ASP A O   1 
ATOM   541  C  CB  . ASP A 1 71  ? -7.941  -4.651  5.442   1.00 10.64 ? 71  ASP A CB  1 
ATOM   542  C  CG  . ASP A 1 71  ? -9.344  -4.429  4.869   1.00 13.13 ? 71  ASP A CG  1 
ATOM   543  O  OD1 . ASP A 1 71  ? -9.791  -3.303  4.856   1.00 11.66 ? 71  ASP A OD1 1 
ATOM   544  O  OD2 . ASP A 1 71  ? -10.020 -5.400  4.454   1.00 14.03 ? 71  ASP A OD2 1 
ATOM   545  N  N   . LYS A 1 72  ? -6.635  -3.546  8.196   1.00 12.65 ? 72  LYS A N   1 
ATOM   546  C  CA  . LYS A 1 72  ? -5.861  -3.896  9.396   1.00 16.50 ? 72  LYS A CA  1 
ATOM   547  C  C   . LYS A 1 72  ? -5.939  -5.404  9.534   1.00 17.46 ? 72  LYS A C   1 
ATOM   548  O  O   . LYS A 1 72  ? -6.769  -6.030  8.928   1.00 20.16 ? 72  LYS A O   1 
ATOM   549  C  CB  . LYS A 1 72  ? -6.477  -3.190  10.610  1.00 18.06 ? 72  LYS A CB  1 
ATOM   550  C  CG  . LYS A 1 72  ? -5.720  -1.928  11.028  1.00 20.32 ? 72  LYS A CG  1 
ATOM   551  C  CD  . LYS A 1 72  ? -4.397  -2.244  11.716  1.00 23.94 ? 72  LYS A CD  1 
ATOM   552  C  CE  . LYS A 1 72  ? -3.774  -1.038  12.409  1.00 23.92 ? 72  LYS A CE  1 
ATOM   553  N  NZ  . LYS A 1 72  ? -2.332  -0.930  12.162  1.00 25.89 ? 72  LYS A NZ  1 
ATOM   554  N  N   . ASN A 1 73  ? -5.089  -5.982  10.330  1.00 20.31 ? 73  ASN A N   1 
ATOM   555  C  CA  . ASN A 1 73  ? -5.047  -7.466  10.522  1.00 21.24 ? 73  ASN A CA  1 
ATOM   556  C  C   . ASN A 1 73  ? -5.115  -8.180  9.123   1.00 20.25 ? 73  ASN A C   1 
ATOM   557  O  O   . ASN A 1 73  ? -6.166  -8.706  8.673   1.00 20.41 ? 73  ASN A O   1 
ATOM   558  C  CB  . ASN A 1 73  ? -6.162  -7.974  11.494  1.00 24.94 ? 73  ASN A CB  1 
ATOM   559  C  CG  . ASN A 1 73  ? -7.608  -7.665  11.121  1.00 26.74 ? 73  ASN A CG  1 
ATOM   560  O  OD1 . ASN A 1 73  ? -8.268  -6.889  11.826  1.00 28.65 ? 73  ASN A OD1 1 
ATOM   561  N  ND2 . ASN A 1 73  ? -8.145  -8.235  10.069  1.00 26.48 ? 73  ASN A ND2 1 
ATOM   562  N  N   . THR A 1 74  ? -3.938  -8.107  8.581   1.00 19.82 ? 74  THR A N   1 
ATOM   563  C  CA  . THR A 1 74  ? -3.491  -8.658  7.328   1.00 17.65 ? 74  THR A CA  1 
ATOM   564  C  C   . THR A 1 74  ? -2.124  -9.233  7.643   1.00 16.94 ? 74  THR A C   1 
ATOM   565  O  O   . THR A 1 74  ? -1.544  -8.884  8.703   1.00 17.04 ? 74  THR A O   1 
ATOM   566  C  CB  . THR A 1 74  ? -3.386  -7.554  6.260   1.00 17.04 ? 74  THR A CB  1 
ATOM   567  O  OG1 . THR A 1 74  ? -2.631  -6.461  6.776   1.00 13.72 ? 74  THR A OG1 1 
ATOM   568  C  CG2 . THR A 1 74  ? -4.746  -7.004  5.804   1.00 16.06 ? 74  THR A CG2 1 
ATOM   569  N  N   . LYS A 1 75  ? -1.592  -10.239 7.047   1.00 16.68 ? 75  LYS A N   1 
ATOM   570  C  CA  . LYS A 1 75  ? -0.298  -10.867 7.422   1.00 14.81 ? 75  LYS A CA  1 
ATOM   571  C  C   . LYS A 1 75  ? 0.857   -9.922  7.200   1.00 13.91 ? 75  LYS A C   1 
ATOM   572  O  O   . LYS A 1 75  ? 1.790   -9.906  8.020   1.00 14.06 ? 75  LYS A O   1 
ATOM   573  C  CB  . LYS A 1 75  ? -0.105  -12.123 6.549   1.00 15.36 ? 75  LYS A CB  1 
ATOM   574  C  CG  . LYS A 1 75  ? 1.185   -12.856 6.932   1.00 13.44 ? 75  LYS A CG  1 
ATOM   575  C  CD  . LYS A 1 75  ? 1.226   -14.182 6.148   1.00 13.89 ? 75  LYS A CD  1 
ATOM   576  C  CE  . LYS A 1 75  ? 2.615   -14.760 6.272   1.00 14.59 ? 75  LYS A CE  1 
ATOM   577  N  NZ  . LYS A 1 75  ? 2.507   -16.191 5.809   1.00 16.46 ? 75  LYS A NZ  1 
ATOM   578  N  N   . PHE A 1 76  ? 0.788   -9.155  6.112   1.00 12.67 ? 76  PHE A N   1 
ATOM   579  C  CA  . PHE A 1 76  ? 1.803   -8.142  5.751   1.00 11.85 ? 76  PHE A CA  1 
ATOM   580  C  C   . PHE A 1 76  ? 1.123   -6.804  5.920   1.00 11.89 ? 76  PHE A C   1 
ATOM   581  O  O   . PHE A 1 76  ? -0.126  -6.788  5.789   1.00 11.56 ? 76  PHE A O   1 
ATOM   582  C  CB  . PHE A 1 76  ? 2.294   -8.340  4.286   1.00 12.07 ? 76  PHE A CB  1 
ATOM   583  C  CG  . PHE A 1 76  ? 2.976   -9.668  4.143   1.00 10.05 ? 76  PHE A CG  1 
ATOM   584  C  CD1 . PHE A 1 76  ? 4.130   -9.873  4.844   1.00 10.07 ? 76  PHE A CD1 1 
ATOM   585  C  CD2 . PHE A 1 76  ? 2.445   -10.676 3.365   1.00 10.88 ? 76  PHE A CD2 1 
ATOM   586  C  CE1 . PHE A 1 76  ? 4.782   -11.087 4.785   1.00 12.47 ? 76  PHE A CE1 1 
ATOM   587  C  CE2 . PHE A 1 76  ? 3.074   -11.941 3.296   1.00 10.06 ? 76  PHE A CE2 1 
ATOM   588  C  CZ  . PHE A 1 76  ? 4.246   -12.098 3.974   1.00 10.35 ? 76  PHE A CZ  1 
ATOM   589  N  N   . LYS A 1 77  ? 1.769   -5.687  6.080   1.00 11.63 ? 77  LYS A N   1 
ATOM   590  C  CA  . LYS A 1 77  ? 1.047   -4.469  6.471   1.00 11.05 ? 77  LYS A CA  1 
ATOM   591  C  C   . LYS A 1 77  ? 0.473   -3.754  5.233   1.00 10.45 ? 77  LYS A C   1 
ATOM   592  O  O   . LYS A 1 77  ? 1.138   -3.613  4.196   1.00 11.30 ? 77  LYS A O   1 
ATOM   593  C  CB  . LYS A 1 77  ? 1.998   -3.539  7.202   1.00 11.63 ? 77  LYS A CB  1 
ATOM   594  C  CG  . LYS A 1 77  ? 2.393   -4.102  8.563   1.00 12.90 ? 77  LYS A CG  1 
ATOM   595  C  CD  . LYS A 1 77  ? 2.894   -3.044  9.523   1.00 14.35 ? 77  LYS A CD  1 
ATOM   596  C  CE  . LYS A 1 77  ? 3.661   -3.627  10.698  1.00 14.80 ? 77  LYS A CE  1 
ATOM   597  N  NZ  . LYS A 1 77  ? 4.764   -2.764  11.124  1.00 18.26 ? 77  LYS A NZ  1 
ATOM   598  N  N   . SER A 1 78  ? -0.799  -3.275  5.316   1.00 8.42  ? 78  SER A N   1 
ATOM   599  C  CA  . SER A 1 78  ? -1.397  -2.487  4.241   1.00 6.25  ? 78  SER A CA  1 
ATOM   600  C  C   . SER A 1 78  ? -0.833  -1.047  4.320   1.00 5.86  ? 78  SER A C   1 
ATOM   601  O  O   . SER A 1 78  ? -0.150  -0.644  5.281   1.00 5.63  ? 78  SER A O   1 
ATOM   602  C  CB  . SER A 1 78  ? -2.908  -2.451  4.240   1.00 5.53  ? 78  SER A CB  1 
ATOM   603  O  OG  . SER A 1 78  ? -3.342  -1.607  5.326   1.00 6.62  ? 78  SER A OG  1 
ATOM   604  N  N   . CYS A 1 79  ? -1.103  -0.229  3.304   1.00 6.21  ? 79  CYS A N   1 
ATOM   605  C  CA  . CYS A 1 79  ? -0.732  1.203   3.288   1.00 6.30  ? 79  CYS A CA  1 
ATOM   606  C  C   . CYS A 1 79  ? -1.304  1.912   4.532   1.00 7.10  ? 79  CYS A C   1 
ATOM   607  O  O   . CYS A 1 79  ? -0.574  2.571   5.273   1.00 7.56  ? 79  CYS A O   1 
ATOM   608  C  CB  . CYS A 1 79  ? -1.380  1.969   2.120   1.00 7.93  ? 79  CYS A CB  1 
ATOM   609  S  SG  . CYS A 1 79  ? -0.921  1.293   0.517   1.00 9.19  ? 79  CYS A SG  1 
ATOM   610  N  N   . VAL A 1 80  ? -2.603  1.764   4.702   1.00 7.14  ? 80  VAL A N   1 
ATOM   611  C  CA  . VAL A 1 80  ? -3.296  2.367   5.849   1.00 7.02  ? 80  VAL A CA  1 
ATOM   612  C  C   . VAL A 1 80  ? -2.881  1.758   7.202   1.00 6.96  ? 80  VAL A C   1 
ATOM   613  O  O   . VAL A 1 80  ? -2.755  2.497   8.181   1.00 7.00  ? 80  VAL A O   1 
ATOM   614  C  CB  . VAL A 1 80  ? -4.830  2.387   5.673   1.00 6.32  ? 80  VAL A CB  1 
ATOM   615  C  CG1 . VAL A 1 80  ? -5.536  3.012   6.914   1.00 3.63  ? 80  VAL A CG1 1 
ATOM   616  C  CG2 . VAL A 1 80  ? -5.360  3.148   4.509   1.00 5.53  ? 80  VAL A CG2 1 
ATOM   617  N  N   . GLY A 1 81  ? -2.721  0.463   7.321   1.00 7.19  ? 81  GLY A N   1 
ATOM   618  C  CA  . GLY A 1 81  ? -2.357  -0.249  8.541   1.00 5.96  ? 81  GLY A CA  1 
ATOM   619  C  C   . GLY A 1 81  ? -1.047  0.207   9.073   1.00 7.12  ? 81  GLY A C   1 
ATOM   620  O  O   . GLY A 1 81  ? -0.969  0.473   10.315  1.00 7.94  ? 81  GLY A O   1 
ATOM   621  N  N   . CYS A 1 82  ? -0.022  0.234   8.198   1.00 5.57  ? 82  CYS A N   1 
ATOM   622  C  CA  . CYS A 1 82  ? 1.288   0.686   8.718   1.00 6.42  ? 82  CYS A CA  1 
ATOM   623  C  C   . CYS A 1 82  ? 1.200   2.181   9.094   1.00 5.64  ? 82  CYS A C   1 
ATOM   624  O  O   . CYS A 1 82  ? 1.782   2.514   10.125  1.00 5.60  ? 82  CYS A O   1 
ATOM   625  C  CB  . CYS A 1 82  ? 2.435   0.316   7.802   1.00 3.84  ? 82  CYS A CB  1 
ATOM   626  S  SG  . CYS A 1 82  ? 3.943   1.185   8.192   1.00 9.79  ? 82  CYS A SG  1 
ATOM   627  N  N   . HIS A 1 83  ? 0.574   3.004   8.353   1.00 5.85  ? 83  HIS A N   1 
ATOM   628  C  CA  . HIS A 1 83  ? 0.398   4.462   8.631   1.00 6.04  ? 83  HIS A CA  1 
ATOM   629  C  C   . HIS A 1 83  ? -0.288  4.684   9.967   1.00 6.65  ? 83  HIS A C   1 
ATOM   630  O  O   . HIS A 1 83  ? 0.104   5.617   10.684  1.00 7.10  ? 83  HIS A O   1 
ATOM   631  C  CB  . HIS A 1 83  ? -0.364  5.152   7.508   1.00 4.96  ? 83  HIS A CB  1 
ATOM   632  C  CG  . HIS A 1 83  ? 0.412   5.468   6.268   1.00 6.13  ? 83  HIS A CG  1 
ATOM   633  N  ND1 . HIS A 1 83  ? -0.032  6.298   5.232   1.00 4.77  ? 83  HIS A ND1 1 
ATOM   634  C  CD2 . HIS A 1 83  ? 1.643   5.062   5.935   1.00 5.89  ? 83  HIS A CD2 1 
ATOM   635  C  CE1 . HIS A 1 83  ? 0.927   6.361   4.338   1.00 4.19  ? 83  HIS A CE1 1 
ATOM   636  N  NE2 . HIS A 1 83  ? 1.919   5.582   4.704   1.00 5.61  ? 83  HIS A NE2 1 
ATOM   637  N  N   . VAL A 1 84  ? -1.340  3.940   10.321  1.00 8.25  ? 84  VAL A N   1 
ATOM   638  C  CA  . VAL A 1 84  ? -2.059  4.031   11.581  1.00 10.05 ? 84  VAL A CA  1 
ATOM   639  C  C   . VAL A 1 84  ? -1.054  3.861   12.756  1.00 10.74 ? 84  VAL A C   1 
ATOM   640  O  O   . VAL A 1 84  ? -1.130  4.528   13.796  1.00 9.16  ? 84  VAL A O   1 
ATOM   641  C  CB  . VAL A 1 84  ? -3.228  3.023   11.749  1.00 11.10 ? 84  VAL A CB  1 
ATOM   642  C  CG1 . VAL A 1 84  ? -3.626  2.850   13.214  1.00 13.23 ? 84  VAL A CG1 1 
ATOM   643  C  CG2 . VAL A 1 84  ? -4.451  3.279   10.930  1.00 10.35 ? 84  VAL A CG2 1 
ATOM   644  N  N   . GLU A 1 85  ? -0.137  2.945   12.547  1.00 11.65 ? 85  GLU A N   1 
ATOM   645  C  CA  . GLU A 1 85  ? 0.927   2.607   13.476  1.00 13.16 ? 85  GLU A CA  1 
ATOM   646  C  C   . GLU A 1 85  ? 1.961   3.684   13.598  1.00 12.55 ? 85  GLU A C   1 
ATOM   647  O  O   . GLU A 1 85  ? 2.387   3.951   14.748  1.00 13.23 ? 85  GLU A O   1 
ATOM   648  C  CB  . GLU A 1 85  ? 1.664   1.280   13.173  1.00 14.51 ? 85  GLU A CB  1 
ATOM   649  C  CG  . GLU A 1 85  ? 0.731   0.093   13.440  1.00 16.42 ? 85  GLU A CG  1 
ATOM   650  C  CD  . GLU A 1 85  ? 1.184   -1.268  13.066  1.00 20.04 ? 85  GLU A CD  1 
ATOM   651  O  OE1 . GLU A 1 85  ? 2.366   -1.351  12.672  1.00 20.05 ? 85  GLU A OE1 1 
ATOM   652  O  OE2 . GLU A 1 85  ? 0.432   -2.229  13.125  1.00 21.84 ? 85  GLU A OE2 1 
ATOM   653  N  N   . VAL A 1 86  ? 2.272   4.331   12.511  1.00 12.90 ? 86  VAL A N   1 
ATOM   654  C  CA  . VAL A 1 86  ? 3.269   5.435   12.510  1.00 12.89 ? 86  VAL A CA  1 
ATOM   655  C  C   . VAL A 1 86  ? 2.633   6.696   13.140  1.00 13.03 ? 86  VAL A C   1 
ATOM   656  O  O   . VAL A 1 86  ? 3.322   7.453   13.860  1.00 13.34 ? 86  VAL A O   1 
ATOM   657  C  CB  . VAL A 1 86  ? 3.747   5.629   11.061  1.00 13.16 ? 86  VAL A CB  1 
ATOM   658  C  CG1 . VAL A 1 86  ? 4.356   6.996   10.746  1.00 13.72 ? 86  VAL A CG1 1 
ATOM   659  C  CG2 . VAL A 1 86  ? 4.674   4.526   10.536  1.00 12.53 ? 86  VAL A CG2 1 
ATOM   660  N  N   . ALA A 1 87  ? 1.396   6.985   12.827  1.00 12.59 ? 87  ALA A N   1 
ATOM   661  C  CA  . ALA A 1 87  ? 0.701   8.185   13.299  1.00 13.70 ? 87  ALA A CA  1 
ATOM   662  C  C   . ALA A 1 87  ? 0.412   8.232   14.769  1.00 13.95 ? 87  ALA A C   1 
ATOM   663  O  O   . ALA A 1 87  ? 0.436   9.352   15.371  1.00 16.46 ? 87  ALA A O   1 
ATOM   664  C  CB  . ALA A 1 87  ? -0.597  8.372   12.480  1.00 13.24 ? 87  ALA A CB  1 
ATOM   665  N  N   . GLY A 1 88  ? 0.131   7.103   15.381  1.00 14.12 ? 88  GLY A N   1 
ATOM   666  C  CA  . GLY A 1 88  ? -0.180  7.064   16.836  1.00 14.88 ? 88  GLY A CA  1 
ATOM   667  C  C   . GLY A 1 88  ? -1.397  7.978   17.055  1.00 15.24 ? 88  GLY A C   1 
ATOM   668  O  O   . GLY A 1 88  ? -2.299  7.930   16.209  1.00 16.16 ? 88  GLY A O   1 
ATOM   669  N  N   . ALA A 1 89  ? -1.395  8.787   18.123  1.00 15.53 ? 89  ALA A N   1 
ATOM   670  C  CA  . ALA A 1 89  ? -2.574  9.604   18.382  1.00 14.52 ? 89  ALA A CA  1 
ATOM   671  C  C   . ALA A 1 89  ? -2.454  11.058  17.986  1.00 13.96 ? 89  ALA A C   1 
ATOM   672  O  O   . ALA A 1 89  ? -3.400  11.807  18.290  1.00 13.73 ? 89  ALA A O   1 
ATOM   673  C  CB  . ALA A 1 89  ? -3.082  9.461   19.824  1.00 15.29 ? 89  ALA A CB  1 
ATOM   674  N  N   . ASP A 1 90  ? -1.415  11.404  17.332  1.00 13.94 ? 90  ASP A N   1 
ATOM   675  C  CA  . ASP A 1 90  ? -1.093  12.766  16.802  1.00 13.65 ? 90  ASP A CA  1 
ATOM   676  C  C   . ASP A 1 90  ? -2.112  13.117  15.752  1.00 12.66 ? 90  ASP A C   1 
ATOM   677  O  O   . ASP A 1 90  ? -2.202  12.447  14.695  1.00 11.48 ? 90  ASP A O   1 
ATOM   678  C  CB  . ASP A 1 90  ? 0.370   12.733  16.343  1.00 15.78 ? 90  ASP A CB  1 
ATOM   679  C  CG  . ASP A 1 90  ? 0.873   13.979  15.666  1.00 20.20 ? 90  ASP A CG  1 
ATOM   680  O  OD1 . ASP A 1 90  ? 0.137   14.564  14.849  1.00 21.85 ? 90  ASP A OD1 1 
ATOM   681  O  OD2 . ASP A 1 90  ? 2.008   14.520  15.819  1.00 22.83 ? 90  ASP A OD2 1 
ATOM   682  N  N   . ALA A 1 91  ? -2.876  14.195  15.976  1.00 12.00 ? 91  ALA A N   1 
ATOM   683  C  CA  . ALA A 1 91  ? -3.949  14.533  14.991  1.00 11.91 ? 91  ALA A CA  1 
ATOM   684  C  C   . ALA A 1 91  ? -3.490  14.949  13.630  1.00 10.01 ? 91  ALA A C   1 
ATOM   685  O  O   . ALA A 1 91  ? -4.187  14.739  12.659  1.00 10.27 ? 91  ALA A O   1 
ATOM   686  C  CB  . ALA A 1 91  ? -4.837  15.678  15.588  1.00 11.38 ? 91  ALA A CB  1 
ATOM   687  N  N   . ALA A 1 92  ? -2.325  15.547  13.545  1.00 11.54 ? 92  ALA A N   1 
ATOM   688  C  CA  . ALA A 1 92  ? -1.733  16.088  12.309  1.00 10.35 ? 92  ALA A CA  1 
ATOM   689  C  C   . ALA A 1 92  ? -1.252  14.910  11.486  1.00 8.72  ? 92  ALA A C   1 
ATOM   690  O  O   . ALA A 1 92  ? -1.546  14.852  10.329  1.00 8.21  ? 92  ALA A O   1 
ATOM   691  C  CB  . ALA A 1 92  ? -0.574  17.057  12.634  1.00 11.41 ? 92  ALA A CB  1 
ATOM   692  N  N   . LYS A 1 93  ? -0.576  13.969  12.091  1.00 9.52  ? 93  LYS A N   1 
ATOM   693  C  CA  . LYS A 1 93  ? -0.094  12.758  11.364  1.00 10.14 ? 93  LYS A CA  1 
ATOM   694  C  C   . LYS A 1 93  ? -1.225  11.870  10.942  1.00 9.89  ? 93  LYS A C   1 
ATOM   695  O  O   . LYS A 1 93  ? -1.195  11.270  9.882   1.00 9.80  ? 93  LYS A O   1 
ATOM   696  C  CB  . LYS A 1 93  ? 0.900   12.005  12.271  1.00 12.21 ? 93  LYS A CB  1 
ATOM   697  C  CG  . LYS A 1 93  ? 2.265   12.675  12.209  1.00 16.43 ? 93  LYS A CG  1 
ATOM   698  C  CD  . LYS A 1 93  ? 3.303   11.882  11.404  1.00 19.08 ? 93  LYS A CD  1 
ATOM   699  C  CE  . LYS A 1 93  ? 4.684   12.363  11.843  1.00 20.93 ? 93  LYS A CE  1 
ATOM   700  N  NZ  . LYS A 1 93  ? 5.775   11.834  11.004  1.00 23.91 ? 93  LYS A NZ  1 
ATOM   701  N  N   . LYS A 1 94  ? -2.278  11.814  11.746  1.00 10.52 ? 94  LYS A N   1 
ATOM   702  C  CA  . LYS A 1 94  ? -3.468  10.963  11.396  1.00 11.11 ? 94  LYS A CA  1 
ATOM   703  C  C   . LYS A 1 94  ? -4.173  11.508  10.155  1.00 11.80 ? 94  LYS A C   1 
ATOM   704  O  O   . LYS A 1 94  ? -4.699  10.739  9.298   1.00 10.92 ? 94  LYS A O   1 
ATOM   705  C  CB  . LYS A 1 94  ? -4.417  10.889  12.571  1.00 10.87 ? 94  LYS A CB  1 
ATOM   706  C  CG  . LYS A 1 94  ? -4.302  9.870   13.652  1.00 11.12 ? 94  LYS A CG  1 
ATOM   707  C  CD  . LYS A 1 94  ? -4.990  10.347  14.934  1.00 13.29 ? 94  LYS A CD  1 
ATOM   708  C  CE  . LYS A 1 94  ? -6.406  9.855   15.089  1.00 16.35 ? 94  LYS A CE  1 
ATOM   709  N  NZ  . LYS A 1 94  ? -7.112  10.772  16.084  1.00 19.07 ? 94  LYS A NZ  1 
ATOM   710  N  N   . LYS A 1 95  ? -4.267  12.857  10.043  1.00 11.68 ? 95  LYS A N   1 
ATOM   711  C  CA  . LYS A 1 95  ? -4.927  13.470  8.895   1.00 12.67 ? 95  LYS A CA  1 
ATOM   712  C  C   . LYS A 1 95  ? -4.111  13.265  7.612   1.00 12.06 ? 95  LYS A C   1 
ATOM   713  O  O   . LYS A 1 95  ? -4.650  12.881  6.595   1.00 10.06 ? 95  LYS A O   1 
ATOM   714  C  CB  . LYS A 1 95  ? -5.247  14.962  9.044   1.00 15.45 ? 95  LYS A CB  1 
ATOM   715  C  CG  . LYS A 1 95  ? -6.553  15.295  8.245   1.00 18.90 ? 95  LYS A CG  1 
ATOM   716  C  CD  . LYS A 1 95  ? -6.140  15.780  6.865   1.00 20.91 ? 95  LYS A CD  1 
ATOM   717  C  CE  . LYS A 1 95  ? -6.849  17.098  6.508   1.00 21.41 ? 95  LYS A CE  1 
ATOM   718  N  NZ  . LYS A 1 95  ? -5.894  17.996  5.779   1.00 21.28 ? 95  LYS A NZ  1 
ATOM   719  N  N   . ASP A 1 96  ? -2.825  13.601  7.664   1.00 11.89 ? 96  ASP A N   1 
ATOM   720  C  CA  . ASP A 1 96  ? -1.954  13.417  6.492   1.00 12.20 ? 96  ASP A CA  1 
ATOM   721  C  C   . ASP A 1 96  ? -1.816  11.977  6.040   1.00 10.48 ? 96  ASP A C   1 
ATOM   722  O  O   . ASP A 1 96  ? -1.865  11.657  4.848   1.00 11.88 ? 96  ASP A O   1 
ATOM   723  C  CB  . ASP A 1 96  ? -0.544  14.021  6.818   1.00 14.90 ? 96  ASP A CB  1 
ATOM   724  C  CG  . ASP A 1 96  ? -0.717  15.537  6.680   1.00 19.00 ? 96  ASP A CG  1 
ATOM   725  O  OD1 . ASP A 1 96  ? -1.171  15.872  5.566   1.00 22.89 ? 96  ASP A OD1 1 
ATOM   726  O  OD2 . ASP A 1 96  ? -0.465  16.281  7.578   1.00 20.23 ? 96  ASP A OD2 1 
ATOM   727  N  N   . LEU A 1 97  ? -1.581  11.058  6.957   1.00 10.62 ? 97  LEU A N   1 
ATOM   728  C  CA  . LEU A 1 97  ? -1.317  9.647   6.607   1.00 8.29  ? 97  LEU A CA  1 
ATOM   729  C  C   . LEU A 1 97  ? -2.464  8.693   6.602   1.00 7.64  ? 97  LEU A C   1 
ATOM   730  O  O   . LEU A 1 97  ? -2.306  7.612   5.981   1.00 7.35  ? 97  LEU A O   1 
ATOM   731  C  CB  . LEU A 1 97  ? -0.155  9.210   7.551   1.00 8.66  ? 97  LEU A CB  1 
ATOM   732  C  CG  . LEU A 1 97  ? 1.128   10.005  7.536   1.00 7.77  ? 97  LEU A CG  1 
ATOM   733  C  CD1 . LEU A 1 97  ? 1.959   9.620   8.742   1.00 7.04  ? 97  LEU A CD1 1 
ATOM   734  C  CD2 . LEU A 1 97  ? 1.944   9.772   6.258   1.00 7.55  ? 97  LEU A CD2 1 
ATOM   735  N  N   . THR A 1 98  ? -3.538  8.870   7.363   1.00 6.34  ? 98  THR A N   1 
ATOM   736  C  CA  . THR A 1 98  ? -4.644  7.940   7.422   1.00 6.77  ? 98  THR A CA  1 
ATOM   737  C  C   . THR A 1 98  ? -6.009  8.482   7.000   1.00 7.65  ? 98  THR A C   1 
ATOM   738  O  O   . THR A 1 98  ? -6.960  7.709   6.973   1.00 8.39  ? 98  THR A O   1 
ATOM   739  C  CB  . THR A 1 98  ? -4.728  7.220   8.825   1.00 8.58  ? 98  THR A CB  1 
ATOM   740  O  OG1 . THR A 1 98  ? -5.383  8.172   9.739   1.00 8.07  ? 98  THR A OG1 1 
ATOM   741  C  CG2 . THR A 1 98  ? -3.316  6.872   9.390   1.00 7.13  ? 98  THR A CG2 1 
ATOM   742  N  N   . GLY A 1 99  ? -6.122  9.759   6.718   1.00 8.08  ? 99  GLY A N   1 
ATOM   743  C  CA  . GLY A 1 99  ? -7.374  10.461  6.323   1.00 8.24  ? 99  GLY A CA  1 
ATOM   744  C  C   . GLY A 1 99  ? -7.853  9.965   4.999   1.00 7.85  ? 99  GLY A C   1 
ATOM   745  O  O   . GLY A 1 99  ? -7.070  9.655   4.079   1.00 7.60  ? 99  GLY A O   1 
ATOM   746  N  N   . CYS A 1 100 ? -9.175  9.917   4.835   1.00 8.08  ? 100 CYS A N   1 
ATOM   747  C  CA  . CYS A 1 100 ? -9.838  9.409   3.644   1.00 8.67  ? 100 CYS A CA  1 
ATOM   748  C  C   . CYS A 1 100 ? -10.029 10.481  2.589   1.00 10.04 ? 100 CYS A C   1 
ATOM   749  O  O   . CYS A 1 100 ? -10.232 10.243  1.401   1.00 9.74  ? 100 CYS A O   1 
ATOM   750  C  CB  . CYS A 1 100 ? -11.214 8.828   4.003   1.00 8.81  ? 100 CYS A CB  1 
ATOM   751  S  SG  . CYS A 1 100 ? -11.323 7.565   5.249   1.00 13.00 ? 100 CYS A SG  1 
ATOM   752  N  N   . LYS A 1 101 ? -10.004 11.712  3.060   1.00 11.80 ? 101 LYS A N   1 
ATOM   753  C  CA  . LYS A 1 101 ? -10.147 12.945  2.308   1.00 12.79 ? 101 LYS A CA  1 
ATOM   754  C  C   . LYS A 1 101 ? -9.121  13.942  2.868   1.00 13.09 ? 101 LYS A C   1 
ATOM   755  O  O   . LYS A 1 101 ? -8.812  13.833  4.080   1.00 13.19 ? 101 LYS A O   1 
ATOM   756  C  CB  . LYS A 1 101 ? -11.495 13.596  2.427   1.00 16.57 ? 101 LYS A CB  1 
ATOM   757  C  CG  . LYS A 1 101 ? -12.759 12.887  2.033   1.00 18.98 ? 101 LYS A CG  1 
ATOM   758  C  CD  . LYS A 1 101 ? -13.908 13.846  1.744   1.00 22.66 ? 101 LYS A CD  1 
ATOM   759  C  CE  . LYS A 1 101 ? -14.555 14.501  2.933   1.00 23.51 ? 101 LYS A CE  1 
ATOM   760  N  NZ  . LYS A 1 101 ? -13.955 14.004  4.210   1.00 24.73 ? 101 LYS A NZ  1 
ATOM   761  N  N   . LYS A 1 102 ? -8.663  14.838  2.058   1.00 12.56 ? 102 LYS A N   1 
ATOM   762  C  CA  . LYS A 1 102 ? -7.677  15.868  2.382   1.00 14.06 ? 102 LYS A CA  1 
ATOM   763  C  C   . LYS A 1 102 ? -6.444  15.289  3.035   1.00 13.91 ? 102 LYS A C   1 
ATOM   764  O  O   . LYS A 1 102 ? -5.875  15.841  4.004   1.00 13.88 ? 102 LYS A O   1 
ATOM   765  C  CB  . LYS A 1 102 ? -8.263  16.964  3.289   1.00 18.09 ? 102 LYS A CB  1 
ATOM   766  C  CG  . LYS A 1 102 ? -8.845  18.201  2.561   1.00 19.69 ? 102 LYS A CG  1 
ATOM   767  C  CD  . LYS A 1 102 ? -9.038  19.344  3.561   1.00 21.87 ? 102 LYS A CD  1 
ATOM   768  C  CE  . LYS A 1 102 ? -7.794  20.183  3.794   1.00 22.89 ? 102 LYS A CE  1 
ATOM   769  N  NZ  . LYS A 1 102 ? -7.575  20.427  5.242   1.00 24.27 ? 102 LYS A NZ  1 
ATOM   770  N  N   . SER A 1 103 ? -5.987  14.143  2.577   1.00 13.43 ? 103 SER A N   1 
ATOM   771  C  CA  . SER A 1 103 ? -4.773  13.501  3.140   1.00 12.60 ? 103 SER A CA  1 
ATOM   772  C  C   . SER A 1 103 ? -3.713  13.478  2.025   1.00 11.76 ? 103 SER A C   1 
ATOM   773  O  O   . SER A 1 103 ? -3.895  13.998  0.916   1.00 11.94 ? 103 SER A O   1 
ATOM   774  C  CB  . SER A 1 103 ? -5.085  12.086  3.584   1.00 13.58 ? 103 SER A CB  1 
ATOM   775  O  OG  . SER A 1 103 ? -5.369  11.317  2.419   1.00 11.85 ? 103 SER A OG  1 
ATOM   776  N  N   . LYS A 1 104 ? -2.567  12.919  2.314   1.00 11.97 ? 104 LYS A N   1 
ATOM   777  C  CA  . LYS A 1 104 ? -1.436  12.826  1.372   1.00 11.22 ? 104 LYS A CA  1 
ATOM   778  C  C   . LYS A 1 104 ? -1.716  11.816  0.303   1.00 10.71 ? 104 LYS A C   1 
ATOM   779  O  O   . LYS A 1 104 ? -1.077  11.780  -0.748  1.00 9.51  ? 104 LYS A O   1 
ATOM   780  C  CB  . LYS A 1 104 ? -0.106  12.530  2.079   1.00 12.49 ? 104 LYS A CB  1 
ATOM   781  C  CG  . LYS A 1 104 ? 0.633   13.831  2.514   1.00 14.40 ? 104 LYS A CG  1 
ATOM   782  C  CD  . LYS A 1 104 ? 1.708   13.528  3.512   1.00 15.05 ? 104 LYS A CD  1 
ATOM   783  C  CE  . LYS A 1 104 ? 2.257   14.665  4.307   1.00 18.37 ? 104 LYS A CE  1 
ATOM   784  N  NZ  . LYS A 1 104 ? 3.316   14.122  5.269   1.00 20.27 ? 104 LYS A NZ  1 
ATOM   785  N  N   . CYS A 1 105 ? -2.699  10.935  0.593   1.00 10.91 ? 105 CYS A N   1 
ATOM   786  C  CA  . CYS A 1 105 ? -3.114  9.912   -0.309  1.00 11.64 ? 105 CYS A CA  1 
ATOM   787  C  C   . CYS A 1 105 ? -4.298  10.301  -1.185  1.00 11.70 ? 105 CYS A C   1 
ATOM   788  O  O   . CYS A 1 105 ? -4.248  10.052  -2.398  1.00 11.50 ? 105 CYS A O   1 
ATOM   789  C  CB  . CYS A 1 105 ? -3.511  8.589   0.425   1.00 10.37 ? 105 CYS A CB  1 
ATOM   790  S  SG  . CYS A 1 105 ? -2.089  7.878   1.280   1.00 11.79 ? 105 CYS A SG  1 
ATOM   791  N  N   . HIS A 1 106 ? -5.364  10.797  -0.591  1.00 11.37 ? 106 HIS A N   1 
ATOM   792  C  CA  . HIS A 1 106 ? -6.545  11.179  -1.376  1.00 11.61 ? 106 HIS A CA  1 
ATOM   793  C  C   . HIS A 1 106 ? -6.924  12.646  -1.168  1.00 12.76 ? 106 HIS A C   1 
ATOM   794  O  O   . HIS A 1 106 ? -6.929  13.166  -0.049  1.00 13.27 ? 106 HIS A O   1 
ATOM   795  C  CB  . HIS A 1 106 ? -7.808  10.351  -0.973  1.00 9.42  ? 106 HIS A CB  1 
ATOM   796  C  CG  . HIS A 1 106 ? -7.736  8.889   -1.269  1.00 6.45  ? 106 HIS A CG  1 
ATOM   797  N  ND1 . HIS A 1 106 ? -7.452  8.377   -2.487  1.00 6.53  ? 106 HIS A ND1 1 
ATOM   798  C  CD2 . HIS A 1 106 ? -7.878  7.831   -0.451  1.00 5.61  ? 106 HIS A CD2 1 
ATOM   799  C  CE1 . HIS A 1 106 ? -7.372  7.068   -2.443  1.00 4.61  ? 106 HIS A CE1 1 
ATOM   800  N  NE2 . HIS A 1 106 ? -7.692  6.698   -1.209  1.00 5.75  ? 106 HIS A NE2 1 
ATOM   801  N  N   . GLU A 1 107 ? -7.268  13.314  -2.258  1.00 13.46 ? 107 GLU A N   1 
ATOM   802  C  CA  . GLU A 1 107 ? -7.693  14.689  -2.221  1.00 14.46 ? 107 GLU A CA  1 
ATOM   803  C  C   . GLU A 1 107 ? -9.028  14.734  -1.450  1.00 14.99 ? 107 GLU A C   1 
ATOM   804  O  O   . GLU A 1 107 ? -9.865  13.892  -1.844  1.00 15.69 ? 107 GLU A O   1 
ATOM   805  C  CB  . GLU A 1 107 ? -7.915  15.289  -3.584  1.00 15.86 ? 107 GLU A CB  1 
ATOM   806  C  CG  . GLU A 1 107 ? -7.482  16.743  -3.791  1.00 17.54 ? 107 GLU A CG  1 
ATOM   807  C  CD  . GLU A 1 107 ? -8.019  17.255  -5.127  1.00 18.02 ? 107 GLU A CD  1 
ATOM   808  O  OE1 . GLU A 1 107 ? -7.717  16.605  -6.092  1.00 19.24 ? 107 GLU A OE1 1 
ATOM   809  O  OE2 . GLU A 1 107 ? -8.706  18.264  -4.970  1.00 16.33 ? 107 GLU A OE2 1 
ATOM   810  O  OXT . GLU A 1 107 ? -9.173  15.546  -0.557  1.00 14.28 ? 107 GLU A OXT 1 
HETATM 811  C  CHA . HEM B 2 .   ? -8.131  3.553   -3.492  1.00 7.64  ? 108 HEM A CHA 1 
HETATM 812  C  CHB . HEM B 2 .   ? -11.208 4.941   0.019   1.00 8.34  ? 108 HEM A CHB 1 
HETATM 813  C  CHC . HEM B 2 .   ? -7.421  6.072   2.773   1.00 7.03  ? 108 HEM A CHC 1 
HETATM 814  C  CHD . HEM B 2 .   ? -4.411  4.230   -0.417  1.00 7.20  ? 108 HEM A CHD 1 
HETATM 815  C  C1A . HEM B 2 .   ? -9.298  3.889   -2.833  1.00 7.61  ? 108 HEM A C1A 1 
HETATM 816  C  C2A . HEM B 2 .   ? -10.644 3.802   -3.331  1.00 8.94  ? 108 HEM A C2A 1 
HETATM 817  C  C3A . HEM B 2 .   ? -11.472 4.048   -2.306  1.00 8.62  ? 108 HEM A C3A 1 
HETATM 818  C  C4A . HEM B 2 .   ? -10.661 4.450   -1.181  1.00 8.87  ? 108 HEM A C4A 1 
HETATM 819  C  CMA . HEM B 2 .   ? -13.002 4.171   -2.209  1.00 9.57  ? 108 HEM A CMA 1 
HETATM 820  C  CAA . HEM B 2 .   ? -11.012 3.237   -4.717  1.00 9.37  ? 108 HEM A CAA 1 
HETATM 821  C  CBA . HEM B 2 .   ? -11.334 1.737   -4.796  1.00 11.13 ? 108 HEM A CBA 1 
HETATM 822  C  CGA . HEM B 2 .   ? -12.235 1.338   -5.983  1.00 11.74 ? 108 HEM A CGA 1 
HETATM 823  O  O1A . HEM B 2 .   ? -13.135 2.120   -6.307  1.00 11.86 ? 108 HEM A O1A 1 
HETATM 824  O  O2A . HEM B 2 .   ? -12.135 0.145   -6.333  1.00 13.04 ? 108 HEM A O2A 1 
HETATM 825  C  C1B . HEM B 2 .   ? -10.440 5.309   1.096   1.00 8.52  ? 108 HEM A C1B 1 
HETATM 826  C  C2B . HEM B 2 .   ? -10.941 5.448   2.447   1.00 8.57  ? 108 HEM A C2B 1 
HETATM 827  C  C3B . HEM B 2 .   ? -9.872  5.509   3.250   1.00 9.70  ? 108 HEM A C3B 1 
HETATM 828  C  C4B . HEM B 2 .   ? -8.695  5.733   2.396   1.00 7.72  ? 108 HEM A C4B 1 
HETATM 829  C  CMB . HEM B 2 .   ? -12.421 5.203   2.816   1.00 8.72  ? 108 HEM A CMB 1 
HETATM 830  C  CAB . HEM B 2 .   ? -9.789  5.378   4.789   1.00 11.39 ? 108 HEM A CAB 1 
HETATM 831  C  CBB . HEM B 2 .   ? -10.565 4.508   5.485   1.00 11.86 ? 108 HEM A CBB 1 
HETATM 832  C  C1C . HEM B 2 .   ? -6.247  5.873   2.116   1.00 6.68  ? 108 HEM A C1C 1 
HETATM 833  C  C2C . HEM B 2 .   ? -4.925  6.263   2.484   1.00 6.67  ? 108 HEM A C2C 1 
HETATM 834  C  C3C . HEM B 2 .   ? -4.071  5.599   1.686   1.00 6.17  ? 108 HEM A C3C 1 
HETATM 835  C  C4C . HEM B 2 .   ? -4.877  5.063   0.602   1.00 6.90  ? 108 HEM A C4C 1 
HETATM 836  C  CMC . HEM B 2 .   ? -4.587  7.144   3.714   1.00 5.80  ? 108 HEM A CMC 1 
HETATM 837  C  CAC . HEM B 2 .   ? -2.532  5.479   1.737   1.00 6.39  ? 108 HEM A CAC 1 
HETATM 838  C  CBC . HEM B 2 .   ? -1.699  5.310   2.767   1.00 3.71  ? 108 HEM A CBC 1 
HETATM 839  C  C1D . HEM B 2 .   ? -5.179  3.853   -1.502  1.00 7.22  ? 108 HEM A C1D 1 
HETATM 840  C  C2D . HEM B 2 .   ? -4.649  3.110   -2.645  1.00 7.29  ? 108 HEM A C2D 1 
HETATM 841  C  C3D . HEM B 2 .   ? -5.652  3.007   -3.548  1.00 7.15  ? 108 HEM A C3D 1 
HETATM 842  C  C4D . HEM B 2 .   ? -6.838  3.561   -2.945  1.00 7.01  ? 108 HEM A C4D 1 
HETATM 843  C  CMD . HEM B 2 .   ? -3.129  2.872   -2.800  1.00 6.15  ? 108 HEM A CMD 1 
HETATM 844  C  CAD . HEM B 2 .   ? -5.586  2.441   -4.971  1.00 6.61  ? 108 HEM A CAD 1 
HETATM 845  C  CBD . HEM B 2 .   ? -5.082  3.296   -6.111  1.00 6.96  ? 108 HEM A CBD 1 
HETATM 846  C  CGD . HEM B 2 .   ? -5.383  2.863   -7.519  1.00 6.39  ? 108 HEM A CGD 1 
HETATM 847  O  O1D . HEM B 2 .   ? -4.767  1.897   -7.992  1.00 6.39  ? 108 HEM A O1D 1 
HETATM 848  O  O2D . HEM B 2 .   ? -6.233  3.489   -8.172  1.00 6.07  ? 108 HEM A O2D 1 
HETATM 849  N  NA  . HEM B 2 .   ? -9.327  4.329   -1.508  1.00 8.09  ? 108 HEM A NA  1 
HETATM 850  N  NB  . HEM B 2 .   ? -9.031  5.452   1.110   1.00 8.03  ? 108 HEM A NB  1 
HETATM 851  N  NC  . HEM B 2 .   ? -6.224  5.112   0.922   1.00 6.80  ? 108 HEM A NC  1 
HETATM 852  N  ND  . HEM B 2 .   ? -6.523  4.021   -1.666  1.00 7.09  ? 108 HEM A ND  1 
HETATM 853  FE FE  . HEM B 2 .   ? -7.792  4.760   -0.304  1.00 8.11  ? 108 HEM A FE  1 
HETATM 854  C  CHA . HEM C 2 .   ? -0.640  -11.297 0.877   1.00 15.72 ? 109 HEM A CHA 1 
HETATM 855  C  CHB . HEM C 2 .   ? 0.065   -6.651  -0.290  1.00 14.53 ? 109 HEM A CHB 1 
HETATM 856  C  CHC . HEM C 2 .   ? 2.464   -8.045  -4.241  1.00 16.12 ? 109 HEM A CHC 1 
HETATM 857  C  CHD . HEM C 2 .   ? 0.590   -12.477 -3.671  1.00 16.47 ? 109 HEM A CHD 1 
HETATM 858  C  C1A . HEM C 2 .   ? -0.614  -9.904  0.926   1.00 14.34 ? 109 HEM A C1A 1 
HETATM 859  C  C2A . HEM C 2 .   ? -1.060  -9.121  2.064   1.00 13.95 ? 109 HEM A C2A 1 
HETATM 860  C  C3A . HEM C 2 .   ? -0.863  -7.837  1.793   1.00 13.54 ? 109 HEM A C3A 1 
HETATM 861  C  C4A . HEM C 2 .   ? -0.260  -7.765  0.472   1.00 14.23 ? 109 HEM A C4A 1 
HETATM 862  C  CMA . HEM C 2 .   ? -1.278  -6.626  2.679   1.00 12.52 ? 109 HEM A CMA 1 
HETATM 863  C  CAA . HEM C 2 .   ? -1.772  -9.812  3.247   1.00 13.92 ? 109 HEM A CAA 1 
HETATM 864  C  CBA . HEM C 2 .   ? -3.283  -10.027 2.855   1.00 15.46 ? 109 HEM A CBA 1 
HETATM 865  C  CGA . HEM C 2 .   ? -4.063  -10.619 3.974   1.00 16.40 ? 109 HEM A CGA 1 
HETATM 866  O  O1A . HEM C 2 .   ? -3.385  -11.084 4.926   1.00 16.83 ? 109 HEM A O1A 1 
HETATM 867  O  O2A . HEM C 2 .   ? -5.299  -10.757 3.866   1.00 18.20 ? 109 HEM A O2A 1 
HETATM 868  C  C1B . HEM C 2 .   ? 0.772   -6.594  -1.460  1.00 15.14 ? 109 HEM A C1B 1 
HETATM 869  C  C2B . HEM C 2 .   ? 1.361   -5.404  -2.050  1.00 16.01 ? 109 HEM A C2B 1 
HETATM 870  C  C3B . HEM C 2 .   ? 2.127   -5.791  -3.083  1.00 16.15 ? 109 HEM A C3B 1 
HETATM 871  C  C4B . HEM C 2 .   ? 1.861   -7.212  -3.289  1.00 16.06 ? 109 HEM A C4B 1 
HETATM 872  C  CMB . HEM C 2 .   ? 1.176   -3.991  -1.458  1.00 15.29 ? 109 HEM A CMB 1 
HETATM 873  C  CAB . HEM C 2 .   ? 3.276   -5.056  -3.759  1.00 17.12 ? 109 HEM A CAB 1 
HETATM 874  C  CBB . HEM C 2 .   ? 3.800   -3.854  -3.648  1.00 16.98 ? 109 HEM A CBB 1 
HETATM 875  C  C1C . HEM C 2 .   ? 2.151   -9.388  -4.487  1.00 16.11 ? 109 HEM A C1C 1 
HETATM 876  C  C2C . HEM C 2 .   ? 2.169   -10.080 -5.762  1.00 16.12 ? 109 HEM A C2C 1 
HETATM 877  C  C3C . HEM C 2 .   ? 1.799   -11.345 -5.535  1.00 16.46 ? 109 HEM A C3C 1 
HETATM 878  C  C4C . HEM C 2 .   ? 1.288   -11.416 -4.192  1.00 16.21 ? 109 HEM A C4C 1 
HETATM 879  C  CMC . HEM C 2 .   ? 2.876   -9.516  -7.009  1.00 15.07 ? 109 HEM A CMC 1 
HETATM 880  C  CAC . HEM C 2 .   ? 1.841   -12.586 -6.444  1.00 17.45 ? 109 HEM A CAC 1 
HETATM 881  C  CBC . HEM C 2 .   ? 3.003   -13.064 -6.943  1.00 18.35 ? 109 HEM A CBC 1 
HETATM 882  C  C1D . HEM C 2 .   ? 0.152   -12.560 -2.373  1.00 16.35 ? 109 HEM A C1D 1 
HETATM 883  C  C2D . HEM C 2 .   ? -0.195  -13.766 -1.679  1.00 16.60 ? 109 HEM A C2D 1 
HETATM 884  C  C3D . HEM C 2 .   ? -0.503  -13.434 -0.441  1.00 17.12 ? 109 HEM A C3D 1 
HETATM 885  C  C4D . HEM C 2 .   ? -0.412  -12.006 -0.296  1.00 16.19 ? 109 HEM A C4D 1 
HETATM 886  C  CMD . HEM C 2 .   ? 0.035   -15.166 -2.287  1.00 17.36 ? 109 HEM A CMD 1 
HETATM 887  C  CAD . HEM C 2 .   ? -0.641  -14.357 0.824   1.00 17.65 ? 109 HEM A CAD 1 
HETATM 888  C  CBD . HEM C 2 .   ? 0.839   -14.450 1.381   1.00 18.40 ? 109 HEM A CBD 1 
HETATM 889  C  CGD . HEM C 2 .   ? 1.009   -15.519 2.394   1.00 18.99 ? 109 HEM A CGD 1 
HETATM 890  O  O1D . HEM C 2 .   ? 2.186   -15.762 2.786   1.00 19.16 ? 109 HEM A O1D 1 
HETATM 891  O  O2D . HEM C 2 .   ? -0.058  -16.119 2.695   1.00 19.96 ? 109 HEM A O2D 1 
HETATM 892  N  NA  . HEM C 2 .   ? -0.107  -9.071  -0.046  1.00 14.54 ? 109 HEM A NA  1 
HETATM 893  N  NB  . HEM C 2 .   ? 1.079   -7.695  -2.257  1.00 15.20 ? 109 HEM A NB  1 
HETATM 894  N  NC  . HEM C 2 .   ? 1.487   -10.186 -3.571  1.00 16.20 ? 109 HEM A NC  1 
HETATM 895  N  ND  . HEM C 2 .   ? 0.007   -11.469 -1.494  1.00 16.55 ? 109 HEM A ND  1 
HETATM 896  FE FE  . HEM C 2 .   ? 0.616   -9.589  -1.875  1.00 14.72 ? 109 HEM A FE  1 
HETATM 897  C  CHA . HEM D 2 .   ? 7.094   -0.516  -7.354  1.00 15.61 ? 110 HEM A CHA 1 
HETATM 898  C  CHB . HEM D 2 .   ? 11.583  -1.854  -6.198  1.00 15.51 ? 110 HEM A CHB 1 
HETATM 899  C  CHC . HEM D 2 .   ? 10.728  -0.718  -1.569  1.00 13.82 ? 110 HEM A CHC 1 
HETATM 900  C  CHD . HEM D 2 .   ? 6.016   -0.254  -2.621  1.00 12.89 ? 110 HEM A CHD 1 
HETATM 901  C  C1A . HEM D 2 .   ? 8.370   -1.058  -7.471  1.00 16.93 ? 110 HEM A C1A 1 
HETATM 902  C  C2A . HEM D 2 .   ? 9.030   -1.538  -8.647  1.00 17.82 ? 110 HEM A C2A 1 
HETATM 903  C  C3A . HEM D 2 .   ? 10.266  -1.875  -8.338  1.00 17.04 ? 110 HEM A C3A 1 
HETATM 904  C  C4A . HEM D 2 .   ? 10.441  -1.610  -6.934  1.00 16.73 ? 110 HEM A C4A 1 
HETATM 905  C  CMA . HEM D 2 .   ? 11.361  -2.536  -9.230  1.00 17.75 ? 110 HEM A CMA 1 
HETATM 906  C  CAA . HEM D 2 .   ? 8.350   -1.515  -10.064 1.00 19.70 ? 110 HEM A CAA 1 
HETATM 907  C  CBA . HEM D 2 .   ? 7.635   -2.838  -10.341 1.00 22.03 ? 110 HEM A CBA 1 
HETATM 908  C  CGA . HEM D 2 .   ? 6.833   -2.917  -11.602 1.00 23.43 ? 110 HEM A CGA 1 
HETATM 909  O  O1A . HEM D 2 .   ? 6.030   -1.974  -11.819 1.00 24.66 ? 110 HEM A O1A 1 
HETATM 910  O  O2A . HEM D 2 .   ? 7.303   -3.743  -12.469 1.00 24.80 ? 110 HEM A O2A 1 
HETATM 911  C  C1B . HEM D 2 .   ? 11.719  -1.668  -4.867  1.00 14.24 ? 110 HEM A C1B 1 
HETATM 912  C  C2B . HEM D 2 .   ? 12.862  -2.051  -4.089  1.00 14.15 ? 110 HEM A C2B 1 
HETATM 913  C  C3B . HEM D 2 .   ? 12.765  -1.418  -2.910  1.00 14.53 ? 110 HEM A C3B 1 
HETATM 914  C  C4B . HEM D 2 .   ? 11.357  -1.135  -2.740  1.00 14.65 ? 110 HEM A C4B 1 
HETATM 915  C  CMB . HEM D 2 .   ? 14.140  -2.648  -4.749  1.00 13.49 ? 110 HEM A CMB 1 
HETATM 916  C  CAB . HEM D 2 .   ? 13.905  -0.733  -2.075  1.00 16.12 ? 110 HEM A CAB 1 
HETATM 917  C  CBB . HEM D 2 .   ? 15.068  -0.450  -2.672  1.00 16.99 ? 110 HEM A CBB 1 
HETATM 918  C  C1C . HEM D 2 .   ? 9.382   -0.403  -1.483  1.00 13.63 ? 110 HEM A C1C 1 
HETATM 919  C  C2C . HEM D 2 .   ? 8.660   -0.158  -0.245  1.00 13.72 ? 110 HEM A C2C 1 
HETATM 920  C  C3C . HEM D 2 .   ? 7.354   -0.043  -0.528  1.00 13.39 ? 110 HEM A C3C 1 
HETATM 921  C  C4C . HEM D 2 .   ? 7.223   -0.147  -1.975  1.00 12.97 ? 110 HEM A C4C 1 
HETATM 922  C  CMC . HEM D 2 .   ? 9.320   -0.090  1.138   1.00 12.40 ? 110 HEM A CMC 1 
HETATM 923  C  CAC . HEM D 2 .   ? 6.246   0.668   0.357   1.00 14.86 ? 110 HEM A CAC 1 
HETATM 924  C  CBC . HEM D 2 .   ? 6.384   1.126   1.586   1.00 13.06 ? 110 HEM A CBC 1 
HETATM 925  C  C1D . HEM D 2 .   ? 5.916   -0.239  -4.004  1.00 14.04 ? 110 HEM A C1D 1 
HETATM 926  C  C2D . HEM D 2 .   ? 4.707   0.015   -4.728  1.00 13.79 ? 110 HEM A C2D 1 
HETATM 927  C  C3D . HEM D 2 .   ? 5.006   0.007   -6.040  1.00 14.52 ? 110 HEM A C3D 1 
HETATM 928  C  C4D . HEM D 2 .   ? 6.433   -0.093  -6.176  1.00 14.67 ? 110 HEM A C4D 1 
HETATM 929  C  CMD . HEM D 2 .   ? 3.345   0.015   -4.007  1.00 13.13 ? 110 HEM A CMD 1 
HETATM 930  C  CAD . HEM D 2 .   ? 4.039   0.047   -7.256  1.00 14.74 ? 110 HEM A CAD 1 
HETATM 931  C  CBD . HEM D 2 .   ? 3.411   -1.366  -7.538  1.00 16.21 ? 110 HEM A CBD 1 
HETATM 932  C  CGD . HEM D 2 .   ? 2.344   -1.352  -8.566  1.00 16.55 ? 110 HEM A CGD 1 
HETATM 933  O  O1D . HEM D 2 .   ? 2.427   -0.342  -9.318  1.00 18.52 ? 110 HEM A O1D 1 
HETATM 934  O  O2D . HEM D 2 .   ? 1.326   -2.091  -8.489  1.00 17.37 ? 110 HEM A O2D 1 
HETATM 935  N  NA  . HEM D 2 .   ? 9.336   -0.958  -6.439  1.00 16.48 ? 110 HEM A NA  1 
HETATM 936  N  NB  . HEM D 2 .   ? 10.771  -1.089  -4.004  1.00 14.74 ? 110 HEM A NB  1 
HETATM 937  N  NC  . HEM D 2 .   ? 8.464   -0.421  -2.519  1.00 13.88 ? 110 HEM A NC  1 
HETATM 938  N  ND  . HEM D 2 .   ? 6.974   -0.323  -4.919  1.00 14.60 ? 110 HEM A ND  1 
HETATM 939  FE FE  . HEM D 2 .   ? 8.849   -0.801  -4.468  1.00 15.68 ? 110 HEM A FE  1 
HETATM 940  C  CHA . HEM E 2 .   ? 4.625   8.323   4.160   1.00 9.78  ? 111 HEM A CHA 1 
HETATM 941  C  CHB . HEM E 2 .   ? 1.661   6.498   0.755   1.00 7.77  ? 111 HEM A CHB 1 
HETATM 942  C  CHC . HEM E 2 .   ? 2.762   2.118   2.414   1.00 8.10  ? 111 HEM A CHC 1 
HETATM 943  C  CHD . HEM E 2 .   ? 5.379   3.909   5.964   1.00 8.79  ? 111 HEM A CHD 1 
HETATM 944  C  C1A . HEM E 2 .   ? 3.906   8.202   2.970   1.00 8.64  ? 111 HEM A C1A 1 
HETATM 945  C  C2A . HEM E 2 .   ? 3.314   9.277   2.236   1.00 9.16  ? 111 HEM A C2A 1 
HETATM 946  C  C3A . HEM E 2 .   ? 2.402   8.776   1.422   1.00 8.67  ? 111 HEM A C3A 1 
HETATM 947  C  C4A . HEM E 2 .   ? 2.619   7.315   1.361   1.00 8.61  ? 111 HEM A C4A 1 
HETATM 948  C  CMA . HEM E 2 .   ? 1.517   9.445   0.335   1.00 9.87  ? 111 HEM A CMA 1 
HETATM 949  C  CAA . HEM E 2 .   ? 3.672   10.765  2.530   1.00 11.01 ? 111 HEM A CAA 1 
HETATM 950  C  CBA . HEM E 2 .   ? 4.972   11.264  1.845   1.00 11.66 ? 111 HEM A CBA 1 
HETATM 951  C  CGA . HEM E 2 .   ? 4.927   11.265  0.354   1.00 12.33 ? 111 HEM A CGA 1 
HETATM 952  O  O1A . HEM E 2 .   ? 3.963   11.812  -0.220  1.00 14.18 ? 111 HEM A O1A 1 
HETATM 953  O  O2A . HEM E 2 .   ? 5.487   10.325  -0.286  1.00 13.52 ? 111 HEM A O2A 1 
HETATM 954  C  C1B . HEM E 2 .   ? 1.739   5.117   0.885   1.00 7.66  ? 111 HEM A C1B 1 
HETATM 955  C  C2B . HEM E 2 .   ? 0.932   4.139   0.193   1.00 7.87  ? 111 HEM A C2B 1 
HETATM 956  C  C3B . HEM E 2 .   ? 1.428   2.923   0.491   1.00 7.99  ? 111 HEM A C3B 1 
HETATM 957  C  C4B . HEM E 2 .   ? 2.224   3.116   1.686   1.00 7.68  ? 111 HEM A C4B 1 
HETATM 958  C  CMB . HEM E 2 .   ? 0.149   4.378   -1.151  1.00 8.97  ? 111 HEM A CMB 1 
HETATM 959  C  CAB . HEM E 2 .   ? 1.677   1.693   -0.455  1.00 10.81 ? 111 HEM A CAB 1 
HETATM 960  C  CBB . HEM E 2 .   ? 1.041   1.357   -1.581  1.00 10.12 ? 111 HEM A CBB 1 
HETATM 961  C  C1C . HEM E 2 .   ? 3.225   2.228   3.702   1.00 8.47  ? 111 HEM A C1C 1 
HETATM 962  C  C2C . HEM E 2 .   ? 3.700   1.116   4.468   1.00 9.17  ? 111 HEM A C2C 1 
HETATM 963  C  C3C . HEM E 2 .   ? 4.541   1.569   5.380   1.00 9.72  ? 111 HEM A C3C 1 
HETATM 964  C  C4C . HEM E 2 .   ? 4.580   3.011   5.261   1.00 9.27  ? 111 HEM A C4C 1 
HETATM 965  C  CMC . HEM E 2 .   ? 3.262   -0.346  4.125   1.00 8.95  ? 111 HEM A CMC 1 
HETATM 966  C  CAC . HEM E 2 .   ? 5.615   0.750   6.132   1.00 12.88 ? 111 HEM A CAC 1 
HETATM 967  C  CBC . HEM E 2 .   ? 5.401   -0.588  6.425   1.00 14.97 ? 111 HEM A CBC 1 
HETATM 968  C  C1D . HEM E 2 .   ? 5.462   5.284   5.788   1.00 9.51  ? 111 HEM A C1D 1 
HETATM 969  C  C2D . HEM E 2 .   ? 6.240   6.234   6.547   1.00 9.71  ? 111 HEM A C2D 1 
HETATM 970  C  C3D . HEM E 2 .   ? 6.166   7.418   5.941   1.00 10.97 ? 111 HEM A C3D 1 
HETATM 971  C  C4D . HEM E 2 .   ? 5.289   7.275   4.810   1.00 10.41 ? 111 HEM A C4D 1 
HETATM 972  C  CMD . HEM E 2 .   ? 7.147   5.887   7.756   1.00 9.24  ? 111 HEM A CMD 1 
HETATM 973  C  CAD . HEM E 2 .   ? 6.719   8.812   6.393   1.00 13.07 ? 111 HEM A CAD 1 
HETATM 974  C  CBD . HEM E 2 .   ? 5.794   9.584   7.393   1.00 16.56 ? 111 HEM A CBD 1 
HETATM 975  C  CGD . HEM E 2 .   ? 6.262   10.996  7.729   1.00 18.93 ? 111 HEM A CGD 1 
HETATM 976  O  O1D . HEM E 2 .   ? 7.215   11.451  6.997   1.00 21.03 ? 111 HEM A O1D 1 
HETATM 977  O  O2D . HEM E 2 .   ? 5.325   11.884  7.842   1.00 20.95 ? 111 HEM A O2D 1 
HETATM 978  N  NA  . HEM E 2 .   ? 3.297   7.031   2.568   1.00 8.75  ? 111 HEM A NA  1 
HETATM 979  N  NB  . HEM E 2 .   ? 2.349   4.480   1.971   1.00 8.15  ? 111 HEM A NB  1 
HETATM 980  N  NC  . HEM E 2 .   ? 3.812   3.378   4.185   1.00 8.93  ? 111 HEM A NC  1 
HETATM 981  N  ND  . HEM E 2 .   ? 4.728   5.968   4.824   1.00 9.58  ? 111 HEM A ND  1 
HETATM 982  FE FE  . HEM E 2 .   ? 3.595   5.224   3.345   1.00 8.27  ? 111 HEM A FE  1 
HETATM 983  O  O   . HOH F 3 .   ? 4.602   -5.796  5.800   1.00 12.52 ? 112 HOH A O   1 
HETATM 984  O  O   . HOH F 3 .   ? 5.510   -6.508  -5.525  1.00 20.31 ? 113 HOH A O   1 
HETATM 985  O  O   . HOH F 3 .   ? 12.612  3.027   -0.709  1.00 17.53 ? 114 HOH A O   1 
HETATM 986  O  O   . HOH F 3 .   ? -3.705  -5.293  3.587   1.00 82.46 ? 115 HOH A O   1 
HETATM 987  O  O   . HOH F 3 .   ? 1.782   -2.953  1.439   1.00 48.28 ? 116 HOH A O   1 
HETATM 988  O  O   . HOH F 3 .   ? 3.968   7.912   -1.496  1.00 10.28 ? 117 HOH A O   1 
HETATM 989  O  O   . HOH F 3 .   ? -10.984 -4.628  -4.461  1.00 24.05 ? 118 HOH A O   1 
HETATM 990  O  O   . HOH F 3 .   ? -10.889 -5.696  -1.560  1.00 26.20 ? 119 HOH A O   1 
HETATM 991  O  O   . HOH F 3 .   ? -11.269 -2.140  -5.593  1.00 32.62 ? 120 HOH A O   1 
HETATM 992  O  O   . HOH F 3 .   ? 12.985  0.719   1.110   1.00 18.54 ? 121 HOH A O   1 
HETATM 993  O  O   . HOH F 3 .   ? -12.664 -4.713  1.786   1.00 21.30 ? 122 HOH A O   1 
HETATM 994  O  O   . HOH F 3 .   ? -2.114  -3.766  7.960   1.00 13.87 ? 123 HOH A O   1 
HETATM 995  O  O   . HOH F 3 .   ? -7.160  9.689   -4.834  1.00 14.83 ? 124 HOH A O   1 
HETATM 996  O  O   . HOH F 3 .   ? -0.988  -0.384  -8.639  1.00 52.20 ? 125 HOH A O   1 
HETATM 997  O  O   . HOH F 3 .   ? -7.009  -12.291 5.298   1.00 58.60 ? 126 HOH A O   1 
HETATM 998  O  O   . HOH F 3 .   ? -15.220 -12.032 1.249   1.00 34.86 ? 127 HOH A O   1 
HETATM 999  O  O   . HOH F 3 .   ? -10.754 -12.205 -1.941  1.00 25.97 ? 128 HOH A O   1 
HETATM 1000 O  O   . HOH F 3 .   ? -12.069 0.707   4.724   1.00 28.62 ? 129 HOH A O   1 
HETATM 1001 O  O   . HOH F 3 .   ? 18.729  -4.230  -4.706  1.00 26.36 ? 130 HOH A O   1 
HETATM 1002 O  O   . HOH F 3 .   ? 13.441  -6.180  -9.285  1.00 35.47 ? 131 HOH A O   1 
HETATM 1003 O  O   . HOH F 3 .   ? -1.972  1.309   -12.237 1.00 24.84 ? 132 HOH A O   1 
HETATM 1004 O  O   . HOH F 3 .   ? -14.672 5.971   -5.218  1.00 46.66 ? 133 HOH A O   1 
HETATM 1005 O  O   . HOH F 3 .   ? -8.146  12.466  -6.544  1.00 53.86 ? 134 HOH A O   1 
HETATM 1006 O  O   . HOH F 3 .   ? 6.688   12.953  -6.132  1.00 27.03 ? 135 HOH A O   1 
HETATM 1007 O  O   . HOH F 3 .   ? 13.659  9.503   4.233   1.00 41.32 ? 136 HOH A O   1 
HETATM 1008 O  O   . HOH F 3 .   ? -11.093 -15.099 -3.609  1.00 28.37 ? 137 HOH A O   1 
HETATM 1009 O  O   . HOH F 3 .   ? -3.271  -15.228 -3.769  1.00 37.49 ? 138 HOH A O   1 
HETATM 1010 O  O   . HOH F 3 .   ? -3.441  6.388   14.101  1.00 23.90 ? 139 HOH A O   1 
HETATM 1011 O  O   . HOH F 3 .   ? -5.579  6.927   12.272  1.00 21.08 ? 140 HOH A O   1 
HETATM 1012 O  O   . HOH F 3 .   ? 9.230   2.608   10.448  1.00 47.05 ? 141 HOH A O   1 
HETATM 1013 O  O   . HOH F 3 .   ? 7.367   1.383   8.975   1.00 60.01 ? 142 HOH A O   1 
HETATM 1014 O  O   . HOH F 3 .   ? 6.166   -1.119  4.095   1.00 82.76 ? 143 HOH A O   1 
HETATM 1015 O  O   . HOH F 3 .   ? 6.140   7.777   -0.776  1.00 64.72 ? 144 HOH A O   1 
HETATM 1016 O  O   . HOH F 3 .   ? 15.558  -0.570  0.208   1.00 14.41 ? 145 HOH A O   1 
HETATM 1017 O  O   . HOH F 3 .   ? 11.847  -0.974  -12.928 1.00 44.56 ? 146 HOH A O   1 
HETATM 1018 O  O   . HOH F 3 .   ? -1.128  -2.914  -9.777  1.00 33.30 ? 147 HOH A O   1 
HETATM 1019 O  O   . HOH F 3 .   ? -2.171  5.983   -0.781  1.00 94.56 ? 148 HOH A O   1 
HETATM 1020 O  O   . HOH F 3 .   ? -8.360  7.439   5.036   1.00 68.90 ? 149 HOH A O   1 
HETATM 1021 O  O   . HOH F 3 .   ? 1.396   -0.372  1.380   1.00 91.73 ? 150 HOH A O   1 
HETATM 1022 O  O   . HOH F 3 .   ? -16.885 -11.055 -3.700  1.00 31.28 ? 151 HOH A O   1 
HETATM 1023 O  O   . HOH F 3 .   ? -9.166  -15.113 -8.011  1.00 79.02 ? 152 HOH A O   1 
HETATM 1024 O  O   . HOH F 3 .   ? -6.806  -4.706  -12.499 1.00 48.32 ? 153 HOH A O   1 
HETATM 1025 O  O   . HOH F 3 .   ? 7.462   -1.375  10.583  1.00 47.84 ? 154 HOH A O   1 
HETATM 1026 O  O   . HOH F 3 .   ? 5.544   0.798   12.920  1.00 46.35 ? 155 HOH A O   1 
HETATM 1027 O  O   . HOH F 3 .   ? 6.389   9.045   11.775  1.00 59.09 ? 156 HOH A O   1 
HETATM 1028 O  O   . HOH F 3 .   ? 4.169   14.049  14.241  1.00 77.74 ? 157 HOH A O   1 
HETATM 1029 O  O   . HOH F 3 .   ? -2.901  16.840  2.958   1.00 46.11 ? 158 HOH A O   1 
HETATM 1030 O  O   . HOH F 3 .   ? 1.740   15.189  8.591   1.00 40.38 ? 159 HOH A O   1 
HETATM 1031 O  O   . HOH F 3 .   ? -9.509  15.273  7.171   1.00 42.88 ? 160 HOH A O   1 
# 
